data_1IPB
# 
_entry.id   1IPB 
# 
_audit_conform.dict_name       mmcif_pdbx.dic 
_audit_conform.dict_version    5.383 
_audit_conform.dict_location   http://mmcif.pdb.org/dictionaries/ascii/mmcif_pdbx.dic 
# 
loop_
_database_2.database_id 
_database_2.database_code 
_database_2.pdbx_database_accession 
_database_2.pdbx_DOI 
PDB   1IPB         pdb_00001ipb 10.2210/pdb1ipb/pdb 
RCSB  RCSB005145   ?            ?                   
WWPDB D_1000005145 ?            ?                   
# 
loop_
_pdbx_audit_revision_history.ordinal 
_pdbx_audit_revision_history.data_content_type 
_pdbx_audit_revision_history.major_revision 
_pdbx_audit_revision_history.minor_revision 
_pdbx_audit_revision_history.revision_date 
1 'Structure model' 1 0 2002-05-08 
2 'Structure model' 1 1 2008-04-27 
3 'Structure model' 1 2 2011-07-13 
4 'Structure model' 1 3 2017-10-04 
5 'Structure model' 1 4 2023-12-27 
# 
_pdbx_audit_revision_details.ordinal             1 
_pdbx_audit_revision_details.revision_ordinal    1 
_pdbx_audit_revision_details.data_content_type   'Structure model' 
_pdbx_audit_revision_details.provider            repository 
_pdbx_audit_revision_details.type                'Initial release' 
_pdbx_audit_revision_details.description         ? 
_pdbx_audit_revision_details.details             ? 
# 
loop_
_pdbx_audit_revision_group.ordinal 
_pdbx_audit_revision_group.revision_ordinal 
_pdbx_audit_revision_group.data_content_type 
_pdbx_audit_revision_group.group 
1 2 'Structure model' 'Version format compliance' 
2 3 'Structure model' 'Version format compliance' 
3 4 'Structure model' 'Refinement description'    
4 5 'Structure model' 'Data collection'           
5 5 'Structure model' 'Database references'       
6 5 'Structure model' 'Derived calculations'      
# 
loop_
_pdbx_audit_revision_category.ordinal 
_pdbx_audit_revision_category.revision_ordinal 
_pdbx_audit_revision_category.data_content_type 
_pdbx_audit_revision_category.category 
1 4 'Structure model' software       
2 5 'Structure model' chem_comp_atom 
3 5 'Structure model' chem_comp_bond 
4 5 'Structure model' database_2     
5 5 'Structure model' struct_site    
# 
loop_
_pdbx_audit_revision_item.ordinal 
_pdbx_audit_revision_item.revision_ordinal 
_pdbx_audit_revision_item.data_content_type 
_pdbx_audit_revision_item.item 
1 5 'Structure model' '_database_2.pdbx_DOI'                
2 5 'Structure model' '_database_2.pdbx_database_accession' 
3 5 'Structure model' '_struct_site.pdbx_auth_asym_id'      
4 5 'Structure model' '_struct_site.pdbx_auth_comp_id'      
5 5 'Structure model' '_struct_site.pdbx_auth_seq_id'       
# 
_pdbx_database_status.status_code                     REL 
_pdbx_database_status.entry_id                        1IPB 
_pdbx_database_status.recvd_initial_deposition_date   2001-05-08 
_pdbx_database_status.deposit_site                    PDBJ 
_pdbx_database_status.process_site                    PDBJ 
_pdbx_database_status.status_code_sf                  REL 
_pdbx_database_status.SG_entry                        . 
_pdbx_database_status.pdb_format_compatible           Y 
_pdbx_database_status.status_code_mr                  ? 
_pdbx_database_status.status_code_cs                  ? 
_pdbx_database_status.methods_development_category    ? 
_pdbx_database_status.status_code_nmr_data            ? 
# 
_pdbx_database_related.db_name        PDB 
_pdbx_database_related.db_id          1IPC 
_pdbx_database_related.details        '1IPC contains the same protein complexed with 7-methyl GTP' 
_pdbx_database_related.content_type   unspecified 
# 
loop_
_audit_author.name 
_audit_author.pdbx_ordinal 
'Tomoo, K.'     1  
'Shen, X.'      2  
'Okabe, K.'     3  
'Nozoe, Y.'     4  
'Fukuhara, S.'  5  
'Morino, S.'    6  
'Ishida, T.'    7  
'Taniguchi, T.' 8  
'Hasegawa, H.'  9  
'Terashima, A.' 10 
'Sasaki, M.'    11 
'Katsuya, Y.'   12 
'Kitamura, K.'  13 
'Miyoshi, H.'   14 
'Ishikawa, M.'  15 
'Miura, K.'     16 
# 
_citation.id                        primary 
_citation.title                     
;Crystal structures of 7-methylguanosine 5'-triphosphate (m(7)GTP)- and
P(1)-7-methylguanosine-P(3)-adenosine-5',5'-triphosphate (m(7)GpppA)-bound human full-length eukaryotic
initiation factor 4E: biological importance of the C-terminal flexible region
;
_citation.journal_abbrev            BIOCHEM.J. 
_citation.journal_volume            362 
_citation.page_first                539 
_citation.page_last                 544 
_citation.year                      2002 
_citation.journal_id_ASTM           BIJOAK 
_citation.country                   UK 
_citation.journal_id_ISSN           0264-6021 
_citation.journal_id_CSD            0043 
_citation.book_publisher            ? 
_citation.pdbx_database_id_PubMed   11879179 
_citation.pdbx_database_id_DOI      10.1042/0264-6021:3620539 
# 
loop_
_citation_author.citation_id 
_citation_author.name 
_citation_author.ordinal 
_citation_author.identifier_ORCID 
primary 'Tomoo, K.'     1  ? 
primary 'Shen, X.'      2  ? 
primary 'Okabe, K.'     3  ? 
primary 'Nozoe, Y.'     4  ? 
primary 'Fukuhara, S.'  5  ? 
primary 'Morino, S.'    6  ? 
primary 'Ishida, T.'    7  ? 
primary 'Taniguchi, T.' 8  ? 
primary 'Hasegawa, H.'  9  ? 
primary 'Terashima, A.' 10 ? 
primary 'Sasaki, M.'    11 ? 
primary 'Katsuya, Y.'   12 ? 
primary 'Kitamura, K.'  13 ? 
primary 'Miyoshi, H.'   14 ? 
primary 'Ishikawa, M.'  15 ? 
primary 'Miura, K.'     16 ? 
# 
loop_
_entity.id 
_entity.type 
_entity.src_method 
_entity.pdbx_description 
_entity.formula_weight 
_entity.pdbx_number_of_molecules 
_entity.pdbx_ec 
_entity.pdbx_mutation 
_entity.pdbx_fragment 
_entity.details 
1 polymer     man 'EUKARYOTIC TRANSLATION INITIATION FACTOR 4E'          25130.242 1   ? ? ? ? 
2 non-polymer syn "P1-7-METHYLGUANOSINE-P3-ADENOSINE-5',5'-TRIPHOSPHATE" 787.441   1   ? ? ? ? 
3 water       nat water                                                  18.015    138 ? ? ? ? 
# 
_entity_poly.entity_id                      1 
_entity_poly.type                           'polypeptide(L)' 
_entity_poly.nstd_linkage                   no 
_entity_poly.nstd_monomer                   no 
_entity_poly.pdbx_seq_one_letter_code       
;MATVEPETTPTPNPPTTEEEKTESNQEVANPEHYIKHPLQNRWALWFFKNDKSKTWQANLRLISKFDTVEDFWALYNHIQ
LSSNLMPGCDYSLFKDGIEPMWEDEKNKRGGRWLITLNKQQRRSDLDRFWLETLLCLIGESFDDYSDDVCGAVVNVRAKG
DKIAIWTTECENREAVTHIGRVYKERLGLPPKIVIGYQSHADTATKSGSTTKNRFVV
;
_entity_poly.pdbx_seq_one_letter_code_can   
;MATVEPETTPTPNPPTTEEEKTESNQEVANPEHYIKHPLQNRWALWFFKNDKSKTWQANLRLISKFDTVEDFWALYNHIQ
LSSNLMPGCDYSLFKDGIEPMWEDEKNKRGGRWLITLNKQQRRSDLDRFWLETLLCLIGESFDDYSDDVCGAVVNVRAKG
DKIAIWTTECENREAVTHIGRVYKERLGLPPKIVIGYQSHADTATKSGSTTKNRFVV
;
_entity_poly.pdbx_strand_id                 A 
_entity_poly.pdbx_target_identifier         ? 
# 
loop_
_pdbx_entity_nonpoly.entity_id 
_pdbx_entity_nonpoly.name 
_pdbx_entity_nonpoly.comp_id 
2 "P1-7-METHYLGUANOSINE-P3-ADENOSINE-5',5'-TRIPHOSPHATE" GTA 
3 water                                                  HOH 
# 
loop_
_entity_poly_seq.entity_id 
_entity_poly_seq.num 
_entity_poly_seq.mon_id 
_entity_poly_seq.hetero 
1 1   MET n 
1 2   ALA n 
1 3   THR n 
1 4   VAL n 
1 5   GLU n 
1 6   PRO n 
1 7   GLU n 
1 8   THR n 
1 9   THR n 
1 10  PRO n 
1 11  THR n 
1 12  PRO n 
1 13  ASN n 
1 14  PRO n 
1 15  PRO n 
1 16  THR n 
1 17  THR n 
1 18  GLU n 
1 19  GLU n 
1 20  GLU n 
1 21  LYS n 
1 22  THR n 
1 23  GLU n 
1 24  SER n 
1 25  ASN n 
1 26  GLN n 
1 27  GLU n 
1 28  VAL n 
1 29  ALA n 
1 30  ASN n 
1 31  PRO n 
1 32  GLU n 
1 33  HIS n 
1 34  TYR n 
1 35  ILE n 
1 36  LYS n 
1 37  HIS n 
1 38  PRO n 
1 39  LEU n 
1 40  GLN n 
1 41  ASN n 
1 42  ARG n 
1 43  TRP n 
1 44  ALA n 
1 45  LEU n 
1 46  TRP n 
1 47  PHE n 
1 48  PHE n 
1 49  LYS n 
1 50  ASN n 
1 51  ASP n 
1 52  LYS n 
1 53  SER n 
1 54  LYS n 
1 55  THR n 
1 56  TRP n 
1 57  GLN n 
1 58  ALA n 
1 59  ASN n 
1 60  LEU n 
1 61  ARG n 
1 62  LEU n 
1 63  ILE n 
1 64  SER n 
1 65  LYS n 
1 66  PHE n 
1 67  ASP n 
1 68  THR n 
1 69  VAL n 
1 70  GLU n 
1 71  ASP n 
1 72  PHE n 
1 73  TRP n 
1 74  ALA n 
1 75  LEU n 
1 76  TYR n 
1 77  ASN n 
1 78  HIS n 
1 79  ILE n 
1 80  GLN n 
1 81  LEU n 
1 82  SER n 
1 83  SER n 
1 84  ASN n 
1 85  LEU n 
1 86  MET n 
1 87  PRO n 
1 88  GLY n 
1 89  CYS n 
1 90  ASP n 
1 91  TYR n 
1 92  SER n 
1 93  LEU n 
1 94  PHE n 
1 95  LYS n 
1 96  ASP n 
1 97  GLY n 
1 98  ILE n 
1 99  GLU n 
1 100 PRO n 
1 101 MET n 
1 102 TRP n 
1 103 GLU n 
1 104 ASP n 
1 105 GLU n 
1 106 LYS n 
1 107 ASN n 
1 108 LYS n 
1 109 ARG n 
1 110 GLY n 
1 111 GLY n 
1 112 ARG n 
1 113 TRP n 
1 114 LEU n 
1 115 ILE n 
1 116 THR n 
1 117 LEU n 
1 118 ASN n 
1 119 LYS n 
1 120 GLN n 
1 121 GLN n 
1 122 ARG n 
1 123 ARG n 
1 124 SER n 
1 125 ASP n 
1 126 LEU n 
1 127 ASP n 
1 128 ARG n 
1 129 PHE n 
1 130 TRP n 
1 131 LEU n 
1 132 GLU n 
1 133 THR n 
1 134 LEU n 
1 135 LEU n 
1 136 CYS n 
1 137 LEU n 
1 138 ILE n 
1 139 GLY n 
1 140 GLU n 
1 141 SER n 
1 142 PHE n 
1 143 ASP n 
1 144 ASP n 
1 145 TYR n 
1 146 SER n 
1 147 ASP n 
1 148 ASP n 
1 149 VAL n 
1 150 CYS n 
1 151 GLY n 
1 152 ALA n 
1 153 VAL n 
1 154 VAL n 
1 155 ASN n 
1 156 VAL n 
1 157 ARG n 
1 158 ALA n 
1 159 LYS n 
1 160 GLY n 
1 161 ASP n 
1 162 LYS n 
1 163 ILE n 
1 164 ALA n 
1 165 ILE n 
1 166 TRP n 
1 167 THR n 
1 168 THR n 
1 169 GLU n 
1 170 CYS n 
1 171 GLU n 
1 172 ASN n 
1 173 ARG n 
1 174 GLU n 
1 175 ALA n 
1 176 VAL n 
1 177 THR n 
1 178 HIS n 
1 179 ILE n 
1 180 GLY n 
1 181 ARG n 
1 182 VAL n 
1 183 TYR n 
1 184 LYS n 
1 185 GLU n 
1 186 ARG n 
1 187 LEU n 
1 188 GLY n 
1 189 LEU n 
1 190 PRO n 
1 191 PRO n 
1 192 LYS n 
1 193 ILE n 
1 194 VAL n 
1 195 ILE n 
1 196 GLY n 
1 197 TYR n 
1 198 GLN n 
1 199 SER n 
1 200 HIS n 
1 201 ALA n 
1 202 ASP n 
1 203 THR n 
1 204 ALA n 
1 205 THR n 
1 206 LYS n 
1 207 SER n 
1 208 GLY n 
1 209 SER n 
1 210 THR n 
1 211 THR n 
1 212 LYS n 
1 213 ASN n 
1 214 ARG n 
1 215 PHE n 
1 216 VAL n 
1 217 VAL n 
# 
_entity_src_gen.entity_id                          1 
_entity_src_gen.pdbx_src_id                        1 
_entity_src_gen.pdbx_alt_source_flag               sample 
_entity_src_gen.pdbx_seq_type                      ? 
_entity_src_gen.pdbx_beg_seq_num                   ? 
_entity_src_gen.pdbx_end_seq_num                   ? 
_entity_src_gen.gene_src_common_name               human 
_entity_src_gen.gene_src_genus                     Homo 
_entity_src_gen.pdbx_gene_src_gene                 ? 
_entity_src_gen.gene_src_species                   ? 
_entity_src_gen.gene_src_strain                    ? 
_entity_src_gen.gene_src_tissue                    ? 
_entity_src_gen.gene_src_tissue_fraction           ? 
_entity_src_gen.gene_src_details                   ? 
_entity_src_gen.pdbx_gene_src_fragment             ? 
_entity_src_gen.pdbx_gene_src_scientific_name      'Homo sapiens' 
_entity_src_gen.pdbx_gene_src_ncbi_taxonomy_id     9606 
_entity_src_gen.pdbx_gene_src_variant              ? 
_entity_src_gen.pdbx_gene_src_cell_line            ? 
_entity_src_gen.pdbx_gene_src_atcc                 ? 
_entity_src_gen.pdbx_gene_src_organ                ? 
_entity_src_gen.pdbx_gene_src_organelle            ? 
_entity_src_gen.pdbx_gene_src_cell                 ? 
_entity_src_gen.pdbx_gene_src_cellular_location    ? 
_entity_src_gen.host_org_common_name               ? 
_entity_src_gen.pdbx_host_org_scientific_name      'Escherichia coli' 
_entity_src_gen.pdbx_host_org_ncbi_taxonomy_id     562 
_entity_src_gen.host_org_genus                     Escherichia 
_entity_src_gen.pdbx_host_org_gene                 ? 
_entity_src_gen.pdbx_host_org_organ                ? 
_entity_src_gen.host_org_species                   ? 
_entity_src_gen.pdbx_host_org_tissue               ? 
_entity_src_gen.pdbx_host_org_tissue_fraction      ? 
_entity_src_gen.pdbx_host_org_strain               ? 
_entity_src_gen.pdbx_host_org_variant              ? 
_entity_src_gen.pdbx_host_org_cell_line            ? 
_entity_src_gen.pdbx_host_org_atcc                 ? 
_entity_src_gen.pdbx_host_org_culture_collection   ? 
_entity_src_gen.pdbx_host_org_cell                 ? 
_entity_src_gen.pdbx_host_org_organelle            ? 
_entity_src_gen.pdbx_host_org_cellular_location    ? 
_entity_src_gen.pdbx_host_org_vector_type          PLASMID 
_entity_src_gen.pdbx_host_org_vector               ? 
_entity_src_gen.host_org_details                   ? 
_entity_src_gen.expression_system_id               ? 
_entity_src_gen.plasmid_name                       PGEMEX 
_entity_src_gen.plasmid_details                    ? 
_entity_src_gen.pdbx_description                   ? 
# 
loop_
_chem_comp.id 
_chem_comp.type 
_chem_comp.mon_nstd_flag 
_chem_comp.name 
_chem_comp.pdbx_synonyms 
_chem_comp.formula 
_chem_comp.formula_weight 
ALA 'L-peptide linking' y ALANINE                                                ?              'C3 H7 N O2'           89.093  
ARG 'L-peptide linking' y ARGININE                                               ?              'C6 H15 N4 O2 1'       175.209 
ASN 'L-peptide linking' y ASPARAGINE                                             ?              'C4 H8 N2 O3'          132.118 
ASP 'L-peptide linking' y 'ASPARTIC ACID'                                        ?              'C4 H7 N O4'           133.103 
CYS 'L-peptide linking' y CYSTEINE                                               ?              'C3 H7 N O2 S'         121.158 
GLN 'L-peptide linking' y GLUTAMINE                                              ?              'C5 H10 N2 O3'         146.144 
GLU 'L-peptide linking' y 'GLUTAMIC ACID'                                        ?              'C5 H9 N O4'           147.129 
GLY 'peptide linking'   y GLYCINE                                                ?              'C2 H5 N O2'           75.067  
GTA non-polymer         . "P1-7-METHYLGUANOSINE-P3-ADENOSINE-5',5'-TRIPHOSPHATE" 7-METHYL-GPPPA 'C21 H30 N10 O17 P3 1' 787.441 
HIS 'L-peptide linking' y HISTIDINE                                              ?              'C6 H10 N3 O2 1'       156.162 
HOH non-polymer         . WATER                                                  ?              'H2 O'                 18.015  
ILE 'L-peptide linking' y ISOLEUCINE                                             ?              'C6 H13 N O2'          131.173 
LEU 'L-peptide linking' y LEUCINE                                                ?              'C6 H13 N O2'          131.173 
LYS 'L-peptide linking' y LYSINE                                                 ?              'C6 H15 N2 O2 1'       147.195 
MET 'L-peptide linking' y METHIONINE                                             ?              'C5 H11 N O2 S'        149.211 
PHE 'L-peptide linking' y PHENYLALANINE                                          ?              'C9 H11 N O2'          165.189 
PRO 'L-peptide linking' y PROLINE                                                ?              'C5 H9 N O2'           115.130 
SER 'L-peptide linking' y SERINE                                                 ?              'C3 H7 N O3'           105.093 
THR 'L-peptide linking' y THREONINE                                              ?              'C4 H9 N O3'           119.119 
TRP 'L-peptide linking' y TRYPTOPHAN                                             ?              'C11 H12 N2 O2'        204.225 
TYR 'L-peptide linking' y TYROSINE                                               ?              'C9 H11 N O3'          181.189 
VAL 'L-peptide linking' y VALINE                                                 ?              'C5 H11 N O2'          117.146 
# 
loop_
_pdbx_poly_seq_scheme.asym_id 
_pdbx_poly_seq_scheme.entity_id 
_pdbx_poly_seq_scheme.seq_id 
_pdbx_poly_seq_scheme.mon_id 
_pdbx_poly_seq_scheme.ndb_seq_num 
_pdbx_poly_seq_scheme.pdb_seq_num 
_pdbx_poly_seq_scheme.auth_seq_num 
_pdbx_poly_seq_scheme.pdb_mon_id 
_pdbx_poly_seq_scheme.auth_mon_id 
_pdbx_poly_seq_scheme.pdb_strand_id 
_pdbx_poly_seq_scheme.pdb_ins_code 
_pdbx_poly_seq_scheme.hetero 
A 1 1   MET 1   1   ?   ?   ?   A . n 
A 1 2   ALA 2   2   ?   ?   ?   A . n 
A 1 3   THR 3   3   ?   ?   ?   A . n 
A 1 4   VAL 4   4   ?   ?   ?   A . n 
A 1 5   GLU 5   5   ?   ?   ?   A . n 
A 1 6   PRO 6   6   ?   ?   ?   A . n 
A 1 7   GLU 7   7   ?   ?   ?   A . n 
A 1 8   THR 8   8   ?   ?   ?   A . n 
A 1 9   THR 9   9   ?   ?   ?   A . n 
A 1 10  PRO 10  10  ?   ?   ?   A . n 
A 1 11  THR 11  11  ?   ?   ?   A . n 
A 1 12  PRO 12  12  ?   ?   ?   A . n 
A 1 13  ASN 13  13  ?   ?   ?   A . n 
A 1 14  PRO 14  14  ?   ?   ?   A . n 
A 1 15  PRO 15  15  ?   ?   ?   A . n 
A 1 16  THR 16  16  ?   ?   ?   A . n 
A 1 17  THR 17  17  ?   ?   ?   A . n 
A 1 18  GLU 18  18  ?   ?   ?   A . n 
A 1 19  GLU 19  19  ?   ?   ?   A . n 
A 1 20  GLU 20  20  ?   ?   ?   A . n 
A 1 21  LYS 21  21  ?   ?   ?   A . n 
A 1 22  THR 22  22  ?   ?   ?   A . n 
A 1 23  GLU 23  23  ?   ?   ?   A . n 
A 1 24  SER 24  24  ?   ?   ?   A . n 
A 1 25  ASN 25  25  ?   ?   ?   A . n 
A 1 26  GLN 26  26  ?   ?   ?   A . n 
A 1 27  GLU 27  27  27  GLU GLU A . n 
A 1 28  VAL 28  28  28  VAL VAL A . n 
A 1 29  ALA 29  29  29  ALA ALA A . n 
A 1 30  ASN 30  30  30  ASN ASN A . n 
A 1 31  PRO 31  31  31  PRO PRO A . n 
A 1 32  GLU 32  32  32  GLU GLU A . n 
A 1 33  HIS 33  33  33  HIS HIS A . n 
A 1 34  TYR 34  34  34  TYR TYR A . n 
A 1 35  ILE 35  35  35  ILE ILE A . n 
A 1 36  LYS 36  36  36  LYS LYS A . n 
A 1 37  HIS 37  37  37  HIS HIS A . n 
A 1 38  PRO 38  38  38  PRO PRO A . n 
A 1 39  LEU 39  39  39  LEU LEU A . n 
A 1 40  GLN 40  40  40  GLN GLN A . n 
A 1 41  ASN 41  41  41  ASN ASN A . n 
A 1 42  ARG 42  42  42  ARG ARG A . n 
A 1 43  TRP 43  43  43  TRP TRP A . n 
A 1 44  ALA 44  44  44  ALA ALA A . n 
A 1 45  LEU 45  45  45  LEU LEU A . n 
A 1 46  TRP 46  46  46  TRP TRP A . n 
A 1 47  PHE 47  47  47  PHE PHE A . n 
A 1 48  PHE 48  48  48  PHE PHE A . n 
A 1 49  LYS 49  49  49  LYS LYS A . n 
A 1 50  ASN 50  50  50  ASN ASN A . n 
A 1 51  ASP 51  51  51  ASP ASP A . n 
A 1 52  LYS 52  52  52  LYS LYS A . n 
A 1 53  SER 53  53  53  SER SER A . n 
A 1 54  LYS 54  54  54  LYS LYS A . n 
A 1 55  THR 55  55  55  THR THR A . n 
A 1 56  TRP 56  56  56  TRP TRP A . n 
A 1 57  GLN 57  57  57  GLN GLN A . n 
A 1 58  ALA 58  58  58  ALA ALA A . n 
A 1 59  ASN 59  59  59  ASN ASN A . n 
A 1 60  LEU 60  60  60  LEU LEU A . n 
A 1 61  ARG 61  61  61  ARG ARG A . n 
A 1 62  LEU 62  62  62  LEU LEU A . n 
A 1 63  ILE 63  63  63  ILE ILE A . n 
A 1 64  SER 64  64  64  SER SER A . n 
A 1 65  LYS 65  65  65  LYS LYS A . n 
A 1 66  PHE 66  66  66  PHE PHE A . n 
A 1 67  ASP 67  67  67  ASP ASP A . n 
A 1 68  THR 68  68  68  THR THR A . n 
A 1 69  VAL 69  69  69  VAL VAL A . n 
A 1 70  GLU 70  70  70  GLU GLU A . n 
A 1 71  ASP 71  71  71  ASP ASP A . n 
A 1 72  PHE 72  72  72  PHE PHE A . n 
A 1 73  TRP 73  73  73  TRP TRP A . n 
A 1 74  ALA 74  74  74  ALA ALA A . n 
A 1 75  LEU 75  75  75  LEU LEU A . n 
A 1 76  TYR 76  76  76  TYR TYR A . n 
A 1 77  ASN 77  77  77  ASN ASN A . n 
A 1 78  HIS 78  78  78  HIS HIS A . n 
A 1 79  ILE 79  79  79  ILE ILE A . n 
A 1 80  GLN 80  80  80  GLN GLN A . n 
A 1 81  LEU 81  81  81  LEU LEU A . n 
A 1 82  SER 82  82  82  SER SER A . n 
A 1 83  SER 83  83  83  SER SER A . n 
A 1 84  ASN 84  84  84  ASN ASN A . n 
A 1 85  LEU 85  85  85  LEU LEU A . n 
A 1 86  MET 86  86  86  MET MET A . n 
A 1 87  PRO 87  87  87  PRO PRO A . n 
A 1 88  GLY 88  88  88  GLY GLY A . n 
A 1 89  CYS 89  89  89  CYS CYS A . n 
A 1 90  ASP 90  90  90  ASP ASP A . n 
A 1 91  TYR 91  91  91  TYR TYR A . n 
A 1 92  SER 92  92  92  SER SER A . n 
A 1 93  LEU 93  93  93  LEU LEU A . n 
A 1 94  PHE 94  94  94  PHE PHE A . n 
A 1 95  LYS 95  95  95  LYS LYS A . n 
A 1 96  ASP 96  96  96  ASP ASP A . n 
A 1 97  GLY 97  97  97  GLY GLY A . n 
A 1 98  ILE 98  98  98  ILE ILE A . n 
A 1 99  GLU 99  99  99  GLU GLU A . n 
A 1 100 PRO 100 100 100 PRO PRO A . n 
A 1 101 MET 101 101 101 MET MET A . n 
A 1 102 TRP 102 102 102 TRP TRP A . n 
A 1 103 GLU 103 103 103 GLU GLU A . n 
A 1 104 ASP 104 104 104 ASP ASP A . n 
A 1 105 GLU 105 105 105 GLU GLU A . n 
A 1 106 LYS 106 106 106 LYS LYS A . n 
A 1 107 ASN 107 107 107 ASN ASN A . n 
A 1 108 LYS 108 108 108 LYS LYS A . n 
A 1 109 ARG 109 109 109 ARG ARG A . n 
A 1 110 GLY 110 110 110 GLY GLY A . n 
A 1 111 GLY 111 111 111 GLY GLY A . n 
A 1 112 ARG 112 112 112 ARG ARG A . n 
A 1 113 TRP 113 113 113 TRP TRP A . n 
A 1 114 LEU 114 114 114 LEU LEU A . n 
A 1 115 ILE 115 115 115 ILE ILE A . n 
A 1 116 THR 116 116 116 THR THR A . n 
A 1 117 LEU 117 117 117 LEU LEU A . n 
A 1 118 ASN 118 118 118 ASN ASN A . n 
A 1 119 LYS 119 119 119 LYS LYS A . n 
A 1 120 GLN 120 120 120 GLN GLN A . n 
A 1 121 GLN 121 121 121 GLN GLN A . n 
A 1 122 ARG 122 122 122 ARG ARG A . n 
A 1 123 ARG 123 123 123 ARG ARG A . n 
A 1 124 SER 124 124 124 SER SER A . n 
A 1 125 ASP 125 125 125 ASP ASP A . n 
A 1 126 LEU 126 126 126 LEU LEU A . n 
A 1 127 ASP 127 127 127 ASP ASP A . n 
A 1 128 ARG 128 128 128 ARG ARG A . n 
A 1 129 PHE 129 129 129 PHE PHE A . n 
A 1 130 TRP 130 130 130 TRP TRP A . n 
A 1 131 LEU 131 131 131 LEU LEU A . n 
A 1 132 GLU 132 132 132 GLU GLU A . n 
A 1 133 THR 133 133 133 THR THR A . n 
A 1 134 LEU 134 134 134 LEU LEU A . n 
A 1 135 LEU 135 135 135 LEU LEU A . n 
A 1 136 CYS 136 136 136 CYS CYS A . n 
A 1 137 LEU 137 137 137 LEU LEU A . n 
A 1 138 ILE 138 138 138 ILE ILE A . n 
A 1 139 GLY 139 139 139 GLY GLY A . n 
A 1 140 GLU 140 140 140 GLU GLU A . n 
A 1 141 SER 141 141 141 SER SER A . n 
A 1 142 PHE 142 142 142 PHE PHE A . n 
A 1 143 ASP 143 143 143 ASP ASP A . n 
A 1 144 ASP 144 144 144 ASP ASP A . n 
A 1 145 TYR 145 145 145 TYR TYR A . n 
A 1 146 SER 146 146 146 SER SER A . n 
A 1 147 ASP 147 147 147 ASP ASP A . n 
A 1 148 ASP 148 148 148 ASP ASP A . n 
A 1 149 VAL 149 149 149 VAL VAL A . n 
A 1 150 CYS 150 150 150 CYS CYS A . n 
A 1 151 GLY 151 151 151 GLY GLY A . n 
A 1 152 ALA 152 152 152 ALA ALA A . n 
A 1 153 VAL 153 153 153 VAL VAL A . n 
A 1 154 VAL 154 154 154 VAL VAL A . n 
A 1 155 ASN 155 155 155 ASN ASN A . n 
A 1 156 VAL 156 156 156 VAL VAL A . n 
A 1 157 ARG 157 157 157 ARG ARG A . n 
A 1 158 ALA 158 158 158 ALA ALA A . n 
A 1 159 LYS 159 159 159 LYS LYS A . n 
A 1 160 GLY 160 160 160 GLY GLY A . n 
A 1 161 ASP 161 161 161 ASP ASP A . n 
A 1 162 LYS 162 162 162 LYS LYS A . n 
A 1 163 ILE 163 163 163 ILE ILE A . n 
A 1 164 ALA 164 164 164 ALA ALA A . n 
A 1 165 ILE 165 165 165 ILE ILE A . n 
A 1 166 TRP 166 166 166 TRP TRP A . n 
A 1 167 THR 167 167 167 THR THR A . n 
A 1 168 THR 168 168 168 THR THR A . n 
A 1 169 GLU 169 169 169 GLU GLU A . n 
A 1 170 CYS 170 170 170 CYS CYS A . n 
A 1 171 GLU 171 171 171 GLU GLU A . n 
A 1 172 ASN 172 172 172 ASN ASN A . n 
A 1 173 ARG 173 173 173 ARG ARG A . n 
A 1 174 GLU 174 174 174 GLU GLU A . n 
A 1 175 ALA 175 175 175 ALA ALA A . n 
A 1 176 VAL 176 176 176 VAL VAL A . n 
A 1 177 THR 177 177 177 THR THR A . n 
A 1 178 HIS 178 178 178 HIS HIS A . n 
A 1 179 ILE 179 179 179 ILE ILE A . n 
A 1 180 GLY 180 180 180 GLY GLY A . n 
A 1 181 ARG 181 181 181 ARG ARG A . n 
A 1 182 VAL 182 182 182 VAL VAL A . n 
A 1 183 TYR 183 183 183 TYR TYR A . n 
A 1 184 LYS 184 184 184 LYS LYS A . n 
A 1 185 GLU 185 185 185 GLU GLU A . n 
A 1 186 ARG 186 186 186 ARG ARG A . n 
A 1 187 LEU 187 187 187 LEU LEU A . n 
A 1 188 GLY 188 188 188 GLY GLY A . n 
A 1 189 LEU 189 189 189 LEU LEU A . n 
A 1 190 PRO 190 190 190 PRO PRO A . n 
A 1 191 PRO 191 191 191 PRO PRO A . n 
A 1 192 LYS 192 192 192 LYS LYS A . n 
A 1 193 ILE 193 193 193 ILE ILE A . n 
A 1 194 VAL 194 194 194 VAL VAL A . n 
A 1 195 ILE 195 195 195 ILE ILE A . n 
A 1 196 GLY 196 196 196 GLY GLY A . n 
A 1 197 TYR 197 197 197 TYR TYR A . n 
A 1 198 GLN 198 198 198 GLN GLN A . n 
A 1 199 SER 199 199 199 SER SER A . n 
A 1 200 HIS 200 200 200 HIS HIS A . n 
A 1 201 ALA 201 201 201 ALA ALA A . n 
A 1 202 ASP 202 202 202 ASP ASP A . n 
A 1 203 THR 203 203 203 THR THR A . n 
A 1 204 ALA 204 204 204 ALA ALA A . n 
A 1 205 THR 205 205 205 THR THR A . n 
A 1 206 LYS 206 206 206 LYS LYS A . n 
A 1 207 SER 207 207 207 SER SER A . n 
A 1 208 GLY 208 208 208 GLY GLY A . n 
A 1 209 SER 209 209 209 SER SER A . n 
A 1 210 THR 210 210 210 THR THR A . n 
A 1 211 THR 211 211 211 THR THR A . n 
A 1 212 LYS 212 212 212 LYS LYS A . n 
A 1 213 ASN 213 213 213 ASN ASN A . n 
A 1 214 ARG 214 214 214 ARG ARG A . n 
A 1 215 PHE 215 215 215 PHE PHE A . n 
A 1 216 VAL 216 216 216 VAL VAL A . n 
A 1 217 VAL 217 217 217 VAL VAL A . n 
# 
loop_
_pdbx_nonpoly_scheme.asym_id 
_pdbx_nonpoly_scheme.entity_id 
_pdbx_nonpoly_scheme.mon_id 
_pdbx_nonpoly_scheme.ndb_seq_num 
_pdbx_nonpoly_scheme.pdb_seq_num 
_pdbx_nonpoly_scheme.auth_seq_num 
_pdbx_nonpoly_scheme.pdb_mon_id 
_pdbx_nonpoly_scheme.auth_mon_id 
_pdbx_nonpoly_scheme.pdb_strand_id 
_pdbx_nonpoly_scheme.pdb_ins_code 
B 2 GTA 1   1000 1000 GTA GTA A . 
C 3 HOH 1   1001 1    HOH TIP A . 
C 3 HOH 2   1002 2    HOH TIP A . 
C 3 HOH 3   1003 3    HOH TIP A . 
C 3 HOH 4   1004 4    HOH TIP A . 
C 3 HOH 5   1005 5    HOH TIP A . 
C 3 HOH 6   1006 6    HOH TIP A . 
C 3 HOH 7   1007 7    HOH TIP A . 
C 3 HOH 8   1008 8    HOH TIP A . 
C 3 HOH 9   1009 9    HOH TIP A . 
C 3 HOH 10  1010 10   HOH TIP A . 
C 3 HOH 11  1011 11   HOH TIP A . 
C 3 HOH 12  1012 12   HOH TIP A . 
C 3 HOH 13  1013 13   HOH TIP A . 
C 3 HOH 14  1014 14   HOH TIP A . 
C 3 HOH 15  1015 15   HOH TIP A . 
C 3 HOH 16  1016 16   HOH TIP A . 
C 3 HOH 17  1017 17   HOH TIP A . 
C 3 HOH 18  1018 18   HOH TIP A . 
C 3 HOH 19  1019 19   HOH TIP A . 
C 3 HOH 20  1020 20   HOH TIP A . 
C 3 HOH 21  1021 21   HOH TIP A . 
C 3 HOH 22  1022 22   HOH TIP A . 
C 3 HOH 23  1023 23   HOH TIP A . 
C 3 HOH 24  1024 24   HOH TIP A . 
C 3 HOH 25  1025 25   HOH TIP A . 
C 3 HOH 26  1026 26   HOH TIP A . 
C 3 HOH 27  1027 27   HOH TIP A . 
C 3 HOH 28  1028 28   HOH TIP A . 
C 3 HOH 29  1029 29   HOH TIP A . 
C 3 HOH 30  1030 30   HOH TIP A . 
C 3 HOH 31  1031 31   HOH TIP A . 
C 3 HOH 32  1032 32   HOH TIP A . 
C 3 HOH 33  1033 33   HOH TIP A . 
C 3 HOH 34  1034 34   HOH TIP A . 
C 3 HOH 35  1035 35   HOH TIP A . 
C 3 HOH 36  1036 36   HOH TIP A . 
C 3 HOH 37  1037 37   HOH TIP A . 
C 3 HOH 38  1038 38   HOH TIP A . 
C 3 HOH 39  1039 39   HOH TIP A . 
C 3 HOH 40  1040 40   HOH TIP A . 
C 3 HOH 41  1041 41   HOH TIP A . 
C 3 HOH 42  1042 42   HOH TIP A . 
C 3 HOH 43  1043 43   HOH TIP A . 
C 3 HOH 44  1044 44   HOH TIP A . 
C 3 HOH 45  1045 45   HOH TIP A . 
C 3 HOH 46  1046 46   HOH TIP A . 
C 3 HOH 47  1047 47   HOH TIP A . 
C 3 HOH 48  1048 48   HOH TIP A . 
C 3 HOH 49  1049 49   HOH TIP A . 
C 3 HOH 50  1050 50   HOH TIP A . 
C 3 HOH 51  1051 51   HOH TIP A . 
C 3 HOH 52  1052 52   HOH TIP A . 
C 3 HOH 53  1053 53   HOH TIP A . 
C 3 HOH 54  1054 54   HOH TIP A . 
C 3 HOH 55  1055 55   HOH TIP A . 
C 3 HOH 56  1056 56   HOH TIP A . 
C 3 HOH 57  1057 57   HOH TIP A . 
C 3 HOH 58  1058 58   HOH TIP A . 
C 3 HOH 59  1059 59   HOH TIP A . 
C 3 HOH 60  1060 60   HOH TIP A . 
C 3 HOH 61  1061 61   HOH TIP A . 
C 3 HOH 62  1062 62   HOH TIP A . 
C 3 HOH 63  1063 63   HOH TIP A . 
C 3 HOH 64  1064 64   HOH TIP A . 
C 3 HOH 65  1065 65   HOH TIP A . 
C 3 HOH 66  1066 66   HOH TIP A . 
C 3 HOH 67  1067 67   HOH TIP A . 
C 3 HOH 68  1068 68   HOH TIP A . 
C 3 HOH 69  1069 69   HOH TIP A . 
C 3 HOH 70  1070 70   HOH TIP A . 
C 3 HOH 71  1071 71   HOH TIP A . 
C 3 HOH 72  1072 72   HOH TIP A . 
C 3 HOH 73  1073 73   HOH TIP A . 
C 3 HOH 74  1074 74   HOH TIP A . 
C 3 HOH 75  1075 75   HOH TIP A . 
C 3 HOH 76  1076 76   HOH TIP A . 
C 3 HOH 77  1077 77   HOH TIP A . 
C 3 HOH 78  1078 78   HOH TIP A . 
C 3 HOH 79  1079 79   HOH TIP A . 
C 3 HOH 80  1080 80   HOH TIP A . 
C 3 HOH 81  1081 81   HOH TIP A . 
C 3 HOH 82  1082 82   HOH TIP A . 
C 3 HOH 83  1083 83   HOH TIP A . 
C 3 HOH 84  1084 84   HOH TIP A . 
C 3 HOH 85  1085 85   HOH TIP A . 
C 3 HOH 86  1086 86   HOH TIP A . 
C 3 HOH 87  1087 87   HOH TIP A . 
C 3 HOH 88  1088 88   HOH TIP A . 
C 3 HOH 89  1089 89   HOH TIP A . 
C 3 HOH 90  1090 90   HOH TIP A . 
C 3 HOH 91  1091 91   HOH TIP A . 
C 3 HOH 92  1092 92   HOH TIP A . 
C 3 HOH 93  1093 93   HOH TIP A . 
C 3 HOH 94  1094 94   HOH TIP A . 
C 3 HOH 95  1095 95   HOH TIP A . 
C 3 HOH 96  1096 96   HOH TIP A . 
C 3 HOH 97  1097 97   HOH TIP A . 
C 3 HOH 98  1098 98   HOH TIP A . 
C 3 HOH 99  1099 99   HOH TIP A . 
C 3 HOH 100 1100 100  HOH TIP A . 
C 3 HOH 101 1101 101  HOH TIP A . 
C 3 HOH 102 1102 102  HOH TIP A . 
C 3 HOH 103 1103 103  HOH TIP A . 
C 3 HOH 104 1104 104  HOH TIP A . 
C 3 HOH 105 1105 105  HOH TIP A . 
C 3 HOH 106 1106 106  HOH TIP A . 
C 3 HOH 107 1107 107  HOH TIP A . 
C 3 HOH 108 1108 108  HOH TIP A . 
C 3 HOH 109 1109 109  HOH TIP A . 
C 3 HOH 110 1110 111  HOH TIP A . 
C 3 HOH 111 1111 112  HOH TIP A . 
C 3 HOH 112 1112 113  HOH TIP A . 
C 3 HOH 113 1113 114  HOH TIP A . 
C 3 HOH 114 1114 115  HOH TIP A . 
C 3 HOH 115 1115 116  HOH TIP A . 
C 3 HOH 116 1116 117  HOH TIP A . 
C 3 HOH 117 1117 118  HOH TIP A . 
C 3 HOH 118 1118 119  HOH TIP A . 
C 3 HOH 119 1119 120  HOH TIP A . 
C 3 HOH 120 1120 121  HOH TIP A . 
C 3 HOH 121 1121 122  HOH TIP A . 
C 3 HOH 122 1122 123  HOH TIP A . 
C 3 HOH 123 1123 124  HOH TIP A . 
C 3 HOH 124 1124 125  HOH TIP A . 
C 3 HOH 125 1125 126  HOH TIP A . 
C 3 HOH 126 1126 127  HOH TIP A . 
C 3 HOH 127 1127 128  HOH TIP A . 
C 3 HOH 128 1128 129  HOH TIP A . 
C 3 HOH 129 1129 130  HOH TIP A . 
C 3 HOH 130 1130 131  HOH TIP A . 
C 3 HOH 131 1131 132  HOH TIP A . 
C 3 HOH 132 1132 133  HOH TIP A . 
C 3 HOH 133 1133 134  HOH TIP A . 
C 3 HOH 134 1134 135  HOH TIP A . 
C 3 HOH 135 1135 136  HOH TIP A . 
C 3 HOH 136 1136 137  HOH TIP A . 
C 3 HOH 137 1137 138  HOH TIP A . 
C 3 HOH 138 1138 139  HOH TIP A . 
# 
loop_
_software.name 
_software.classification 
_software.version 
_software.citation_id 
_software.pdbx_ordinal 
CNS refinement . ? 1 
CNS phasing    . ? 2 
# 
_cell.entry_id           1IPB 
_cell.length_a           89.26 
_cell.length_b           89.26 
_cell.length_c           38.51 
_cell.angle_alpha        90 
_cell.angle_beta         90 
_cell.angle_gamma        90 
_cell.Z_PDB              4 
_cell.pdbx_unique_axis   ? 
# 
_symmetry.entry_id                         1IPB 
_symmetry.space_group_name_H-M             'P 43' 
_symmetry.pdbx_full_space_group_name_H-M   ? 
_symmetry.cell_setting                     ? 
_symmetry.Int_Tables_number                78 
# 
_exptl.entry_id          1IPB 
_exptl.method            'X-RAY DIFFRACTION' 
_exptl.crystals_number   ? 
# 
_exptl_crystal.id                    1 
_exptl_crystal.density_meas          ? 
_exptl_crystal.density_Matthews      3.05 
_exptl_crystal.density_percent_sol   59.68 
_exptl_crystal.description           ? 
# 
_diffrn.id                     1 
_diffrn.ambient_temp           ? 
_diffrn.ambient_temp_details   ? 
_diffrn.crystal_id             1 
# 
_diffrn_radiation.diffrn_id                        1 
_diffrn_radiation.wavelength_id                    1 
_diffrn_radiation.pdbx_monochromatic_or_laue_m_l   M 
_diffrn_radiation.monochromator                    ? 
_diffrn_radiation.pdbx_diffrn_protocol             'SINGLE WAVELENGTH' 
_diffrn_radiation.pdbx_scattering_type             x-ray 
# 
_diffrn_radiation_wavelength.id           1 
_diffrn_radiation_wavelength.wavelength   . 
_diffrn_radiation_wavelength.wt           1.0 
# 
_diffrn_source.diffrn_id                   1 
_diffrn_source.source                      SYNCHROTRON 
_diffrn_source.type                        'SPRING-8 BEAMLINE BL24XU' 
_diffrn_source.pdbx_synchrotron_site       SPring-8 
_diffrn_source.pdbx_synchrotron_beamline   BL24XU 
_diffrn_source.pdbx_wavelength             ? 
_diffrn_source.pdbx_wavelength_list        ? 
# 
_refine.entry_id                                 1IPB 
_refine.ls_number_reflns_obs                     17165 
_refine.ls_number_reflns_all                     20843 
_refine.pdbx_ls_sigma_I                          ? 
_refine.pdbx_ls_sigma_F                          2 
_refine.pdbx_data_cutoff_high_absF               ? 
_refine.pdbx_data_cutoff_low_absF                ? 
_refine.ls_d_res_low                             30 
_refine.ls_d_res_high                            2.0 
_refine.ls_percent_reflns_obs                    ? 
_refine.ls_R_factor_obs                          ? 
_refine.ls_R_factor_all                          ? 
_refine.ls_R_factor_R_work                       0.1960000 
_refine.ls_R_factor_R_free                       0.2290000 
_refine.ls_R_factor_R_free_error                 ? 
_refine.ls_R_factor_R_free_error_details         ? 
_refine.ls_percent_reflns_R_free                 ? 
_refine.ls_number_reflns_R_free                  1657 
_refine.ls_number_parameters                     ? 
_refine.ls_number_restraints                     ? 
_refine.occupancy_min                            ? 
_refine.occupancy_max                            ? 
_refine.B_iso_mean                               ? 
_refine.aniso_B[1][1]                            ? 
_refine.aniso_B[2][2]                            ? 
_refine.aniso_B[3][3]                            ? 
_refine.aniso_B[1][2]                            ? 
_refine.aniso_B[1][3]                            ? 
_refine.aniso_B[2][3]                            ? 
_refine.solvent_model_details                    ? 
_refine.solvent_model_param_ksol                 ? 
_refine.solvent_model_param_bsol                 ? 
_refine.pdbx_ls_cross_valid_method               ? 
_refine.details                                  ? 
_refine.pdbx_starting_model                      ? 
_refine.pdbx_method_to_determine_struct          ? 
_refine.pdbx_isotropic_thermal_model             ? 
_refine.pdbx_stereochemistry_target_values       ? 
_refine.pdbx_stereochem_target_val_spec_case     ? 
_refine.pdbx_R_Free_selection_details            ? 
_refine.pdbx_overall_ESU_R_Free                  ? 
_refine.overall_SU_B                             ? 
_refine.ls_redundancy_reflns_obs                 ? 
_refine.B_iso_min                                ? 
_refine.B_iso_max                                ? 
_refine.correlation_coeff_Fo_to_Fc               ? 
_refine.overall_SU_R_Cruickshank_DPI             ? 
_refine.overall_SU_R_free                        ? 
_refine.overall_SU_ML                            ? 
_refine.pdbx_overall_ESU_R                       ? 
_refine.pdbx_data_cutoff_high_rms_absF           ? 
_refine.correlation_coeff_Fo_to_Fc_free          ? 
_refine.pdbx_solvent_vdw_probe_radii             ? 
_refine.pdbx_solvent_ion_probe_radii             ? 
_refine.pdbx_solvent_shrinkage_radii             ? 
_refine.pdbx_refine_id                           'X-RAY DIFFRACTION' 
_refine.pdbx_diffrn_id                           1 
_refine.pdbx_TLS_residual_ADP_flag               ? 
_refine.pdbx_overall_phase_error                 ? 
_refine.pdbx_overall_SU_R_free_Cruickshank_DPI   ? 
_refine.pdbx_overall_SU_R_Blow_DPI               ? 
_refine.pdbx_overall_SU_R_free_Blow_DPI          ? 
# 
_refine_hist.pdbx_refine_id                   'X-RAY DIFFRACTION' 
_refine_hist.cycle_id                         LAST 
_refine_hist.pdbx_number_atoms_protein        1572 
_refine_hist.pdbx_number_atoms_nucleic_acid   0 
_refine_hist.pdbx_number_atoms_ligand         51 
_refine_hist.number_atoms_solvent             138 
_refine_hist.number_atoms_total               1761 
_refine_hist.d_res_high                       2.0 
_refine_hist.d_res_low                        30 
# 
loop_
_refine_ls_restr.type 
_refine_ls_restr.dev_ideal 
_refine_ls_restr.dev_ideal_target 
_refine_ls_restr.weight 
_refine_ls_restr.number 
_refine_ls_restr.pdbx_refine_id 
_refine_ls_restr.pdbx_restraint_function 
c_bond_d           0.0068 ? ? ? 'X-RAY DIFFRACTION' ? 
c_angle_d          1.281  ? ? ? 'X-RAY DIFFRACTION' ? 
c_dihedral_angle_d 22.24  ? ? ? 'X-RAY DIFFRACTION' ? 
c_improper_angle_d 0.685  ? ? ? 'X-RAY DIFFRACTION' ? 
# 
_struct.entry_id                  1IPB 
_struct.title                     'CRYSTAL STRUCTURE OF EUKARYOTIC INITIATION FACTOR 4E COMPLEXED WITH 7-METHYL GPPPA' 
_struct.pdbx_model_details        ? 
_struct.pdbx_CASP_flag            ? 
_struct.pdbx_model_type_details   ? 
# 
_struct_keywords.entry_id        1IPB 
_struct_keywords.pdbx_keywords   'RNA BINDING PROTEIN' 
_struct_keywords.text            'Initiation factor, Protein biosynthesis, RNA BINDING PROTEIN' 
# 
loop_
_struct_asym.id 
_struct_asym.pdbx_blank_PDB_chainid_flag 
_struct_asym.pdbx_modified 
_struct_asym.entity_id 
_struct_asym.details 
A N N 1 ? 
B N N 2 ? 
C N N 3 ? 
# 
_struct_ref.id                         1 
_struct_ref.db_name                    UNP 
_struct_ref.db_code                    IF4E_HUMAN 
_struct_ref.entity_id                  1 
_struct_ref.pdbx_seq_one_letter_code   
;MATVEPETTPTPNPPTTEEEKTESNQEVANPEHYIKHPLQNRWALWFFKNDKSKTWQANLRLISKFDTVEDFWALYNHIQ
LSSNLMPGCDYSLFKDGIEPMWEDEKNKRGGRWLITLNKQQRRSDLDRFWLETLLCLIGESFDDYSDDVCGAVVNVRAKG
DKIAIWTTECENREAVTHIGRVYKERLGLPPKIVIGYQSHADTATKSGSTTKNRFVV
;
_struct_ref.pdbx_align_begin           1 
_struct_ref.pdbx_db_accession          P06730 
_struct_ref.pdbx_db_isoform            ? 
# 
_struct_ref_seq.align_id                      1 
_struct_ref_seq.ref_id                        1 
_struct_ref_seq.pdbx_PDB_id_code              1IPB 
_struct_ref_seq.pdbx_strand_id                A 
_struct_ref_seq.seq_align_beg                 1 
_struct_ref_seq.pdbx_seq_align_beg_ins_code   ? 
_struct_ref_seq.seq_align_end                 217 
_struct_ref_seq.pdbx_seq_align_end_ins_code   ? 
_struct_ref_seq.pdbx_db_accession             P06730 
_struct_ref_seq.db_align_beg                  1 
_struct_ref_seq.pdbx_db_align_beg_ins_code    ? 
_struct_ref_seq.db_align_end                  217 
_struct_ref_seq.pdbx_db_align_end_ins_code    ? 
_struct_ref_seq.pdbx_auth_seq_align_beg       1 
_struct_ref_seq.pdbx_auth_seq_align_end       217 
# 
_pdbx_struct_assembly.id                   1 
_pdbx_struct_assembly.details              author_defined_assembly 
_pdbx_struct_assembly.method_details       ? 
_pdbx_struct_assembly.oligomeric_details   monomeric 
_pdbx_struct_assembly.oligomeric_count     1 
# 
_pdbx_struct_assembly_gen.assembly_id       1 
_pdbx_struct_assembly_gen.oper_expression   1 
_pdbx_struct_assembly_gen.asym_id_list      A,B,C 
# 
_pdbx_struct_oper_list.id                   1 
_pdbx_struct_oper_list.type                 'identity operation' 
_pdbx_struct_oper_list.name                 1_555 
_pdbx_struct_oper_list.symmetry_operation   x,y,z 
_pdbx_struct_oper_list.matrix[1][1]         1.0000000000 
_pdbx_struct_oper_list.matrix[1][2]         0.0000000000 
_pdbx_struct_oper_list.matrix[1][3]         0.0000000000 
_pdbx_struct_oper_list.vector[1]            0.0000000000 
_pdbx_struct_oper_list.matrix[2][1]         0.0000000000 
_pdbx_struct_oper_list.matrix[2][2]         1.0000000000 
_pdbx_struct_oper_list.matrix[2][3]         0.0000000000 
_pdbx_struct_oper_list.vector[2]            0.0000000000 
_pdbx_struct_oper_list.matrix[3][1]         0.0000000000 
_pdbx_struct_oper_list.matrix[3][2]         0.0000000000 
_pdbx_struct_oper_list.matrix[3][3]         1.0000000000 
_pdbx_struct_oper_list.vector[3]            0.0000000000 
# 
_struct_biol.id                    1 
_struct_biol.pdbx_parent_biol_id   ? 
_struct_biol.details               ? 
# 
loop_
_struct_conf.conf_type_id 
_struct_conf.id 
_struct_conf.pdbx_PDB_helix_id 
_struct_conf.beg_label_comp_id 
_struct_conf.beg_label_asym_id 
_struct_conf.beg_label_seq_id 
_struct_conf.pdbx_beg_PDB_ins_code 
_struct_conf.end_label_comp_id 
_struct_conf.end_label_asym_id 
_struct_conf.end_label_seq_id 
_struct_conf.pdbx_end_PDB_ins_code 
_struct_conf.beg_auth_comp_id 
_struct_conf.beg_auth_asym_id 
_struct_conf.beg_auth_seq_id 
_struct_conf.end_auth_comp_id 
_struct_conf.end_auth_asym_id 
_struct_conf.end_auth_seq_id 
_struct_conf.pdbx_PDB_helix_class 
_struct_conf.details 
_struct_conf.pdbx_PDB_helix_length 
HELX_P HELX_P1 1 ASN A 30  ? TYR A 34  ? ASN A 30  TYR A 34  5 ? 5  
HELX_P HELX_P2 2 TRP A 56  ? ALA A 58  ? TRP A 56  ALA A 58  5 ? 3  
HELX_P HELX_P3 3 VAL A 69  ? ILE A 79  ? VAL A 69  ILE A 79  1 ? 11 
HELX_P HELX_P4 4 LEU A 81  ? LEU A 85  ? LEU A 81  LEU A 85  5 ? 5  
HELX_P HELX_P5 5 GLN A 120 ? ASP A 125 ? GLN A 120 ASP A 125 1 ? 6  
HELX_P HELX_P6 6 ASP A 125 ? GLY A 139 ? ASP A 125 GLY A 139 1 ? 15 
HELX_P HELX_P7 7 PHE A 142 ? ASP A 147 ? PHE A 142 ASP A 147 5 ? 6  
HELX_P HELX_P8 8 ASN A 172 ? GLY A 188 ? ASN A 172 GLY A 188 1 ? 17 
HELX_P HELX_P9 9 ALA A 201 ? THR A 203 ? ALA A 201 THR A 203 5 ? 3  
# 
_struct_conf_type.id          HELX_P 
_struct_conf_type.criteria    ? 
_struct_conf_type.reference   ? 
# 
_struct_sheet.id               A 
_struct_sheet.type             ? 
_struct_sheet.number_strands   8 
_struct_sheet.details          ? 
# 
loop_
_struct_sheet_order.sheet_id 
_struct_sheet_order.range_id_1 
_struct_sheet_order.range_id_2 
_struct_sheet_order.offset 
_struct_sheet_order.sense 
A 1 2 ? anti-parallel 
A 2 3 ? anti-parallel 
A 3 4 ? anti-parallel 
A 4 5 ? anti-parallel 
A 5 6 ? anti-parallel 
A 6 7 ? anti-parallel 
A 7 8 ? anti-parallel 
# 
loop_
_struct_sheet_range.sheet_id 
_struct_sheet_range.id 
_struct_sheet_range.beg_label_comp_id 
_struct_sheet_range.beg_label_asym_id 
_struct_sheet_range.beg_label_seq_id 
_struct_sheet_range.pdbx_beg_PDB_ins_code 
_struct_sheet_range.end_label_comp_id 
_struct_sheet_range.end_label_asym_id 
_struct_sheet_range.end_label_seq_id 
_struct_sheet_range.pdbx_end_PDB_ins_code 
_struct_sheet_range.beg_auth_comp_id 
_struct_sheet_range.beg_auth_asym_id 
_struct_sheet_range.beg_auth_seq_id 
_struct_sheet_range.end_auth_comp_id 
_struct_sheet_range.end_auth_asym_id 
_struct_sheet_range.end_auth_seq_id 
A 1 LEU A 60  ? THR A 68  ? LEU A 60  THR A 68  
A 2 PRO A 38  ? PHE A 48  ? PRO A 38  PHE A 48  
A 3 ASP A 90  ? LYS A 95  ? ASP A 90  LYS A 95  
A 4 VAL A 149 ? ASN A 155 ? VAL A 149 ASN A 155 
A 5 LYS A 162 ? THR A 167 ? LYS A 162 THR A 167 
A 6 GLY A 111 ? THR A 116 ? GLY A 111 THR A 116 
A 7 GLY A 196 ? SER A 199 ? GLY A 196 SER A 199 
A 8 PHE A 215 ? VAL A 216 ? PHE A 215 VAL A 216 
# 
loop_
_pdbx_struct_sheet_hbond.sheet_id 
_pdbx_struct_sheet_hbond.range_id_1 
_pdbx_struct_sheet_hbond.range_id_2 
_pdbx_struct_sheet_hbond.range_1_label_atom_id 
_pdbx_struct_sheet_hbond.range_1_label_comp_id 
_pdbx_struct_sheet_hbond.range_1_label_asym_id 
_pdbx_struct_sheet_hbond.range_1_label_seq_id 
_pdbx_struct_sheet_hbond.range_1_PDB_ins_code 
_pdbx_struct_sheet_hbond.range_1_auth_atom_id 
_pdbx_struct_sheet_hbond.range_1_auth_comp_id 
_pdbx_struct_sheet_hbond.range_1_auth_asym_id 
_pdbx_struct_sheet_hbond.range_1_auth_seq_id 
_pdbx_struct_sheet_hbond.range_2_label_atom_id 
_pdbx_struct_sheet_hbond.range_2_label_comp_id 
_pdbx_struct_sheet_hbond.range_2_label_asym_id 
_pdbx_struct_sheet_hbond.range_2_label_seq_id 
_pdbx_struct_sheet_hbond.range_2_PDB_ins_code 
_pdbx_struct_sheet_hbond.range_2_auth_atom_id 
_pdbx_struct_sheet_hbond.range_2_auth_comp_id 
_pdbx_struct_sheet_hbond.range_2_auth_asym_id 
_pdbx_struct_sheet_hbond.range_2_auth_seq_id 
A 1 2 O ASP A 67  ? O ASP A 67  N LEU A 39  ? N LEU A 39  
A 2 3 N PHE A 48  ? N PHE A 48  O ASP A 90  ? O ASP A 90  
A 3 4 N LYS A 95  ? N LYS A 95  O CYS A 150 ? O CYS A 150 
A 4 5 N ASN A 155 ? N ASN A 155 O LYS A 162 ? O LYS A 162 
A 5 6 N THR A 167 ? N THR A 167 O GLY A 111 ? O GLY A 111 
A 6 7 N LEU A 114 ? N LEU A 114 O GLY A 196 ? O GLY A 196 
A 7 8 N TYR A 197 ? N TYR A 197 O PHE A 215 ? O PHE A 215 
# 
_struct_site.id                   AC1 
_struct_site.pdbx_evidence_code   Software 
_struct_site.pdbx_auth_asym_id    A 
_struct_site.pdbx_auth_comp_id    GTA 
_struct_site.pdbx_auth_seq_id     1000 
_struct_site.pdbx_auth_ins_code   ? 
_struct_site.pdbx_num_residues    23 
_struct_site.details              'BINDING SITE FOR RESIDUE GTA A 1000' 
# 
loop_
_struct_site_gen.id 
_struct_site_gen.site_id 
_struct_site_gen.pdbx_num_res 
_struct_site_gen.label_comp_id 
_struct_site_gen.label_asym_id 
_struct_site_gen.label_seq_id 
_struct_site_gen.pdbx_auth_ins_code 
_struct_site_gen.auth_comp_id 
_struct_site_gen.auth_asym_id 
_struct_site_gen.auth_seq_id 
_struct_site_gen.label_atom_id 
_struct_site_gen.label_alt_id 
_struct_site_gen.symmetry 
_struct_site_gen.details 
1  AC1 23 TRP A 56  ? TRP A 56   . ? 1_555 ? 
2  AC1 23 GLN A 57  ? GLN A 57   . ? 1_555 ? 
3  AC1 23 MET A 101 ? MET A 101  . ? 1_555 ? 
4  AC1 23 TRP A 102 ? TRP A 102  . ? 1_555 ? 
5  AC1 23 GLU A 103 ? GLU A 103  . ? 1_555 ? 
6  AC1 23 ARG A 157 ? ARG A 157  . ? 1_555 ? 
7  AC1 23 LYS A 162 ? LYS A 162  . ? 1_555 ? 
8  AC1 23 PRO A 191 ? PRO A 191  . ? 4_645 ? 
9  AC1 23 LYS A 192 ? LYS A 192  . ? 4_645 ? 
10 AC1 23 ILE A 193 ? ILE A 193  . ? 4_645 ? 
11 AC1 23 VAL A 194 ? VAL A 194  . ? 4_645 ? 
12 AC1 23 ALA A 204 ? ALA A 204  . ? 1_555 ? 
13 AC1 23 THR A 205 ? THR A 205  . ? 1_555 ? 
14 AC1 23 LYS A 206 ? LYS A 206  . ? 1_555 ? 
15 AC1 23 SER A 207 ? SER A 207  . ? 1_555 ? 
16 AC1 23 VAL A 217 ? VAL A 217  . ? 4_645 ? 
17 AC1 23 HOH C .   ? HOH A 1013 . ? 1_555 ? 
18 AC1 23 HOH C .   ? HOH A 1034 . ? 1_555 ? 
19 AC1 23 HOH C .   ? HOH A 1045 . ? 4_645 ? 
20 AC1 23 HOH C .   ? HOH A 1074 . ? 1_555 ? 
21 AC1 23 HOH C .   ? HOH A 1089 . ? 1_555 ? 
22 AC1 23 HOH C .   ? HOH A 1097 . ? 1_555 ? 
23 AC1 23 HOH C .   ? HOH A 1113 . ? 1_555 ? 
# 
loop_
_pdbx_validate_torsion.id 
_pdbx_validate_torsion.PDB_model_num 
_pdbx_validate_torsion.auth_comp_id 
_pdbx_validate_torsion.auth_asym_id 
_pdbx_validate_torsion.auth_seq_id 
_pdbx_validate_torsion.PDB_ins_code 
_pdbx_validate_torsion.label_alt_id 
_pdbx_validate_torsion.phi 
_pdbx_validate_torsion.psi 
1 1 TYR A 34  ? ? -142.08 -15.13  
2 1 ILE A 63  ? ? -97.81  -72.57  
3 1 ASP A 67  ? ? -142.30 23.34   
4 1 ASP A 143 ? ? 44.54   -115.12 
5 1 SER A 207 ? ? -50.20  94.01   
# 
loop_
_pdbx_unobs_or_zero_occ_residues.id 
_pdbx_unobs_or_zero_occ_residues.PDB_model_num 
_pdbx_unobs_or_zero_occ_residues.polymer_flag 
_pdbx_unobs_or_zero_occ_residues.occupancy_flag 
_pdbx_unobs_or_zero_occ_residues.auth_asym_id 
_pdbx_unobs_or_zero_occ_residues.auth_comp_id 
_pdbx_unobs_or_zero_occ_residues.auth_seq_id 
_pdbx_unobs_or_zero_occ_residues.PDB_ins_code 
_pdbx_unobs_or_zero_occ_residues.label_asym_id 
_pdbx_unobs_or_zero_occ_residues.label_comp_id 
_pdbx_unobs_or_zero_occ_residues.label_seq_id 
1  1 Y 1 A MET 1  ? A MET 1  
2  1 Y 1 A ALA 2  ? A ALA 2  
3  1 Y 1 A THR 3  ? A THR 3  
4  1 Y 1 A VAL 4  ? A VAL 4  
5  1 Y 1 A GLU 5  ? A GLU 5  
6  1 Y 1 A PRO 6  ? A PRO 6  
7  1 Y 1 A GLU 7  ? A GLU 7  
8  1 Y 1 A THR 8  ? A THR 8  
9  1 Y 1 A THR 9  ? A THR 9  
10 1 Y 1 A PRO 10 ? A PRO 10 
11 1 Y 1 A THR 11 ? A THR 11 
12 1 Y 1 A PRO 12 ? A PRO 12 
13 1 Y 1 A ASN 13 ? A ASN 13 
14 1 Y 1 A PRO 14 ? A PRO 14 
15 1 Y 1 A PRO 15 ? A PRO 15 
16 1 Y 1 A THR 16 ? A THR 16 
17 1 Y 1 A THR 17 ? A THR 17 
18 1 Y 1 A GLU 18 ? A GLU 18 
19 1 Y 1 A GLU 19 ? A GLU 19 
20 1 Y 1 A GLU 20 ? A GLU 20 
21 1 Y 1 A LYS 21 ? A LYS 21 
22 1 Y 1 A THR 22 ? A THR 22 
23 1 Y 1 A GLU 23 ? A GLU 23 
24 1 Y 1 A SER 24 ? A SER 24 
25 1 Y 1 A ASN 25 ? A ASN 25 
26 1 Y 1 A GLN 26 ? A GLN 26 
# 
loop_
_chem_comp_atom.comp_id 
_chem_comp_atom.atom_id 
_chem_comp_atom.type_symbol 
_chem_comp_atom.pdbx_aromatic_flag 
_chem_comp_atom.pdbx_stereo_config 
_chem_comp_atom.pdbx_ordinal 
ALA N    N N N 1   
ALA CA   C N S 2   
ALA C    C N N 3   
ALA O    O N N 4   
ALA CB   C N N 5   
ALA OXT  O N N 6   
ALA H    H N N 7   
ALA H2   H N N 8   
ALA HA   H N N 9   
ALA HB1  H N N 10  
ALA HB2  H N N 11  
ALA HB3  H N N 12  
ALA HXT  H N N 13  
ARG N    N N N 14  
ARG CA   C N S 15  
ARG C    C N N 16  
ARG O    O N N 17  
ARG CB   C N N 18  
ARG CG   C N N 19  
ARG CD   C N N 20  
ARG NE   N N N 21  
ARG CZ   C N N 22  
ARG NH1  N N N 23  
ARG NH2  N N N 24  
ARG OXT  O N N 25  
ARG H    H N N 26  
ARG H2   H N N 27  
ARG HA   H N N 28  
ARG HB2  H N N 29  
ARG HB3  H N N 30  
ARG HG2  H N N 31  
ARG HG3  H N N 32  
ARG HD2  H N N 33  
ARG HD3  H N N 34  
ARG HE   H N N 35  
ARG HH11 H N N 36  
ARG HH12 H N N 37  
ARG HH21 H N N 38  
ARG HH22 H N N 39  
ARG HXT  H N N 40  
ASN N    N N N 41  
ASN CA   C N S 42  
ASN C    C N N 43  
ASN O    O N N 44  
ASN CB   C N N 45  
ASN CG   C N N 46  
ASN OD1  O N N 47  
ASN ND2  N N N 48  
ASN OXT  O N N 49  
ASN H    H N N 50  
ASN H2   H N N 51  
ASN HA   H N N 52  
ASN HB2  H N N 53  
ASN HB3  H N N 54  
ASN HD21 H N N 55  
ASN HD22 H N N 56  
ASN HXT  H N N 57  
ASP N    N N N 58  
ASP CA   C N S 59  
ASP C    C N N 60  
ASP O    O N N 61  
ASP CB   C N N 62  
ASP CG   C N N 63  
ASP OD1  O N N 64  
ASP OD2  O N N 65  
ASP OXT  O N N 66  
ASP H    H N N 67  
ASP H2   H N N 68  
ASP HA   H N N 69  
ASP HB2  H N N 70  
ASP HB3  H N N 71  
ASP HD2  H N N 72  
ASP HXT  H N N 73  
CYS N    N N N 74  
CYS CA   C N R 75  
CYS C    C N N 76  
CYS O    O N N 77  
CYS CB   C N N 78  
CYS SG   S N N 79  
CYS OXT  O N N 80  
CYS H    H N N 81  
CYS H2   H N N 82  
CYS HA   H N N 83  
CYS HB2  H N N 84  
CYS HB3  H N N 85  
CYS HG   H N N 86  
CYS HXT  H N N 87  
GLN N    N N N 88  
GLN CA   C N S 89  
GLN C    C N N 90  
GLN O    O N N 91  
GLN CB   C N N 92  
GLN CG   C N N 93  
GLN CD   C N N 94  
GLN OE1  O N N 95  
GLN NE2  N N N 96  
GLN OXT  O N N 97  
GLN H    H N N 98  
GLN H2   H N N 99  
GLN HA   H N N 100 
GLN HB2  H N N 101 
GLN HB3  H N N 102 
GLN HG2  H N N 103 
GLN HG3  H N N 104 
GLN HE21 H N N 105 
GLN HE22 H N N 106 
GLN HXT  H N N 107 
GLU N    N N N 108 
GLU CA   C N S 109 
GLU C    C N N 110 
GLU O    O N N 111 
GLU CB   C N N 112 
GLU CG   C N N 113 
GLU CD   C N N 114 
GLU OE1  O N N 115 
GLU OE2  O N N 116 
GLU OXT  O N N 117 
GLU H    H N N 118 
GLU H2   H N N 119 
GLU HA   H N N 120 
GLU HB2  H N N 121 
GLU HB3  H N N 122 
GLU HG2  H N N 123 
GLU HG3  H N N 124 
GLU HE2  H N N 125 
GLU HXT  H N N 126 
GLY N    N N N 127 
GLY CA   C N N 128 
GLY C    C N N 129 
GLY O    O N N 130 
GLY OXT  O N N 131 
GLY H    H N N 132 
GLY H2   H N N 133 
GLY HA2  H N N 134 
GLY HA3  H N N 135 
GLY HXT  H N N 136 
GTA N2   N N N 137 
GTA O6   O N N 138 
GTA C6   C N N 139 
GTA C5   C Y N 140 
GTA N7   N Y N 141 
GTA C7   C N N 142 
GTA C8   C Y N 143 
GTA N9   N Y N 144 
GTA C4   C Y N 145 
GTA N3   N N N 146 
GTA C2   C N N 147 
GTA N1   N N N 148 
GTA O3A  O N N 149 
GTA C1A  C N R 150 
GTA C2A  C N R 151 
GTA C3A  C N S 152 
GTA C4A  C N R 153 
GTA C5A  C N N 154 
GTA O4A  O N N 155 
GTA O2A  O N N 156 
GTA P1   P N R 157 
GTA O11  O N N 158 
GTA O12  O N N 159 
GTA O13  O N N 160 
GTA O15  O N N 161 
GTA P2   P N S 162 
GTA O22  O N N 163 
GTA O21  O N N 164 
GTA O23  O N N 165 
GTA P3   P N S 166 
GTA O32  O N N 167 
GTA O31  O N N 168 
GTA O33  O N N 169 
GTA C5B  C N N 170 
GTA C4B  C N R 171 
GTA O4B  O N N 172 
GTA C3B  C N S 173 
GTA O3B  O N N 174 
GTA C2B  C N R 175 
GTA O2B  O N N 176 
GTA C1B  C N R 177 
GTA N9C  N Y N 178 
GTA C8C  C Y N 179 
GTA N7C  N Y N 180 
GTA C5C  C Y N 181 
GTA C6C  C Y N 182 
GTA N6C  N N N 183 
GTA N1C  N Y N 184 
GTA C2C  C Y N 185 
GTA N3C  N Y N 186 
GTA C4C  C Y N 187 
GTA HN21 H N N 188 
GTA HN22 H N N 189 
GTA H71  H N N 190 
GTA H72  H N N 191 
GTA H73  H N N 192 
GTA H8   H N N 193 
GTA HN1  H N N 194 
GTA HO3A H N N 195 
GTA H1A  H N N 196 
GTA H2A  H N N 197 
GTA H3A  H N N 198 
GTA H4A  H N N 199 
GTA H5A1 H N N 200 
GTA H5A2 H N N 201 
GTA HO2A H N N 202 
GTA H122 H N N 203 
GTA H222 H N N 204 
GTA H322 H N N 205 
GTA H5B1 H N N 206 
GTA H5B2 H N N 207 
GTA H4B  H N N 208 
GTA H3B  H N N 209 
GTA HO3B H N N 210 
GTA H2B  H N N 211 
GTA HO2B H N N 212 
GTA H1B  H N N 213 
GTA H8C  H N N 214 
GTA HN61 H N N 215 
GTA HN62 H N N 216 
GTA H2C  H N N 217 
HIS N    N N N 218 
HIS CA   C N S 219 
HIS C    C N N 220 
HIS O    O N N 221 
HIS CB   C N N 222 
HIS CG   C Y N 223 
HIS ND1  N Y N 224 
HIS CD2  C Y N 225 
HIS CE1  C Y N 226 
HIS NE2  N Y N 227 
HIS OXT  O N N 228 
HIS H    H N N 229 
HIS H2   H N N 230 
HIS HA   H N N 231 
HIS HB2  H N N 232 
HIS HB3  H N N 233 
HIS HD1  H N N 234 
HIS HD2  H N N 235 
HIS HE1  H N N 236 
HIS HE2  H N N 237 
HIS HXT  H N N 238 
HOH O    O N N 239 
HOH H1   H N N 240 
HOH H2   H N N 241 
ILE N    N N N 242 
ILE CA   C N S 243 
ILE C    C N N 244 
ILE O    O N N 245 
ILE CB   C N S 246 
ILE CG1  C N N 247 
ILE CG2  C N N 248 
ILE CD1  C N N 249 
ILE OXT  O N N 250 
ILE H    H N N 251 
ILE H2   H N N 252 
ILE HA   H N N 253 
ILE HB   H N N 254 
ILE HG12 H N N 255 
ILE HG13 H N N 256 
ILE HG21 H N N 257 
ILE HG22 H N N 258 
ILE HG23 H N N 259 
ILE HD11 H N N 260 
ILE HD12 H N N 261 
ILE HD13 H N N 262 
ILE HXT  H N N 263 
LEU N    N N N 264 
LEU CA   C N S 265 
LEU C    C N N 266 
LEU O    O N N 267 
LEU CB   C N N 268 
LEU CG   C N N 269 
LEU CD1  C N N 270 
LEU CD2  C N N 271 
LEU OXT  O N N 272 
LEU H    H N N 273 
LEU H2   H N N 274 
LEU HA   H N N 275 
LEU HB2  H N N 276 
LEU HB3  H N N 277 
LEU HG   H N N 278 
LEU HD11 H N N 279 
LEU HD12 H N N 280 
LEU HD13 H N N 281 
LEU HD21 H N N 282 
LEU HD22 H N N 283 
LEU HD23 H N N 284 
LEU HXT  H N N 285 
LYS N    N N N 286 
LYS CA   C N S 287 
LYS C    C N N 288 
LYS O    O N N 289 
LYS CB   C N N 290 
LYS CG   C N N 291 
LYS CD   C N N 292 
LYS CE   C N N 293 
LYS NZ   N N N 294 
LYS OXT  O N N 295 
LYS H    H N N 296 
LYS H2   H N N 297 
LYS HA   H N N 298 
LYS HB2  H N N 299 
LYS HB3  H N N 300 
LYS HG2  H N N 301 
LYS HG3  H N N 302 
LYS HD2  H N N 303 
LYS HD3  H N N 304 
LYS HE2  H N N 305 
LYS HE3  H N N 306 
LYS HZ1  H N N 307 
LYS HZ2  H N N 308 
LYS HZ3  H N N 309 
LYS HXT  H N N 310 
MET N    N N N 311 
MET CA   C N S 312 
MET C    C N N 313 
MET O    O N N 314 
MET CB   C N N 315 
MET CG   C N N 316 
MET SD   S N N 317 
MET CE   C N N 318 
MET OXT  O N N 319 
MET H    H N N 320 
MET H2   H N N 321 
MET HA   H N N 322 
MET HB2  H N N 323 
MET HB3  H N N 324 
MET HG2  H N N 325 
MET HG3  H N N 326 
MET HE1  H N N 327 
MET HE2  H N N 328 
MET HE3  H N N 329 
MET HXT  H N N 330 
PHE N    N N N 331 
PHE CA   C N S 332 
PHE C    C N N 333 
PHE O    O N N 334 
PHE CB   C N N 335 
PHE CG   C Y N 336 
PHE CD1  C Y N 337 
PHE CD2  C Y N 338 
PHE CE1  C Y N 339 
PHE CE2  C Y N 340 
PHE CZ   C Y N 341 
PHE OXT  O N N 342 
PHE H    H N N 343 
PHE H2   H N N 344 
PHE HA   H N N 345 
PHE HB2  H N N 346 
PHE HB3  H N N 347 
PHE HD1  H N N 348 
PHE HD2  H N N 349 
PHE HE1  H N N 350 
PHE HE2  H N N 351 
PHE HZ   H N N 352 
PHE HXT  H N N 353 
PRO N    N N N 354 
PRO CA   C N S 355 
PRO C    C N N 356 
PRO O    O N N 357 
PRO CB   C N N 358 
PRO CG   C N N 359 
PRO CD   C N N 360 
PRO OXT  O N N 361 
PRO H    H N N 362 
PRO HA   H N N 363 
PRO HB2  H N N 364 
PRO HB3  H N N 365 
PRO HG2  H N N 366 
PRO HG3  H N N 367 
PRO HD2  H N N 368 
PRO HD3  H N N 369 
PRO HXT  H N N 370 
SER N    N N N 371 
SER CA   C N S 372 
SER C    C N N 373 
SER O    O N N 374 
SER CB   C N N 375 
SER OG   O N N 376 
SER OXT  O N N 377 
SER H    H N N 378 
SER H2   H N N 379 
SER HA   H N N 380 
SER HB2  H N N 381 
SER HB3  H N N 382 
SER HG   H N N 383 
SER HXT  H N N 384 
THR N    N N N 385 
THR CA   C N S 386 
THR C    C N N 387 
THR O    O N N 388 
THR CB   C N R 389 
THR OG1  O N N 390 
THR CG2  C N N 391 
THR OXT  O N N 392 
THR H    H N N 393 
THR H2   H N N 394 
THR HA   H N N 395 
THR HB   H N N 396 
THR HG1  H N N 397 
THR HG21 H N N 398 
THR HG22 H N N 399 
THR HG23 H N N 400 
THR HXT  H N N 401 
TRP N    N N N 402 
TRP CA   C N S 403 
TRP C    C N N 404 
TRP O    O N N 405 
TRP CB   C N N 406 
TRP CG   C Y N 407 
TRP CD1  C Y N 408 
TRP CD2  C Y N 409 
TRP NE1  N Y N 410 
TRP CE2  C Y N 411 
TRP CE3  C Y N 412 
TRP CZ2  C Y N 413 
TRP CZ3  C Y N 414 
TRP CH2  C Y N 415 
TRP OXT  O N N 416 
TRP H    H N N 417 
TRP H2   H N N 418 
TRP HA   H N N 419 
TRP HB2  H N N 420 
TRP HB3  H N N 421 
TRP HD1  H N N 422 
TRP HE1  H N N 423 
TRP HE3  H N N 424 
TRP HZ2  H N N 425 
TRP HZ3  H N N 426 
TRP HH2  H N N 427 
TRP HXT  H N N 428 
TYR N    N N N 429 
TYR CA   C N S 430 
TYR C    C N N 431 
TYR O    O N N 432 
TYR CB   C N N 433 
TYR CG   C Y N 434 
TYR CD1  C Y N 435 
TYR CD2  C Y N 436 
TYR CE1  C Y N 437 
TYR CE2  C Y N 438 
TYR CZ   C Y N 439 
TYR OH   O N N 440 
TYR OXT  O N N 441 
TYR H    H N N 442 
TYR H2   H N N 443 
TYR HA   H N N 444 
TYR HB2  H N N 445 
TYR HB3  H N N 446 
TYR HD1  H N N 447 
TYR HD2  H N N 448 
TYR HE1  H N N 449 
TYR HE2  H N N 450 
TYR HH   H N N 451 
TYR HXT  H N N 452 
VAL N    N N N 453 
VAL CA   C N S 454 
VAL C    C N N 455 
VAL O    O N N 456 
VAL CB   C N N 457 
VAL CG1  C N N 458 
VAL CG2  C N N 459 
VAL OXT  O N N 460 
VAL H    H N N 461 
VAL H2   H N N 462 
VAL HA   H N N 463 
VAL HB   H N N 464 
VAL HG11 H N N 465 
VAL HG12 H N N 466 
VAL HG13 H N N 467 
VAL HG21 H N N 468 
VAL HG22 H N N 469 
VAL HG23 H N N 470 
VAL HXT  H N N 471 
# 
loop_
_chem_comp_bond.comp_id 
_chem_comp_bond.atom_id_1 
_chem_comp_bond.atom_id_2 
_chem_comp_bond.value_order 
_chem_comp_bond.pdbx_aromatic_flag 
_chem_comp_bond.pdbx_stereo_config 
_chem_comp_bond.pdbx_ordinal 
ALA N   CA   sing N N 1   
ALA N   H    sing N N 2   
ALA N   H2   sing N N 3   
ALA CA  C    sing N N 4   
ALA CA  CB   sing N N 5   
ALA CA  HA   sing N N 6   
ALA C   O    doub N N 7   
ALA C   OXT  sing N N 8   
ALA CB  HB1  sing N N 9   
ALA CB  HB2  sing N N 10  
ALA CB  HB3  sing N N 11  
ALA OXT HXT  sing N N 12  
ARG N   CA   sing N N 13  
ARG N   H    sing N N 14  
ARG N   H2   sing N N 15  
ARG CA  C    sing N N 16  
ARG CA  CB   sing N N 17  
ARG CA  HA   sing N N 18  
ARG C   O    doub N N 19  
ARG C   OXT  sing N N 20  
ARG CB  CG   sing N N 21  
ARG CB  HB2  sing N N 22  
ARG CB  HB3  sing N N 23  
ARG CG  CD   sing N N 24  
ARG CG  HG2  sing N N 25  
ARG CG  HG3  sing N N 26  
ARG CD  NE   sing N N 27  
ARG CD  HD2  sing N N 28  
ARG CD  HD3  sing N N 29  
ARG NE  CZ   sing N N 30  
ARG NE  HE   sing N N 31  
ARG CZ  NH1  sing N N 32  
ARG CZ  NH2  doub N N 33  
ARG NH1 HH11 sing N N 34  
ARG NH1 HH12 sing N N 35  
ARG NH2 HH21 sing N N 36  
ARG NH2 HH22 sing N N 37  
ARG OXT HXT  sing N N 38  
ASN N   CA   sing N N 39  
ASN N   H    sing N N 40  
ASN N   H2   sing N N 41  
ASN CA  C    sing N N 42  
ASN CA  CB   sing N N 43  
ASN CA  HA   sing N N 44  
ASN C   O    doub N N 45  
ASN C   OXT  sing N N 46  
ASN CB  CG   sing N N 47  
ASN CB  HB2  sing N N 48  
ASN CB  HB3  sing N N 49  
ASN CG  OD1  doub N N 50  
ASN CG  ND2  sing N N 51  
ASN ND2 HD21 sing N N 52  
ASN ND2 HD22 sing N N 53  
ASN OXT HXT  sing N N 54  
ASP N   CA   sing N N 55  
ASP N   H    sing N N 56  
ASP N   H2   sing N N 57  
ASP CA  C    sing N N 58  
ASP CA  CB   sing N N 59  
ASP CA  HA   sing N N 60  
ASP C   O    doub N N 61  
ASP C   OXT  sing N N 62  
ASP CB  CG   sing N N 63  
ASP CB  HB2  sing N N 64  
ASP CB  HB3  sing N N 65  
ASP CG  OD1  doub N N 66  
ASP CG  OD2  sing N N 67  
ASP OD2 HD2  sing N N 68  
ASP OXT HXT  sing N N 69  
CYS N   CA   sing N N 70  
CYS N   H    sing N N 71  
CYS N   H2   sing N N 72  
CYS CA  C    sing N N 73  
CYS CA  CB   sing N N 74  
CYS CA  HA   sing N N 75  
CYS C   O    doub N N 76  
CYS C   OXT  sing N N 77  
CYS CB  SG   sing N N 78  
CYS CB  HB2  sing N N 79  
CYS CB  HB3  sing N N 80  
CYS SG  HG   sing N N 81  
CYS OXT HXT  sing N N 82  
GLN N   CA   sing N N 83  
GLN N   H    sing N N 84  
GLN N   H2   sing N N 85  
GLN CA  C    sing N N 86  
GLN CA  CB   sing N N 87  
GLN CA  HA   sing N N 88  
GLN C   O    doub N N 89  
GLN C   OXT  sing N N 90  
GLN CB  CG   sing N N 91  
GLN CB  HB2  sing N N 92  
GLN CB  HB3  sing N N 93  
GLN CG  CD   sing N N 94  
GLN CG  HG2  sing N N 95  
GLN CG  HG3  sing N N 96  
GLN CD  OE1  doub N N 97  
GLN CD  NE2  sing N N 98  
GLN NE2 HE21 sing N N 99  
GLN NE2 HE22 sing N N 100 
GLN OXT HXT  sing N N 101 
GLU N   CA   sing N N 102 
GLU N   H    sing N N 103 
GLU N   H2   sing N N 104 
GLU CA  C    sing N N 105 
GLU CA  CB   sing N N 106 
GLU CA  HA   sing N N 107 
GLU C   O    doub N N 108 
GLU C   OXT  sing N N 109 
GLU CB  CG   sing N N 110 
GLU CB  HB2  sing N N 111 
GLU CB  HB3  sing N N 112 
GLU CG  CD   sing N N 113 
GLU CG  HG2  sing N N 114 
GLU CG  HG3  sing N N 115 
GLU CD  OE1  doub N N 116 
GLU CD  OE2  sing N N 117 
GLU OE2 HE2  sing N N 118 
GLU OXT HXT  sing N N 119 
GLY N   CA   sing N N 120 
GLY N   H    sing N N 121 
GLY N   H2   sing N N 122 
GLY CA  C    sing N N 123 
GLY CA  HA2  sing N N 124 
GLY CA  HA3  sing N N 125 
GLY C   O    doub N N 126 
GLY C   OXT  sing N N 127 
GLY OXT HXT  sing N N 128 
GTA N2  C2   sing N N 129 
GTA N2  HN21 sing N N 130 
GTA N2  HN22 sing N N 131 
GTA O6  C6   doub N N 132 
GTA C6  C5   sing N N 133 
GTA C6  N1   sing N N 134 
GTA C5  N7   sing Y N 135 
GTA C5  C4   doub Y N 136 
GTA N7  C7   sing N N 137 
GTA N7  C8   doub Y N 138 
GTA C7  H71  sing N N 139 
GTA C7  H72  sing N N 140 
GTA C7  H73  sing N N 141 
GTA C8  N9   sing Y N 142 
GTA C8  H8   sing N N 143 
GTA N9  C4   sing Y N 144 
GTA N9  C1A  sing N N 145 
GTA C4  N3   sing N N 146 
GTA N3  C2   doub N N 147 
GTA C2  N1   sing N N 148 
GTA N1  HN1  sing N N 149 
GTA O3A C3A  sing N N 150 
GTA O3A HO3A sing N N 151 
GTA C1A C2A  sing N N 152 
GTA C1A O4A  sing N N 153 
GTA C1A H1A  sing N N 154 
GTA C2A C3A  sing N N 155 
GTA C2A O2A  sing N N 156 
GTA C2A H2A  sing N N 157 
GTA C3A C4A  sing N N 158 
GTA C3A H3A  sing N N 159 
GTA C4A C5A  sing N N 160 
GTA C4A O4A  sing N N 161 
GTA C4A H4A  sing N N 162 
GTA C5A O15  sing N N 163 
GTA C5A H5A1 sing N N 164 
GTA C5A H5A2 sing N N 165 
GTA O2A HO2A sing N N 166 
GTA P1  O11  doub N N 167 
GTA P1  O12  sing N N 168 
GTA P1  O13  sing N N 169 
GTA P1  O15  sing N N 170 
GTA O12 H122 sing N N 171 
GTA O13 P2   sing N N 172 
GTA P2  O22  sing N N 173 
GTA P2  O21  doub N N 174 
GTA P2  O23  sing N N 175 
GTA O22 H222 sing N N 176 
GTA O23 P3   sing N N 177 
GTA P3  O32  sing N N 178 
GTA P3  O31  doub N N 179 
GTA P3  O33  sing N N 180 
GTA O32 H322 sing N N 181 
GTA O33 C5B  sing N N 182 
GTA C5B C4B  sing N N 183 
GTA C5B H5B1 sing N N 184 
GTA C5B H5B2 sing N N 185 
GTA C4B O4B  sing N N 186 
GTA C4B C3B  sing N N 187 
GTA C4B H4B  sing N N 188 
GTA O4B C1B  sing N N 189 
GTA C3B O3B  sing N N 190 
GTA C3B C2B  sing N N 191 
GTA C3B H3B  sing N N 192 
GTA O3B HO3B sing N N 193 
GTA C2B O2B  sing N N 194 
GTA C2B C1B  sing N N 195 
GTA C2B H2B  sing N N 196 
GTA O2B HO2B sing N N 197 
GTA C1B N9C  sing N N 198 
GTA C1B H1B  sing N N 199 
GTA N9C C8C  sing Y N 200 
GTA N9C C4C  sing Y N 201 
GTA C8C N7C  doub Y N 202 
GTA C8C H8C  sing N N 203 
GTA N7C C5C  sing Y N 204 
GTA C5C C6C  doub Y N 205 
GTA C5C C4C  sing Y N 206 
GTA C6C N6C  sing N N 207 
GTA C6C N1C  sing Y N 208 
GTA N6C HN61 sing N N 209 
GTA N6C HN62 sing N N 210 
GTA N1C C2C  doub Y N 211 
GTA C2C N3C  sing Y N 212 
GTA C2C H2C  sing N N 213 
GTA N3C C4C  doub Y N 214 
HIS N   CA   sing N N 215 
HIS N   H    sing N N 216 
HIS N   H2   sing N N 217 
HIS CA  C    sing N N 218 
HIS CA  CB   sing N N 219 
HIS CA  HA   sing N N 220 
HIS C   O    doub N N 221 
HIS C   OXT  sing N N 222 
HIS CB  CG   sing N N 223 
HIS CB  HB2  sing N N 224 
HIS CB  HB3  sing N N 225 
HIS CG  ND1  sing Y N 226 
HIS CG  CD2  doub Y N 227 
HIS ND1 CE1  doub Y N 228 
HIS ND1 HD1  sing N N 229 
HIS CD2 NE2  sing Y N 230 
HIS CD2 HD2  sing N N 231 
HIS CE1 NE2  sing Y N 232 
HIS CE1 HE1  sing N N 233 
HIS NE2 HE2  sing N N 234 
HIS OXT HXT  sing N N 235 
HOH O   H1   sing N N 236 
HOH O   H2   sing N N 237 
ILE N   CA   sing N N 238 
ILE N   H    sing N N 239 
ILE N   H2   sing N N 240 
ILE CA  C    sing N N 241 
ILE CA  CB   sing N N 242 
ILE CA  HA   sing N N 243 
ILE C   O    doub N N 244 
ILE C   OXT  sing N N 245 
ILE CB  CG1  sing N N 246 
ILE CB  CG2  sing N N 247 
ILE CB  HB   sing N N 248 
ILE CG1 CD1  sing N N 249 
ILE CG1 HG12 sing N N 250 
ILE CG1 HG13 sing N N 251 
ILE CG2 HG21 sing N N 252 
ILE CG2 HG22 sing N N 253 
ILE CG2 HG23 sing N N 254 
ILE CD1 HD11 sing N N 255 
ILE CD1 HD12 sing N N 256 
ILE CD1 HD13 sing N N 257 
ILE OXT HXT  sing N N 258 
LEU N   CA   sing N N 259 
LEU N   H    sing N N 260 
LEU N   H2   sing N N 261 
LEU CA  C    sing N N 262 
LEU CA  CB   sing N N 263 
LEU CA  HA   sing N N 264 
LEU C   O    doub N N 265 
LEU C   OXT  sing N N 266 
LEU CB  CG   sing N N 267 
LEU CB  HB2  sing N N 268 
LEU CB  HB3  sing N N 269 
LEU CG  CD1  sing N N 270 
LEU CG  CD2  sing N N 271 
LEU CG  HG   sing N N 272 
LEU CD1 HD11 sing N N 273 
LEU CD1 HD12 sing N N 274 
LEU CD1 HD13 sing N N 275 
LEU CD2 HD21 sing N N 276 
LEU CD2 HD22 sing N N 277 
LEU CD2 HD23 sing N N 278 
LEU OXT HXT  sing N N 279 
LYS N   CA   sing N N 280 
LYS N   H    sing N N 281 
LYS N   H2   sing N N 282 
LYS CA  C    sing N N 283 
LYS CA  CB   sing N N 284 
LYS CA  HA   sing N N 285 
LYS C   O    doub N N 286 
LYS C   OXT  sing N N 287 
LYS CB  CG   sing N N 288 
LYS CB  HB2  sing N N 289 
LYS CB  HB3  sing N N 290 
LYS CG  CD   sing N N 291 
LYS CG  HG2  sing N N 292 
LYS CG  HG3  sing N N 293 
LYS CD  CE   sing N N 294 
LYS CD  HD2  sing N N 295 
LYS CD  HD3  sing N N 296 
LYS CE  NZ   sing N N 297 
LYS CE  HE2  sing N N 298 
LYS CE  HE3  sing N N 299 
LYS NZ  HZ1  sing N N 300 
LYS NZ  HZ2  sing N N 301 
LYS NZ  HZ3  sing N N 302 
LYS OXT HXT  sing N N 303 
MET N   CA   sing N N 304 
MET N   H    sing N N 305 
MET N   H2   sing N N 306 
MET CA  C    sing N N 307 
MET CA  CB   sing N N 308 
MET CA  HA   sing N N 309 
MET C   O    doub N N 310 
MET C   OXT  sing N N 311 
MET CB  CG   sing N N 312 
MET CB  HB2  sing N N 313 
MET CB  HB3  sing N N 314 
MET CG  SD   sing N N 315 
MET CG  HG2  sing N N 316 
MET CG  HG3  sing N N 317 
MET SD  CE   sing N N 318 
MET CE  HE1  sing N N 319 
MET CE  HE2  sing N N 320 
MET CE  HE3  sing N N 321 
MET OXT HXT  sing N N 322 
PHE N   CA   sing N N 323 
PHE N   H    sing N N 324 
PHE N   H2   sing N N 325 
PHE CA  C    sing N N 326 
PHE CA  CB   sing N N 327 
PHE CA  HA   sing N N 328 
PHE C   O    doub N N 329 
PHE C   OXT  sing N N 330 
PHE CB  CG   sing N N 331 
PHE CB  HB2  sing N N 332 
PHE CB  HB3  sing N N 333 
PHE CG  CD1  doub Y N 334 
PHE CG  CD2  sing Y N 335 
PHE CD1 CE1  sing Y N 336 
PHE CD1 HD1  sing N N 337 
PHE CD2 CE2  doub Y N 338 
PHE CD2 HD2  sing N N 339 
PHE CE1 CZ   doub Y N 340 
PHE CE1 HE1  sing N N 341 
PHE CE2 CZ   sing Y N 342 
PHE CE2 HE2  sing N N 343 
PHE CZ  HZ   sing N N 344 
PHE OXT HXT  sing N N 345 
PRO N   CA   sing N N 346 
PRO N   CD   sing N N 347 
PRO N   H    sing N N 348 
PRO CA  C    sing N N 349 
PRO CA  CB   sing N N 350 
PRO CA  HA   sing N N 351 
PRO C   O    doub N N 352 
PRO C   OXT  sing N N 353 
PRO CB  CG   sing N N 354 
PRO CB  HB2  sing N N 355 
PRO CB  HB3  sing N N 356 
PRO CG  CD   sing N N 357 
PRO CG  HG2  sing N N 358 
PRO CG  HG3  sing N N 359 
PRO CD  HD2  sing N N 360 
PRO CD  HD3  sing N N 361 
PRO OXT HXT  sing N N 362 
SER N   CA   sing N N 363 
SER N   H    sing N N 364 
SER N   H2   sing N N 365 
SER CA  C    sing N N 366 
SER CA  CB   sing N N 367 
SER CA  HA   sing N N 368 
SER C   O    doub N N 369 
SER C   OXT  sing N N 370 
SER CB  OG   sing N N 371 
SER CB  HB2  sing N N 372 
SER CB  HB3  sing N N 373 
SER OG  HG   sing N N 374 
SER OXT HXT  sing N N 375 
THR N   CA   sing N N 376 
THR N   H    sing N N 377 
THR N   H2   sing N N 378 
THR CA  C    sing N N 379 
THR CA  CB   sing N N 380 
THR CA  HA   sing N N 381 
THR C   O    doub N N 382 
THR C   OXT  sing N N 383 
THR CB  OG1  sing N N 384 
THR CB  CG2  sing N N 385 
THR CB  HB   sing N N 386 
THR OG1 HG1  sing N N 387 
THR CG2 HG21 sing N N 388 
THR CG2 HG22 sing N N 389 
THR CG2 HG23 sing N N 390 
THR OXT HXT  sing N N 391 
TRP N   CA   sing N N 392 
TRP N   H    sing N N 393 
TRP N   H2   sing N N 394 
TRP CA  C    sing N N 395 
TRP CA  CB   sing N N 396 
TRP CA  HA   sing N N 397 
TRP C   O    doub N N 398 
TRP C   OXT  sing N N 399 
TRP CB  CG   sing N N 400 
TRP CB  HB2  sing N N 401 
TRP CB  HB3  sing N N 402 
TRP CG  CD1  doub Y N 403 
TRP CG  CD2  sing Y N 404 
TRP CD1 NE1  sing Y N 405 
TRP CD1 HD1  sing N N 406 
TRP CD2 CE2  doub Y N 407 
TRP CD2 CE3  sing Y N 408 
TRP NE1 CE2  sing Y N 409 
TRP NE1 HE1  sing N N 410 
TRP CE2 CZ2  sing Y N 411 
TRP CE3 CZ3  doub Y N 412 
TRP CE3 HE3  sing N N 413 
TRP CZ2 CH2  doub Y N 414 
TRP CZ2 HZ2  sing N N 415 
TRP CZ3 CH2  sing Y N 416 
TRP CZ3 HZ3  sing N N 417 
TRP CH2 HH2  sing N N 418 
TRP OXT HXT  sing N N 419 
TYR N   CA   sing N N 420 
TYR N   H    sing N N 421 
TYR N   H2   sing N N 422 
TYR CA  C    sing N N 423 
TYR CA  CB   sing N N 424 
TYR CA  HA   sing N N 425 
TYR C   O    doub N N 426 
TYR C   OXT  sing N N 427 
TYR CB  CG   sing N N 428 
TYR CB  HB2  sing N N 429 
TYR CB  HB3  sing N N 430 
TYR CG  CD1  doub Y N 431 
TYR CG  CD2  sing Y N 432 
TYR CD1 CE1  sing Y N 433 
TYR CD1 HD1  sing N N 434 
TYR CD2 CE2  doub Y N 435 
TYR CD2 HD2  sing N N 436 
TYR CE1 CZ   doub Y N 437 
TYR CE1 HE1  sing N N 438 
TYR CE2 CZ   sing Y N 439 
TYR CE2 HE2  sing N N 440 
TYR CZ  OH   sing N N 441 
TYR OH  HH   sing N N 442 
TYR OXT HXT  sing N N 443 
VAL N   CA   sing N N 444 
VAL N   H    sing N N 445 
VAL N   H2   sing N N 446 
VAL CA  C    sing N N 447 
VAL CA  CB   sing N N 448 
VAL CA  HA   sing N N 449 
VAL C   O    doub N N 450 
VAL C   OXT  sing N N 451 
VAL CB  CG1  sing N N 452 
VAL CB  CG2  sing N N 453 
VAL CB  HB   sing N N 454 
VAL CG1 HG11 sing N N 455 
VAL CG1 HG12 sing N N 456 
VAL CG1 HG13 sing N N 457 
VAL CG2 HG21 sing N N 458 
VAL CG2 HG22 sing N N 459 
VAL CG2 HG23 sing N N 460 
VAL OXT HXT  sing N N 461 
# 
_atom_sites.entry_id                    1IPB 
_atom_sites.fract_transf_matrix[1][1]   -0.00945613 
_atom_sites.fract_transf_matrix[1][2]   0.00320227 
_atom_sites.fract_transf_matrix[1][3]   0.00508275 
_atom_sites.fract_transf_matrix[2][1]   -0.00580277 
_atom_sites.fract_transf_matrix[2][2]   -0.00241607 
_atom_sites.fract_transf_matrix[2][3]   -0.00927349 
_atom_sites.fract_transf_matrix[3][1]   -0.00360331 
_atom_sites.fract_transf_matrix[3][2]   -0.02424524 
_atom_sites.fract_transf_matrix[3][3]   0.00857145 
_atom_sites.fract_transf_vector[1]      -0.013426 
_atom_sites.fract_transf_vector[2]      -0.712738 
_atom_sites.fract_transf_vector[3]      0.708488 
# 
loop_
_atom_type.symbol 
C 
N 
O 
P 
S 
# 
loop_
_atom_site.group_PDB 
_atom_site.id 
_atom_site.type_symbol 
_atom_site.label_atom_id 
_atom_site.label_alt_id 
_atom_site.label_comp_id 
_atom_site.label_asym_id 
_atom_site.label_entity_id 
_atom_site.label_seq_id 
_atom_site.pdbx_PDB_ins_code 
_atom_site.Cartn_x 
_atom_site.Cartn_y 
_atom_site.Cartn_z 
_atom_site.occupancy 
_atom_site.B_iso_or_equiv 
_atom_site.pdbx_formal_charge 
_atom_site.auth_seq_id 
_atom_site.auth_comp_id 
_atom_site.auth_asym_id 
_atom_site.auth_atom_id 
_atom_site.pdbx_PDB_model_num 
ATOM   1    N N   . GLU A 1 27  ? -4.994  -37.701 -21.516 1.00 52.36 ? 27   GLU A N   1 
ATOM   2    C CA  . GLU A 1 27  ? -5.651  -36.963 -22.633 1.00 50.78 ? 27   GLU A CA  1 
ATOM   3    C C   . GLU A 1 27  ? -6.556  -35.844 -22.138 1.00 48.68 ? 27   GLU A C   1 
ATOM   4    O O   . GLU A 1 27  ? -7.780  -35.968 -22.166 1.00 48.26 ? 27   GLU A O   1 
ATOM   5    C CB  . GLU A 1 27  ? -6.462  -37.933 -23.495 1.00 52.78 ? 27   GLU A CB  1 
ATOM   6    C CG  . GLU A 1 27  ? -5.611  -38.766 -24.432 1.00 56.48 ? 27   GLU A CG  1 
ATOM   7    C CD  . GLU A 1 27  ? -4.895  -37.912 -25.459 1.00 57.76 ? 27   GLU A CD  1 
ATOM   8    O OE1 . GLU A 1 27  ? -5.576  -37.363 -26.352 1.00 59.71 ? 27   GLU A OE1 1 
ATOM   9    O OE2 . GLU A 1 27  ? -3.657  -37.778 -25.369 1.00 58.59 ? 27   GLU A OE2 1 
ATOM   10   N N   . VAL A 1 28  ? -5.949  -34.754 -21.677 1.00 45.84 ? 28   VAL A N   1 
ATOM   11   C CA  . VAL A 1 28  ? -6.707  -33.607 -21.195 1.00 42.76 ? 28   VAL A CA  1 
ATOM   12   C C   . VAL A 1 28  ? -6.186  -32.334 -21.847 1.00 41.48 ? 28   VAL A C   1 
ATOM   13   O O   . VAL A 1 28  ? -5.044  -32.284 -22.306 1.00 40.87 ? 28   VAL A O   1 
ATOM   14   C CB  . VAL A 1 28  ? -6.620  -33.462 -19.655 1.00 43.15 ? 28   VAL A CB  1 
ATOM   15   C CG1 . VAL A 1 28  ? -7.301  -34.649 -18.984 1.00 42.21 ? 28   VAL A CG1 1 
ATOM   16   C CG2 . VAL A 1 28  ? -5.165  -33.351 -19.216 1.00 42.16 ? 28   VAL A CG2 1 
ATOM   17   N N   . ALA A 1 29  ? -7.032  -31.309 -21.889 1.00 38.62 ? 29   ALA A N   1 
ATOM   18   C CA  . ALA A 1 29  ? -6.668  -30.036 -22.494 1.00 37.27 ? 29   ALA A CA  1 
ATOM   19   C C   . ALA A 1 29  ? -5.410  -29.449 -21.864 1.00 35.96 ? 29   ALA A C   1 
ATOM   20   O O   . ALA A 1 29  ? -5.076  -29.749 -20.718 1.00 34.50 ? 29   ALA A O   1 
ATOM   21   C CB  . ALA A 1 29  ? -7.825  -29.052 -22.365 1.00 36.70 ? 29   ALA A CB  1 
ATOM   22   N N   . ASN A 1 30  ? -4.718  -28.612 -22.629 1.00 35.05 ? 30   ASN A N   1 
ATOM   23   C CA  . ASN A 1 30  ? -3.504  -27.960 -22.160 1.00 34.97 ? 30   ASN A CA  1 
ATOM   24   C C   . ASN A 1 30  ? -3.911  -26.754 -21.311 1.00 34.71 ? 30   ASN A C   1 
ATOM   25   O O   . ASN A 1 30  ? -4.455  -25.774 -21.825 1.00 32.71 ? 30   ASN A O   1 
ATOM   26   C CB  . ASN A 1 30  ? -2.662  -27.516 -23.357 1.00 35.35 ? 30   ASN A CB  1 
ATOM   27   C CG  . ASN A 1 30  ? -1.319  -26.934 -22.954 1.00 37.91 ? 30   ASN A CG  1 
ATOM   28   O OD1 . ASN A 1 30  ? -0.455  -26.707 -23.801 1.00 38.40 ? 30   ASN A OD1 1 
ATOM   29   N ND2 . ASN A 1 30  ? -1.139  -26.680 -21.661 1.00 36.44 ? 30   ASN A ND2 1 
ATOM   30   N N   . PRO A 1 31  ? -3.651  -26.814 -19.994 1.00 33.92 ? 31   PRO A N   1 
ATOM   31   C CA  . PRO A 1 31  ? -3.990  -25.736 -19.058 1.00 34.11 ? 31   PRO A CA  1 
ATOM   32   C C   . PRO A 1 31  ? -3.551  -24.336 -19.488 1.00 33.53 ? 31   PRO A C   1 
ATOM   33   O O   . PRO A 1 31  ? -4.173  -23.344 -19.105 1.00 33.15 ? 31   PRO A O   1 
ATOM   34   C CB  . PRO A 1 31  ? -3.331  -26.191 -17.751 1.00 34.56 ? 31   PRO A CB  1 
ATOM   35   C CG  . PRO A 1 31  ? -2.193  -27.057 -18.220 1.00 35.17 ? 31   PRO A CG  1 
ATOM   36   C CD  . PRO A 1 31  ? -2.838  -27.844 -19.325 1.00 34.09 ? 31   PRO A CD  1 
ATOM   37   N N   . GLU A 1 32  ? -2.496  -24.249 -20.289 1.00 33.12 ? 32   GLU A N   1 
ATOM   38   C CA  . GLU A 1 32  ? -2.029  -22.942 -20.744 1.00 33.94 ? 32   GLU A CA  1 
ATOM   39   C C   . GLU A 1 32  ? -3.068  -22.216 -21.598 1.00 32.07 ? 32   GLU A C   1 
ATOM   40   O O   . GLU A 1 32  ? -3.095  -20.983 -21.646 1.00 31.49 ? 32   GLU A O   1 
ATOM   41   C CB  . GLU A 1 32  ? -0.722  -23.073 -21.534 1.00 36.84 ? 32   GLU A CB  1 
ATOM   42   C CG  . GLU A 1 32  ? -0.358  -21.820 -22.340 1.00 43.03 ? 32   GLU A CG  1 
ATOM   43   C CD  . GLU A 1 32  ? -0.388  -20.539 -21.508 1.00 46.48 ? 32   GLU A CD  1 
ATOM   44   O OE1 . GLU A 1 32  ? -0.327  -19.438 -22.102 1.00 48.15 ? 32   GLU A OE1 1 
ATOM   45   O OE2 . GLU A 1 32  ? -0.471  -20.630 -20.264 1.00 48.73 ? 32   GLU A OE2 1 
ATOM   46   N N   . HIS A 1 33  ? -3.933  -22.979 -22.257 1.00 29.78 ? 33   HIS A N   1 
ATOM   47   C CA  . HIS A 1 33  ? -4.947  -22.386 -23.116 1.00 29.13 ? 33   HIS A CA  1 
ATOM   48   C C   . HIS A 1 33  ? -6.220  -21.912 -22.417 1.00 26.44 ? 33   HIS A C   1 
ATOM   49   O O   . HIS A 1 33  ? -7.002  -21.182 -23.021 1.00 27.14 ? 33   HIS A O   1 
ATOM   50   C CB  . HIS A 1 33  ? -5.355  -23.371 -24.220 1.00 30.54 ? 33   HIS A CB  1 
ATOM   51   C CG  . HIS A 1 33  ? -4.205  -23.932 -24.997 1.00 33.27 ? 33   HIS A CG  1 
ATOM   52   N ND1 . HIS A 1 33  ? -3.115  -23.176 -25.370 1.00 35.09 ? 33   HIS A ND1 1 
ATOM   53   C CD2 . HIS A 1 33  ? -4.003  -25.166 -25.519 1.00 33.42 ? 33   HIS A CD2 1 
ATOM   54   C CE1 . HIS A 1 33  ? -2.291  -23.918 -26.090 1.00 34.80 ? 33   HIS A CE1 1 
ATOM   55   N NE2 . HIS A 1 33  ? -2.808  -25.129 -26.195 1.00 34.25 ? 33   HIS A NE2 1 
ATOM   56   N N   . TYR A 1 34  ? -6.439  -22.298 -21.159 1.00 24.76 ? 34   TYR A N   1 
ATOM   57   C CA  . TYR A 1 34  ? -7.684  -21.903 -20.498 1.00 21.94 ? 34   TYR A CA  1 
ATOM   58   C C   . TYR A 1 34  ? -7.686  -21.519 -19.017 1.00 20.98 ? 34   TYR A C   1 
ATOM   59   O O   . TYR A 1 34  ? -8.671  -20.947 -18.545 1.00 21.10 ? 34   TYR A O   1 
ATOM   60   C CB  . TYR A 1 34  ? -8.732  -23.006 -20.716 1.00 22.25 ? 34   TYR A CB  1 
ATOM   61   C CG  . TYR A 1 34  ? -8.476  -24.250 -19.896 1.00 22.11 ? 34   TYR A CG  1 
ATOM   62   C CD1 . TYR A 1 34  ? -8.958  -24.356 -18.592 1.00 21.88 ? 34   TYR A CD1 1 
ATOM   63   C CD2 . TYR A 1 34  ? -7.697  -25.296 -20.396 1.00 22.52 ? 34   TYR A CD2 1 
ATOM   64   C CE1 . TYR A 1 34  ? -8.666  -25.467 -17.804 1.00 22.95 ? 34   TYR A CE1 1 
ATOM   65   C CE2 . TYR A 1 34  ? -7.397  -26.414 -19.613 1.00 21.38 ? 34   TYR A CE2 1 
ATOM   66   C CZ  . TYR A 1 34  ? -7.883  -26.489 -18.318 1.00 22.83 ? 34   TYR A CZ  1 
ATOM   67   O OH  . TYR A 1 34  ? -7.565  -27.564 -17.511 1.00 24.36 ? 34   TYR A OH  1 
ATOM   68   N N   . ILE A 1 35  ? -6.635  -21.831 -18.263 1.00 19.72 ? 35   ILE A N   1 
ATOM   69   C CA  . ILE A 1 35  ? -6.666  -21.458 -16.848 1.00 20.21 ? 35   ILE A CA  1 
ATOM   70   C C   . ILE A 1 35  ? -6.199  -20.023 -16.636 1.00 20.01 ? 35   ILE A C   1 
ATOM   71   O O   . ILE A 1 35  ? -5.360  -19.517 -17.385 1.00 19.64 ? 35   ILE A O   1 
ATOM   72   C CB  . ILE A 1 35  ? -5.784  -22.385 -15.957 1.00 20.64 ? 35   ILE A CB  1 
ATOM   73   C CG1 . ILE A 1 35  ? -4.299  -22.097 -16.186 1.00 21.43 ? 35   ILE A CG1 1 
ATOM   74   C CG2 . ILE A 1 35  ? -6.091  -23.842 -16.257 1.00 21.98 ? 35   ILE A CG2 1 
ATOM   75   C CD1 . ILE A 1 35  ? -3.375  -22.797 -15.183 1.00 23.04 ? 35   ILE A CD1 1 
ATOM   76   N N   . LYS A 1 36  ? -6.756  -19.362 -15.623 1.00 18.74 ? 36   LYS A N   1 
ATOM   77   C CA  . LYS A 1 36  ? -6.355  -17.995 -15.297 1.00 18.18 ? 36   LYS A CA  1 
ATOM   78   C C   . LYS A 1 36  ? -4.939  -18.070 -14.722 1.00 19.06 ? 36   LYS A C   1 
ATOM   79   O O   . LYS A 1 36  ? -4.553  -19.101 -14.169 1.00 18.23 ? 36   LYS A O   1 
ATOM   80   C CB  . LYS A 1 36  ? -7.274  -17.397 -14.229 1.00 19.29 ? 36   LYS A CB  1 
ATOM   81   C CG  . LYS A 1 36  ? -8.725  -17.164 -14.633 1.00 18.62 ? 36   LYS A CG  1 
ATOM   82   C CD  . LYS A 1 36  ? -9.494  -16.719 -13.395 1.00 22.78 ? 36   LYS A CD  1 
ATOM   83   C CE  . LYS A 1 36  ? -10.927 -16.341 -13.672 1.00 21.98 ? 36   LYS A CE  1 
ATOM   84   N NZ  . LYS A 1 36  ? -11.611 -16.020 -12.385 1.00 22.56 ? 36   LYS A NZ  1 
ATOM   85   N N   . HIS A 1 37  ? -4.168  -16.992 -14.844 1.00 19.98 ? 37   HIS A N   1 
ATOM   86   C CA  . HIS A 1 37  ? -2.808  -16.976 -14.306 1.00 21.80 ? 37   HIS A CA  1 
ATOM   87   C C   . HIS A 1 37  ? -2.881  -16.603 -12.827 1.00 20.92 ? 37   HIS A C   1 
ATOM   88   O O   . HIS A 1 37  ? -3.260  -15.488 -12.468 1.00 20.58 ? 37   HIS A O   1 
ATOM   89   C CB  . HIS A 1 37  ? -1.937  -15.984 -15.082 1.00 22.79 ? 37   HIS A CB  1 
ATOM   90   C CG  . HIS A 1 37  ? -1.774  -16.341 -16.528 1.00 25.94 ? 37   HIS A CG  1 
ATOM   91   N ND1 . HIS A 1 37  ? -2.788  -16.192 -17.451 1.00 26.42 ? 37   HIS A ND1 1 
ATOM   92   C CD2 . HIS A 1 37  ? -0.729  -16.881 -17.202 1.00 27.04 ? 37   HIS A CD2 1 
ATOM   93   C CE1 . HIS A 1 37  ? -2.374  -16.623 -18.630 1.00 28.85 ? 37   HIS A CE1 1 
ATOM   94   N NE2 . HIS A 1 37  ? -1.128  -17.047 -18.506 1.00 26.93 ? 37   HIS A NE2 1 
ATOM   95   N N   . PRO A 1 38  ? -2.509  -17.544 -11.947 1.00 20.70 ? 38   PRO A N   1 
ATOM   96   C CA  . PRO A 1 38  ? -2.540  -17.340 -10.498 1.00 19.97 ? 38   PRO A CA  1 
ATOM   97   C C   . PRO A 1 38  ? -1.470  -16.447 -9.881  1.00 19.90 ? 38   PRO A C   1 
ATOM   98   O O   . PRO A 1 38  ? -0.340  -16.366 -10.373 1.00 18.79 ? 38   PRO A O   1 
ATOM   99   C CB  . PRO A 1 38  ? -2.467  -18.764 -9.963  1.00 21.06 ? 38   PRO A CB  1 
ATOM   100  C CG  . PRO A 1 38  ? -1.523  -19.412 -10.936 1.00 22.42 ? 38   PRO A CG  1 
ATOM   101  C CD  . PRO A 1 38  ? -2.018  -18.896 -12.278 1.00 21.55 ? 38   PRO A CD  1 
ATOM   102  N N   . LEU A 1 39  ? -1.859  -15.783 -8.793  1.00 18.67 ? 39   LEU A N   1 
ATOM   103  C CA  . LEU A 1 39  ? -0.972  -14.913 -8.021  1.00 18.44 ? 39   LEU A CA  1 
ATOM   104  C C   . LEU A 1 39  ? -0.580  -15.719 -6.779  1.00 19.65 ? 39   LEU A C   1 
ATOM   105  O O   . LEU A 1 39  ? -1.323  -16.614 -6.358  1.00 18.86 ? 39   LEU A O   1 
ATOM   106  C CB  . LEU A 1 39  ? -1.709  -13.637 -7.591  1.00 15.91 ? 39   LEU A CB  1 
ATOM   107  C CG  . LEU A 1 39  ? -2.267  -12.712 -8.682  1.00 14.25 ? 39   LEU A CG  1 
ATOM   108  C CD1 . LEU A 1 39  ? -3.081  -11.602 -8.051  1.00 14.40 ? 39   LEU A CD1 1 
ATOM   109  C CD2 . LEU A 1 39  ? -1.124  -12.126 -9.498  1.00 15.23 ? 39   LEU A CD2 1 
ATOM   110  N N   . GLN A 1 40  ? 0.576   -15.417 -6.193  1.00 19.91 ? 40   GLN A N   1 
ATOM   111  C CA  . GLN A 1 40  ? 1.023   -16.144 -5.003  1.00 21.17 ? 40   GLN A CA  1 
ATOM   112  C C   . GLN A 1 40  ? 0.066   -15.937 -3.827  1.00 21.19 ? 40   GLN A C   1 
ATOM   113  O O   . GLN A 1 40  ? -0.178  -16.857 -3.050  1.00 22.15 ? 40   GLN A O   1 
ATOM   114  C CB  . GLN A 1 40  ? 2.438   -15.701 -4.618  1.00 26.15 ? 40   GLN A CB  1 
ATOM   115  C CG  . GLN A 1 40  ? 2.962   -16.293 -3.313  1.00 32.34 ? 40   GLN A CG  1 
ATOM   116  C CD  . GLN A 1 40  ? 4.419   -15.941 -3.068  1.00 37.73 ? 40   GLN A CD  1 
ATOM   117  O OE1 . GLN A 1 40  ? 4.953   -16.160 -1.977  1.00 41.38 ? 40   GLN A OE1 1 
ATOM   118  N NE2 . GLN A 1 40  ? 5.074   -15.397 -4.089  1.00 40.37 ? 40   GLN A NE2 1 
ATOM   119  N N   . ASN A 1 41  ? -0.477  -14.728 -3.698  1.00 20.19 ? 41   ASN A N   1 
ATOM   120  C CA  . ASN A 1 41  ? -1.416  -14.421 -2.618  1.00 19.04 ? 41   ASN A CA  1 
ATOM   121  C C   . ASN A 1 41  ? -2.754  -13.932 -3.157  1.00 19.00 ? 41   ASN A C   1 
ATOM   122  O O   . ASN A 1 41  ? -2.859  -13.525 -4.315  1.00 18.58 ? 41   ASN A O   1 
ATOM   123  C CB  . ASN A 1 41  ? -0.870  -13.310 -1.704  1.00 19.69 ? 41   ASN A CB  1 
ATOM   124  C CG  . ASN A 1 41  ? 0.127   -13.814 -0.675  1.00 20.70 ? 41   ASN A CG  1 
ATOM   125  O OD1 . ASN A 1 41  ? 1.336   -13.819 -0.911  1.00 20.72 ? 41   ASN A OD1 1 
ATOM   126  N ND2 . ASN A 1 41  ? -0.380  -14.240 0.478   1.00 17.64 ? 41   ASN A ND2 1 
ATOM   127  N N   . ARG A 1 42  ? -3.774  -13.982 -2.307  1.00 18.16 ? 42   ARG A N   1 
ATOM   128  C CA  . ARG A 1 42  ? -5.087  -13.455 -2.648  1.00 19.08 ? 42   ARG A CA  1 
ATOM   129  C C   . ARG A 1 42  ? -5.060  -12.080 -1.970  1.00 17.12 ? 42   ARG A C   1 
ATOM   130  O O   . ARG A 1 42  ? -4.578  -11.966 -0.843  1.00 17.67 ? 42   ARG A O   1 
ATOM   131  C CB  . ARG A 1 42  ? -6.204  -14.310 -2.043  1.00 20.03 ? 42   ARG A CB  1 
ATOM   132  C CG  . ARG A 1 42  ? -7.586  -13.676 -2.159  1.00 24.89 ? 42   ARG A CG  1 
ATOM   133  C CD  . ARG A 1 42  ? -8.666  -14.543 -1.528  1.00 30.66 ? 42   ARG A CD  1 
ATOM   134  N NE  . ARG A 1 42  ? -8.960  -15.728 -2.326  1.00 35.07 ? 42   ARG A NE  1 
ATOM   135  C CZ  . ARG A 1 42  ? -9.503  -16.839 -1.838  1.00 37.95 ? 42   ARG A CZ  1 
ATOM   136  N NH1 . ARG A 1 42  ? -9.809  -16.920 -0.547  1.00 38.36 ? 42   ARG A NH1 1 
ATOM   137  N NH2 . ARG A 1 42  ? -9.744  -17.870 -2.639  1.00 38.89 ? 42   ARG A NH2 1 
ATOM   138  N N   . TRP A 1 43  ? -5.555  -11.048 -2.651  1.00 16.08 ? 43   TRP A N   1 
ATOM   139  C CA  . TRP A 1 43  ? -5.557  -9.686  -2.104  1.00 16.45 ? 43   TRP A CA  1 
ATOM   140  C C   . TRP A 1 43  ? -6.960  -9.096  -1.987  1.00 16.87 ? 43   TRP A C   1 
ATOM   141  O O   . TRP A 1 43  ? -7.894  -9.522  -2.680  1.00 16.41 ? 43   TRP A O   1 
ATOM   142  C CB  . TRP A 1 43  ? -4.698  -8.748  -2.977  1.00 15.55 ? 43   TRP A CB  1 
ATOM   143  C CG  . TRP A 1 43  ? -3.272  -9.207  -3.154  1.00 16.60 ? 43   TRP A CG  1 
ATOM   144  C CD1 . TRP A 1 43  ? -2.821  -10.188 -3.995  1.00 16.74 ? 43   TRP A CD1 1 
ATOM   145  C CD2 . TRP A 1 43  ? -2.131  -8.769  -2.402  1.00 15.44 ? 43   TRP A CD2 1 
ATOM   146  N NE1 . TRP A 1 43  ? -1.474  -10.394 -3.807  1.00 14.80 ? 43   TRP A NE1 1 
ATOM   147  C CE2 . TRP A 1 43  ? -1.026  -9.538  -2.834  1.00 15.69 ? 43   TRP A CE2 1 
ATOM   148  C CE3 . TRP A 1 43  ? -1.938  -7.807  -1.402  1.00 15.35 ? 43   TRP A CE3 1 
ATOM   149  C CZ2 . TRP A 1 43  ? 0.260   -9.375  -2.297  1.00 16.25 ? 43   TRP A CZ2 1 
ATOM   150  C CZ3 . TRP A 1 43  ? -0.659  -7.644  -0.866  1.00 16.93 ? 43   TRP A CZ3 1 
ATOM   151  C CH2 . TRP A 1 43  ? 0.423   -8.427  -1.316  1.00 16.95 ? 43   TRP A CH2 1 
ATOM   152  N N   . ALA A 1 44  ? -7.099  -8.105  -1.110  1.00 15.50 ? 44   ALA A N   1 
ATOM   153  C CA  . ALA A 1 44  ? -8.379  -7.439  -0.896  1.00 15.11 ? 44   ALA A CA  1 
ATOM   154  C C   . ALA A 1 44  ? -8.219  -5.931  -1.033  1.00 15.91 ? 44   ALA A C   1 
ATOM   155  O O   . ALA A 1 44  ? -7.288  -5.346  -0.462  1.00 15.75 ? 44   ALA A O   1 
ATOM   156  C CB  . ALA A 1 44  ? -8.925  -7.784  0.496   1.00 14.70 ? 44   ALA A CB  1 
ATOM   157  N N   . LEU A 1 45  ? -9.116  -5.302  -1.794  1.00 14.75 ? 45   LEU A N   1 
ATOM   158  C CA  . LEU A 1 45  ? -9.080  -3.852  -1.976  1.00 16.26 ? 45   LEU A CA  1 
ATOM   159  C C   . LEU A 1 45  ? -10.153 -3.207  -1.099  1.00 16.80 ? 45   LEU A C   1 
ATOM   160  O O   . LEU A 1 45  ? -11.298 -3.671  -1.071  1.00 17.68 ? 45   LEU A O   1 
ATOM   161  C CB  . LEU A 1 45  ? -9.329  -3.481  -3.445  1.00 15.13 ? 45   LEU A CB  1 
ATOM   162  C CG  . LEU A 1 45  ? -9.166  -2.004  -3.830  1.00 16.31 ? 45   LEU A CG  1 
ATOM   163  C CD1 . LEU A 1 45  ? -7.721  -1.576  -3.624  1.00 15.66 ? 45   LEU A CD1 1 
ATOM   164  C CD2 . LEU A 1 45  ? -9.578  -1.793  -5.278  1.00 13.62 ? 45   LEU A CD2 1 
ATOM   165  N N   . TRP A 1 46  ? -9.777  -2.142  -0.390  1.00 15.71 ? 46   TRP A N   1 
ATOM   166  C CA  . TRP A 1 46  ? -10.686 -1.422  0.504   1.00 14.69 ? 46   TRP A CA  1 
ATOM   167  C C   . TRP A 1 46  ? -10.798 0.057   0.134   1.00 16.55 ? 46   TRP A C   1 
ATOM   168  O O   . TRP A 1 46  ? -9.874  0.628   -0.455  1.00 16.55 ? 46   TRP A O   1 
ATOM   169  C CB  . TRP A 1 46  ? -10.194 -1.507  1.957   1.00 15.92 ? 46   TRP A CB  1 
ATOM   170  C CG  . TRP A 1 46  ? -9.899  -2.896  2.454   1.00 17.28 ? 46   TRP A CG  1 
ATOM   171  C CD1 . TRP A 1 46  ? -8.904  -3.732  2.027   1.00 17.29 ? 46   TRP A CD1 1 
ATOM   172  C CD2 . TRP A 1 46  ? -10.592 -3.599  3.494   1.00 18.19 ? 46   TRP A CD2 1 
ATOM   173  N NE1 . TRP A 1 46  ? -8.935  -4.909  2.738   1.00 18.49 ? 46   TRP A NE1 1 
ATOM   174  C CE2 . TRP A 1 46  ? -9.961  -4.854  3.644   1.00 18.20 ? 46   TRP A CE2 1 
ATOM   175  C CE3 . TRP A 1 46  ? -11.684 -3.288  4.314   1.00 20.20 ? 46   TRP A CE3 1 
ATOM   176  C CZ2 . TRP A 1 46  ? -10.384 -5.800  4.582   1.00 20.34 ? 46   TRP A CZ2 1 
ATOM   177  C CZ3 . TRP A 1 46  ? -12.107 -4.231  5.251   1.00 23.11 ? 46   TRP A CZ3 1 
ATOM   178  C CH2 . TRP A 1 46  ? -11.454 -5.473  5.374   1.00 20.68 ? 46   TRP A CH2 1 
ATOM   179  N N   . PHE A 1 47  ? -11.923 0.673   0.499   1.00 16.13 ? 47   PHE A N   1 
ATOM   180  C CA  . PHE A 1 47  ? -12.162 2.093   0.239   1.00 19.42 ? 47   PHE A CA  1 
ATOM   181  C C   . PHE A 1 47  ? -12.508 2.819   1.540   1.00 18.93 ? 47   PHE A C   1 
ATOM   182  O O   . PHE A 1 47  ? -13.239 2.289   2.368   1.00 19.83 ? 47   PHE A O   1 
ATOM   183  C CB  . PHE A 1 47  ? -13.325 2.284   -0.745  1.00 18.89 ? 47   PHE A CB  1 
ATOM   184  C CG  . PHE A 1 47  ? -13.572 3.725   -1.117  1.00 21.30 ? 47   PHE A CG  1 
ATOM   185  C CD1 . PHE A 1 47  ? -12.699 4.398   -1.972  1.00 22.27 ? 47   PHE A CD1 1 
ATOM   186  C CD2 . PHE A 1 47  ? -14.661 4.417   -0.595  1.00 22.75 ? 47   PHE A CD2 1 
ATOM   187  C CE1 . PHE A 1 47  ? -12.905 5.735   -2.303  1.00 21.55 ? 47   PHE A CE1 1 
ATOM   188  C CE2 . PHE A 1 47  ? -14.879 5.758   -0.917  1.00 23.56 ? 47   PHE A CE2 1 
ATOM   189  C CZ  . PHE A 1 47  ? -13.996 6.419   -1.776  1.00 22.86 ? 47   PHE A CZ  1 
ATOM   190  N N   . PHE A 1 48  ? -11.984 4.030   1.715   1.00 20.37 ? 48   PHE A N   1 
ATOM   191  C CA  . PHE A 1 48  ? -12.274 4.822   2.913   1.00 21.81 ? 48   PHE A CA  1 
ATOM   192  C C   . PHE A 1 48  ? -12.990 6.098   2.485   1.00 23.41 ? 48   PHE A C   1 
ATOM   193  O O   . PHE A 1 48  ? -12.485 6.858   1.659   1.00 22.67 ? 48   PHE A O   1 
ATOM   194  C CB  . PHE A 1 48  ? -10.983 5.185   3.667   1.00 21.48 ? 48   PHE A CB  1 
ATOM   195  C CG  . PHE A 1 48  ? -11.218 6.001   4.917   1.00 21.09 ? 48   PHE A CG  1 
ATOM   196  C CD1 . PHE A 1 48  ? -11.588 5.388   6.108   1.00 21.02 ? 48   PHE A CD1 1 
ATOM   197  C CD2 . PHE A 1 48  ? -11.106 7.389   4.889   1.00 22.14 ? 48   PHE A CD2 1 
ATOM   198  C CE1 . PHE A 1 48  ? -11.848 6.143   7.256   1.00 20.92 ? 48   PHE A CE1 1 
ATOM   199  C CE2 . PHE A 1 48  ? -11.364 8.156   6.030   1.00 22.83 ? 48   PHE A CE2 1 
ATOM   200  C CZ  . PHE A 1 48  ? -11.737 7.528   7.218   1.00 22.11 ? 48   PHE A CZ  1 
ATOM   201  N N   . LYS A 1 49  ? -14.177 6.319   3.040   1.00 26.45 ? 49   LYS A N   1 
ATOM   202  C CA  . LYS A 1 49  ? -14.972 7.496   2.722   1.00 30.54 ? 49   LYS A CA  1 
ATOM   203  C C   . LYS A 1 49  ? -15.000 8.416   3.937   1.00 32.97 ? 49   LYS A C   1 
ATOM   204  O O   . LYS A 1 49  ? -15.498 8.043   4.994   1.00 32.51 ? 49   LYS A O   1 
ATOM   205  C CB  . LYS A 1 49  ? -16.396 7.072   2.339   1.00 30.97 ? 49   LYS A CB  1 
ATOM   206  C CG  . LYS A 1 49  ? -17.377 8.220   2.135   1.00 31.60 ? 49   LYS A CG  1 
ATOM   207  C CD  . LYS A 1 49  ? -16.949 9.147   1.015   1.00 31.00 ? 49   LYS A CD  1 
ATOM   208  C CE  . LYS A 1 49  ? -17.978 10.250  0.816   1.00 32.09 ? 49   LYS A CE  1 
ATOM   209  N NZ  . LYS A 1 49  ? -17.564 11.224  -0.232  1.00 32.02 ? 49   LYS A NZ  1 
ATOM   210  N N   . ASN A 1 50  ? -14.461 9.618   3.780   1.00 36.00 ? 50   ASN A N   1 
ATOM   211  C CA  . ASN A 1 50  ? -14.405 10.581  4.875   1.00 40.04 ? 50   ASN A CA  1 
ATOM   212  C C   . ASN A 1 50  ? -15.765 11.038  5.403   1.00 41.28 ? 50   ASN A C   1 
ATOM   213  O O   . ASN A 1 50  ? -16.627 11.477  4.643   1.00 41.34 ? 50   ASN A O   1 
ATOM   214  C CB  . ASN A 1 50  ? -13.595 11.803  4.446   1.00 42.13 ? 50   ASN A CB  1 
ATOM   215  C CG  . ASN A 1 50  ? -13.477 12.829  5.548   1.00 44.70 ? 50   ASN A CG  1 
ATOM   216  O OD1 . ASN A 1 50  ? -12.986 12.531  6.639   1.00 46.37 ? 50   ASN A OD1 1 
ATOM   217  N ND2 . ASN A 1 50  ? -13.928 14.050  5.273   1.00 46.70 ? 50   ASN A ND2 1 
ATOM   218  N N   . ASP A 1 51  ? -15.939 10.937  6.717   1.00 43.08 ? 51   ASP A N   1 
ATOM   219  C CA  . ASP A 1 51  ? -17.174 11.344  7.385   1.00 45.07 ? 51   ASP A CA  1 
ATOM   220  C C   . ASP A 1 51  ? -16.861 11.626  8.854   1.00 46.57 ? 51   ASP A C   1 
ATOM   221  O O   . ASP A 1 51  ? -16.643 10.703  9.638   1.00 46.78 ? 51   ASP A O   1 
ATOM   222  C CB  . ASP A 1 51  ? -18.226 10.237  7.289   1.00 45.54 ? 51   ASP A CB  1 
ATOM   223  C CG  . ASP A 1 51  ? -19.577 10.670  7.828   1.00 47.24 ? 51   ASP A CG  1 
ATOM   224  O OD1 . ASP A 1 51  ? -19.623 11.207  8.957   1.00 46.39 ? 51   ASP A OD1 1 
ATOM   225  O OD2 . ASP A 1 51  ? -20.591 10.471  7.124   1.00 47.08 ? 51   ASP A OD2 1 
ATOM   226  N N   . LYS A 1 52  ? -16.849 12.906  9.219   1.00 48.16 ? 52   LYS A N   1 
ATOM   227  C CA  . LYS A 1 52  ? -16.541 13.325  10.587  1.00 49.53 ? 52   LYS A CA  1 
ATOM   228  C C   . LYS A 1 52  ? -17.531 12.869  11.660  1.00 49.53 ? 52   LYS A C   1 
ATOM   229  O O   . LYS A 1 52  ? -17.163 12.735  12.830  1.00 49.23 ? 52   LYS A O   1 
ATOM   230  C CB  . LYS A 1 52  ? -16.403 14.852  10.650  1.00 51.10 ? 52   LYS A CB  1 
ATOM   231  C CG  . LYS A 1 52  ? -15.131 15.407  10.019  1.00 52.21 ? 52   LYS A CG  1 
ATOM   232  C CD  . LYS A 1 52  ? -15.063 15.142  8.522   1.00 54.20 ? 52   LYS A CD  1 
ATOM   233  C CE  . LYS A 1 52  ? -13.748 15.637  7.938   1.00 54.15 ? 52   LYS A CE  1 
ATOM   234  N NZ  . LYS A 1 52  ? -13.554 17.097  8.161   1.00 54.72 ? 52   LYS A NZ  1 
ATOM   235  N N   . SER A 1 53  ? -18.781 12.631  11.273  1.00 49.58 ? 53   SER A N   1 
ATOM   236  C CA  . SER A 1 53  ? -19.798 12.212  12.234  1.00 48.74 ? 53   SER A CA  1 
ATOM   237  C C   . SER A 1 53  ? -19.719 10.732  12.595  1.00 47.74 ? 53   SER A C   1 
ATOM   238  O O   . SER A 1 53  ? -20.569 10.223  13.326  1.00 47.96 ? 53   SER A O   1 
ATOM   239  C CB  . SER A 1 53  ? -21.196 12.522  11.695  1.00 50.09 ? 53   SER A CB  1 
ATOM   240  O OG  . SER A 1 53  ? -21.494 11.731  10.557  1.00 51.83 ? 53   SER A OG  1 
ATOM   241  N N   . LYS A 1 54  ? -18.701 10.039  12.092  1.00 45.52 ? 54   LYS A N   1 
ATOM   242  C CA  . LYS A 1 54  ? -18.549 8.619   12.383  1.00 42.69 ? 54   LYS A CA  1 
ATOM   243  C C   . LYS A 1 54  ? -17.109 8.234   12.705  1.00 40.33 ? 54   LYS A C   1 
ATOM   244  O O   . LYS A 1 54  ? -16.171 8.945   12.346  1.00 39.64 ? 54   LYS A O   1 
ATOM   245  C CB  . LYS A 1 54  ? -19.057 7.790   11.202  1.00 44.11 ? 54   LYS A CB  1 
ATOM   246  C CG  . LYS A 1 54  ? -20.493 8.108   10.811  1.00 45.01 ? 54   LYS A CG  1 
ATOM   247  C CD  . LYS A 1 54  ? -21.062 7.090   9.834   1.00 48.35 ? 54   LYS A CD  1 
ATOM   248  C CE  . LYS A 1 54  ? -20.334 7.112   8.502   1.00 50.01 ? 54   LYS A CE  1 
ATOM   249  N NZ  . LYS A 1 54  ? -20.927 6.137   7.541   1.00 52.00 ? 54   LYS A NZ  1 
ATOM   250  N N   . THR A 1 55  ? -16.943 7.108   13.394  1.00 37.60 ? 55   THR A N   1 
ATOM   251  C CA  . THR A 1 55  ? -15.616 6.624   13.762  1.00 35.61 ? 55   THR A CA  1 
ATOM   252  C C   . THR A 1 55  ? -14.826 6.288   12.497  1.00 32.99 ? 55   THR A C   1 
ATOM   253  O O   . THR A 1 55  ? -15.403 6.135   11.420  1.00 31.34 ? 55   THR A O   1 
ATOM   254  C CB  . THR A 1 55  ? -15.705 5.359   14.635  1.00 37.03 ? 55   THR A CB  1 
ATOM   255  O OG1 . THR A 1 55  ? -16.262 4.287   13.863  1.00 39.75 ? 55   THR A OG1 1 
ATOM   256  C CG2 . THR A 1 55  ? -16.587 5.609   15.852  1.00 36.44 ? 55   THR A CG2 1 
ATOM   257  N N   . TRP A 1 56  ? -13.508 6.176   12.630  1.00 30.18 ? 56   TRP A N   1 
ATOM   258  C CA  . TRP A 1 56  ? -12.657 5.861   11.485  1.00 28.18 ? 56   TRP A CA  1 
ATOM   259  C C   . TRP A 1 56  ? -13.056 4.513   10.882  1.00 28.11 ? 56   TRP A C   1 
ATOM   260  O O   . TRP A 1 56  ? -13.264 4.402   9.675   1.00 27.52 ? 56   TRP A O   1 
ATOM   261  C CB  . TRP A 1 56  ? -11.185 5.824   11.919  1.00 25.83 ? 56   TRP A CB  1 
ATOM   262  C CG  . TRP A 1 56  ? -10.216 5.613   10.787  1.00 22.25 ? 56   TRP A CG  1 
ATOM   263  C CD1 . TRP A 1 56  ? -9.766  6.551   9.902   1.00 21.73 ? 56   TRP A CD1 1 
ATOM   264  C CD2 . TRP A 1 56  ? -9.612  4.374   10.401  1.00 20.85 ? 56   TRP A CD2 1 
ATOM   265  N NE1 . TRP A 1 56  ? -8.918  5.973   8.985   1.00 20.85 ? 56   TRP A NE1 1 
ATOM   266  C CE2 . TRP A 1 56  ? -8.807  4.636   9.269   1.00 21.71 ? 56   TRP A CE2 1 
ATOM   267  C CE3 . TRP A 1 56  ? -9.676  3.064   10.901  1.00 21.64 ? 56   TRP A CE3 1 
ATOM   268  C CZ2 . TRP A 1 56  ? -8.068  3.635   8.626   1.00 21.09 ? 56   TRP A CZ2 1 
ATOM   269  C CZ3 . TRP A 1 56  ? -8.941  2.068   10.264  1.00 20.29 ? 56   TRP A CZ3 1 
ATOM   270  C CH2 . TRP A 1 56  ? -8.147  2.361   9.137   1.00 21.42 ? 56   TRP A CH2 1 
ATOM   271  N N   . GLN A 1 57  ? -13.173 3.503   11.740  1.00 28.27 ? 57   GLN A N   1 
ATOM   272  C CA  . GLN A 1 57  ? -13.532 2.145   11.335  1.00 30.04 ? 57   GLN A CA  1 
ATOM   273  C C   . GLN A 1 57  ? -14.858 2.093   10.580  1.00 29.61 ? 57   GLN A C   1 
ATOM   274  O O   . GLN A 1 57  ? -15.028 1.291   9.661   1.00 29.56 ? 57   GLN A O   1 
ATOM   275  C CB  . GLN A 1 57  ? -13.653 1.232   12.562  1.00 31.57 ? 57   GLN A CB  1 
ATOM   276  C CG  . GLN A 1 57  ? -12.498 1.283   13.553  1.00 37.27 ? 57   GLN A CG  1 
ATOM   277  C CD  . GLN A 1 57  ? -12.326 2.639   14.221  1.00 38.20 ? 57   GLN A CD  1 
ATOM   278  O OE1 . GLN A 1 57  ? -13.303 3.306   14.566  1.00 41.92 ? 57   GLN A OE1 1 
ATOM   279  N NE2 . GLN A 1 57  ? -11.079 3.041   14.421  1.00 39.57 ? 57   GLN A NE2 1 
ATOM   280  N N   . ALA A 1 58  ? -15.797 2.940   10.988  1.00 28.60 ? 58   ALA A N   1 
ATOM   281  C CA  . ALA A 1 58  ? -17.120 2.983   10.370  1.00 28.46 ? 58   ALA A CA  1 
ATOM   282  C C   . ALA A 1 58  ? -17.102 3.464   8.922   1.00 27.30 ? 58   ALA A C   1 
ATOM   283  O O   . ALA A 1 58  ? -18.003 3.140   8.144   1.00 26.98 ? 58   ALA A O   1 
ATOM   284  C CB  . ALA A 1 58  ? -18.054 3.871   11.202  1.00 27.35 ? 58   ALA A CB  1 
ATOM   285  N N   . ASN A 1 59  ? -16.079 4.233   8.563   1.00 25.86 ? 59   ASN A N   1 
ATOM   286  C CA  . ASN A 1 59  ? -15.960 4.766   7.208   1.00 24.36 ? 59   ASN A CA  1 
ATOM   287  C C   . ASN A 1 59  ? -15.132 3.876   6.290   1.00 24.05 ? 59   ASN A C   1 
ATOM   288  O O   . ASN A 1 59  ? -14.941 4.193   5.114   1.00 22.92 ? 59   ASN A O   1 
ATOM   289  C CB  . ASN A 1 59  ? -15.327 6.160   7.237   1.00 24.35 ? 59   ASN A CB  1 
ATOM   290  C CG  . ASN A 1 59  ? -16.187 7.180   7.952   1.00 26.63 ? 59   ASN A CG  1 
ATOM   291  O OD1 . ASN A 1 59  ? -17.398 7.241   7.744   1.00 25.28 ? 59   ASN A OD1 1 
ATOM   292  N ND2 . ASN A 1 59  ? -15.561 8.004   8.788   1.00 27.10 ? 59   ASN A ND2 1 
ATOM   293  N N   . LEU A 1 60  ? -14.639 2.770   6.830   1.00 24.33 ? 60   LEU A N   1 
ATOM   294  C CA  . LEU A 1 60  ? -13.810 1.840   6.067   1.00 24.95 ? 60   LEU A CA  1 
ATOM   295  C C   . LEU A 1 60  ? -14.626 0.636   5.604   1.00 26.00 ? 60   LEU A C   1 
ATOM   296  O O   . LEU A 1 60  ? -15.215 -0.072  6.423   1.00 26.71 ? 60   LEU A O   1 
ATOM   297  C CB  . LEU A 1 60  ? -12.640 1.380   6.942   1.00 24.52 ? 60   LEU A CB  1 
ATOM   298  C CG  . LEU A 1 60  ? -11.662 0.344   6.395   1.00 25.52 ? 60   LEU A CG  1 
ATOM   299  C CD1 . LEU A 1 60  ? -10.840 0.943   5.255   1.00 24.69 ? 60   LEU A CD1 1 
ATOM   300  C CD2 . LEU A 1 60  ? -10.754 -0.111  7.527   1.00 23.94 ? 60   LEU A CD2 1 
ATOM   301  N N   . ARG A 1 61  ? -14.653 0.397   4.295   1.00 25.82 ? 61   ARG A N   1 
ATOM   302  C CA  . ARG A 1 61  ? -15.414 -0.722  3.749   1.00 26.04 ? 61   ARG A CA  1 
ATOM   303  C C   . ARG A 1 61  ? -14.698 -1.494  2.633   1.00 25.43 ? 61   ARG A C   1 
ATOM   304  O O   . ARG A 1 61  ? -13.938 -0.926  1.842   1.00 23.92 ? 61   ARG A O   1 
ATOM   305  C CB  . ARG A 1 61  ? -16.774 -0.217  3.254   1.00 30.18 ? 61   ARG A CB  1 
ATOM   306  C CG  . ARG A 1 61  ? -17.721 0.228   4.375   1.00 32.87 ? 61   ARG A CG  1 
ATOM   307  C CD  . ARG A 1 61  ? -18.269 -0.976  5.143   1.00 37.41 ? 61   ARG A CD  1 
ATOM   308  N NE  . ARG A 1 61  ? -19.185 -0.606  6.225   1.00 40.08 ? 61   ARG A NE  1 
ATOM   309  C CZ  . ARG A 1 61  ? -18.805 -0.136  7.411   1.00 41.08 ? 61   ARG A CZ  1 
ATOM   310  N NH1 . ARG A 1 61  ? -19.717 0.175   8.327   1.00 41.52 ? 61   ARG A NH1 1 
ATOM   311  N NH2 . ARG A 1 61  ? -17.516 0.014   7.691   1.00 41.62 ? 61   ARG A NH2 1 
ATOM   312  N N   . LEU A 1 62  ? -14.947 -2.799  2.584   1.00 23.81 ? 62   LEU A N   1 
ATOM   313  C CA  . LEU A 1 62  ? -14.349 -3.680  1.583   1.00 23.08 ? 62   LEU A CA  1 
ATOM   314  C C   . LEU A 1 62  ? -15.008 -3.553  0.208   1.00 23.68 ? 62   LEU A C   1 
ATOM   315  O O   . LEU A 1 62  ? -16.223 -3.373  0.111   1.00 22.14 ? 62   LEU A O   1 
ATOM   316  C CB  . LEU A 1 62  ? -14.460 -5.138  2.043   1.00 22.34 ? 62   LEU A CB  1 
ATOM   317  C CG  . LEU A 1 62  ? -14.151 -6.207  0.992   1.00 23.86 ? 62   LEU A CG  1 
ATOM   318  C CD1 . LEU A 1 62  ? -12.663 -6.238  0.718   1.00 23.71 ? 62   LEU A CD1 1 
ATOM   319  C CD2 . LEU A 1 62  ? -14.620 -7.573  1.480   1.00 26.16 ? 62   LEU A CD2 1 
ATOM   320  N N   . ILE A 1 63  ? -14.199 -3.647  -0.847  1.00 22.62 ? 63   ILE A N   1 
ATOM   321  C CA  . ILE A 1 63  ? -14.706 -3.590  -2.215  1.00 21.96 ? 63   ILE A CA  1 
ATOM   322  C C   . ILE A 1 63  ? -14.839 -5.038  -2.696  1.00 21.69 ? 63   ILE A C   1 
ATOM   323  O O   . ILE A 1 63  ? -15.950 -5.558  -2.805  1.00 21.46 ? 63   ILE A O   1 
ATOM   324  C CB  . ILE A 1 63  ? -13.756 -2.800  -3.161  1.00 21.03 ? 63   ILE A CB  1 
ATOM   325  C CG1 . ILE A 1 63  ? -13.788 -1.308  -2.798  1.00 22.10 ? 63   ILE A CG1 1 
ATOM   326  C CG2 . ILE A 1 63  ? -14.192 -2.978  -4.618  1.00 21.46 ? 63   ILE A CG2 1 
ATOM   327  C CD1 . ILE A 1 63  ? -12.943 -0.417  -3.706  1.00 21.09 ? 63   ILE A CD1 1 
ATOM   328  N N   . SER A 1 64  ? -13.709 -5.689  -2.963  1.00 20.15 ? 64   SER A N   1 
ATOM   329  C CA  . SER A 1 64  ? -13.715 -7.084  -3.400  1.00 20.64 ? 64   SER A CA  1 
ATOM   330  C C   . SER A 1 64  ? -12.310 -7.686  -3.323  1.00 19.25 ? 64   SER A C   1 
ATOM   331  O O   . SER A 1 64  ? -11.343 -6.981  -3.023  1.00 19.09 ? 64   SER A O   1 
ATOM   332  C CB  . SER A 1 64  ? -14.263 -7.200  -4.830  1.00 20.82 ? 64   SER A CB  1 
ATOM   333  O OG  . SER A 1 64  ? -13.393 -6.599  -5.768  1.00 22.86 ? 64   SER A OG  1 
ATOM   334  N N   . LYS A 1 65  ? -12.206 -8.989  -3.582  1.00 17.59 ? 65   LYS A N   1 
ATOM   335  C CA  . LYS A 1 65  ? -10.928 -9.703  -3.542  1.00 17.72 ? 65   LYS A CA  1 
ATOM   336  C C   . LYS A 1 65  ? -10.639 -10.405 -4.879  1.00 18.01 ? 65   LYS A C   1 
ATOM   337  O O   . LYS A 1 65  ? -11.545 -10.587 -5.692  1.00 17.98 ? 65   LYS A O   1 
ATOM   338  C CB  . LYS A 1 65  ? -10.950 -10.737 -2.412  1.00 18.99 ? 65   LYS A CB  1 
ATOM   339  C CG  . LYS A 1 65  ? -11.403 -10.179 -1.066  1.00 20.78 ? 65   LYS A CG  1 
ATOM   340  C CD  . LYS A 1 65  ? -11.321 -11.237 0.030   1.00 22.32 ? 65   LYS A CD  1 
ATOM   341  C CE  . LYS A 1 65  ? -11.810 -10.685 1.365   1.00 24.27 ? 65   LYS A CE  1 
ATOM   342  N NZ  . LYS A 1 65  ? -11.678 -11.692 2.457   1.00 24.15 ? 65   LYS A NZ  1 
ATOM   343  N N   . PHE A 1 66  ? -9.387  -10.810 -5.086  1.00 17.00 ? 66   PHE A N   1 
ATOM   344  C CA  . PHE A 1 66  ? -8.960  -11.485 -6.320  1.00 18.09 ? 66   PHE A CA  1 
ATOM   345  C C   . PHE A 1 66  ? -7.639  -12.226 -6.103  1.00 17.19 ? 66   PHE A C   1 
ATOM   346  O O   . PHE A 1 66  ? -6.861  -11.849 -5.225  1.00 18.83 ? 66   PHE A O   1 
ATOM   347  C CB  . PHE A 1 66  ? -8.765  -10.448 -7.433  1.00 17.64 ? 66   PHE A CB  1 
ATOM   348  C CG  . PHE A 1 66  ? -7.699  -9.419  -7.125  1.00 18.43 ? 66   PHE A CG  1 
ATOM   349  C CD1 . PHE A 1 66  ? -6.362  -9.660  -7.448  1.00 16.47 ? 66   PHE A CD1 1 
ATOM   350  C CD2 . PHE A 1 66  ? -8.029  -8.221  -6.490  1.00 17.41 ? 66   PHE A CD2 1 
ATOM   351  C CE1 . PHE A 1 66  ? -5.368  -8.725  -7.143  1.00 18.53 ? 66   PHE A CE1 1 
ATOM   352  C CE2 . PHE A 1 66  ? -7.041  -7.276  -6.182  1.00 17.98 ? 66   PHE A CE2 1 
ATOM   353  C CZ  . PHE A 1 66  ? -5.708  -7.530  -6.510  1.00 16.59 ? 66   PHE A CZ  1 
ATOM   354  N N   . ASP A 1 67  ? -7.372  -13.262 -6.900  1.00 16.43 ? 67   ASP A N   1 
ATOM   355  C CA  . ASP A 1 67  ? -6.117  -14.003 -6.766  1.00 14.82 ? 67   ASP A CA  1 
ATOM   356  C C   . ASP A 1 67  ? -5.488  -14.473 -8.076  1.00 14.16 ? 67   ASP A C   1 
ATOM   357  O O   . ASP A 1 67  ? -4.703  -15.426 -8.089  1.00 13.89 ? 67   ASP A O   1 
ATOM   358  C CB  . ASP A 1 67  ? -6.268  -15.198 -5.808  1.00 16.17 ? 67   ASP A CB  1 
ATOM   359  C CG  . ASP A 1 67  ? -7.233  -16.253 -6.315  1.00 18.84 ? 67   ASP A CG  1 
ATOM   360  O OD1 . ASP A 1 67  ? -7.807  -16.089 -7.413  1.00 18.34 ? 67   ASP A OD1 1 
ATOM   361  O OD2 . ASP A 1 67  ? -7.413  -17.260 -5.596  1.00 18.87 ? 67   ASP A OD2 1 
ATOM   362  N N   . THR A 1 68  ? -5.831  -13.794 -9.168  1.00 12.80 ? 68   THR A N   1 
ATOM   363  C CA  . THR A 1 68  ? -5.278  -14.099 -10.486 1.00 12.32 ? 68   THR A CA  1 
ATOM   364  C C   . THR A 1 68  ? -4.995  -12.775 -11.197 1.00 11.46 ? 68   THR A C   1 
ATOM   365  O O   . THR A 1 68  ? -5.524  -11.730 -10.814 1.00 11.33 ? 68   THR A O   1 
ATOM   366  C CB  . THR A 1 68  ? -6.262  -14.897 -11.382 1.00 12.96 ? 68   THR A CB  1 
ATOM   367  O OG1 . THR A 1 68  ? -7.373  -14.061 -11.740 1.00 13.35 ? 68   THR A OG1 1 
ATOM   368  C CG2 . THR A 1 68  ? -6.765  -16.140 -10.659 1.00 9.40  ? 68   THR A CG2 1 
ATOM   369  N N   . VAL A 1 69  ? -4.161  -12.829 -12.230 1.00 12.22 ? 69   VAL A N   1 
ATOM   370  C CA  . VAL A 1 69  ? -3.813  -11.647 -13.009 1.00 11.86 ? 69   VAL A CA  1 
ATOM   371  C C   . VAL A 1 69  ? -5.043  -11.063 -13.700 1.00 14.29 ? 69   VAL A C   1 
ATOM   372  O O   . VAL A 1 69  ? -5.267  -9.845  -13.664 1.00 13.42 ? 69   VAL A O   1 
ATOM   373  C CB  . VAL A 1 69  ? -2.757  -11.988 -14.089 1.00 12.87 ? 69   VAL A CB  1 
ATOM   374  C CG1 . VAL A 1 69  ? -2.513  -10.779 -14.997 1.00 13.32 ? 69   VAL A CG1 1 
ATOM   375  C CG2 . VAL A 1 69  ? -1.460  -12.423 -13.423 1.00 15.26 ? 69   VAL A CG2 1 
ATOM   376  N N   . GLU A 1 70  ? -5.832  -11.935 -14.331 1.00 13.06 ? 70   GLU A N   1 
ATOM   377  C CA  . GLU A 1 70  ? -7.031  -11.509 -15.049 1.00 16.20 ? 70   GLU A CA  1 
ATOM   378  C C   . GLU A 1 70  ? -8.021  -10.793 -14.141 1.00 16.93 ? 70   GLU A C   1 
ATOM   379  O O   . GLU A 1 70  ? -8.565  -9.749  -14.502 1.00 16.25 ? 70   GLU A O   1 
ATOM   380  C CB  . GLU A 1 70  ? -7.730  -12.707 -15.707 1.00 17.56 ? 70   GLU A CB  1 
ATOM   381  C CG  . GLU A 1 70  ? -6.983  -13.341 -16.880 1.00 18.35 ? 70   GLU A CG  1 
ATOM   382  C CD  . GLU A 1 70  ? -5.796  -14.187 -16.458 1.00 21.59 ? 70   GLU A CD  1 
ATOM   383  O OE1 . GLU A 1 70  ? -5.685  -14.531 -15.264 1.00 22.08 ? 70   GLU A OE1 1 
ATOM   384  O OE2 . GLU A 1 70  ? -4.976  -14.531 -17.332 1.00 24.78 ? 70   GLU A OE2 1 
ATOM   385  N N   . ASP A 1 71  ? -8.253  -11.349 -12.955 1.00 16.97 ? 71   ASP A N   1 
ATOM   386  C CA  . ASP A 1 71  ? -9.188  -10.727 -12.035 1.00 16.66 ? 71   ASP A CA  1 
ATOM   387  C C   . ASP A 1 71  ? -8.669  -9.400  -11.472 1.00 16.85 ? 71   ASP A C   1 
ATOM   388  O O   . ASP A 1 71  ? -9.459  -8.506  -11.151 1.00 17.96 ? 71   ASP A O   1 
ATOM   389  C CB  . ASP A 1 71  ? -9.569  -11.718 -10.923 1.00 19.29 ? 71   ASP A CB  1 
ATOM   390  C CG  . ASP A 1 71  ? -10.363 -12.917 -11.465 1.00 22.45 ? 71   ASP A CG  1 
ATOM   391  O OD1 . ASP A 1 71  ? -11.370 -12.692 -12.168 1.00 21.07 ? 71   ASP A OD1 1 
ATOM   392  O OD2 . ASP A 1 71  ? -9.986  -14.077 -11.197 1.00 22.50 ? 71   ASP A OD2 1 
ATOM   393  N N   . PHE A 1 72  ? -7.351  -9.250  -11.357 1.00 16.18 ? 72   PHE A N   1 
ATOM   394  C CA  . PHE A 1 72  ? -6.811  -7.982  -10.870 1.00 15.24 ? 72   PHE A CA  1 
ATOM   395  C C   . PHE A 1 72  ? -7.163  -6.876  -11.877 1.00 15.19 ? 72   PHE A C   1 
ATOM   396  O O   . PHE A 1 72  ? -7.691  -5.829  -11.500 1.00 15.34 ? 72   PHE A O   1 
ATOM   397  C CB  . PHE A 1 72  ? -5.286  -8.041  -10.709 1.00 14.71 ? 72   PHE A CB  1 
ATOM   398  C CG  . PHE A 1 72  ? -4.639  -6.679  -10.628 1.00 14.65 ? 72   PHE A CG  1 
ATOM   399  C CD1 . PHE A 1 72  ? -4.824  -5.871  -9.511  1.00 14.91 ? 72   PHE A CD1 1 
ATOM   400  C CD2 . PHE A 1 72  ? -3.917  -6.172  -11.707 1.00 14.98 ? 72   PHE A CD2 1 
ATOM   401  C CE1 . PHE A 1 72  ? -4.307  -4.566  -9.470  1.00 15.03 ? 72   PHE A CE1 1 
ATOM   402  C CE2 . PHE A 1 72  ? -3.394  -4.873  -11.680 1.00 14.97 ? 72   PHE A CE2 1 
ATOM   403  C CZ  . PHE A 1 72  ? -3.592  -4.068  -10.560 1.00 16.06 ? 72   PHE A CZ  1 
ATOM   404  N N   . TRP A 1 73  ? -6.872  -7.108  -13.156 1.00 16.01 ? 73   TRP A N   1 
ATOM   405  C CA  . TRP A 1 73  ? -7.164  -6.106  -14.179 1.00 16.35 ? 73   TRP A CA  1 
ATOM   406  C C   . TRP A 1 73  ? -8.657  -5.808  -14.323 1.00 16.63 ? 73   TRP A C   1 
ATOM   407  O O   . TRP A 1 73  ? -9.035  -4.667  -14.562 1.00 17.45 ? 73   TRP A O   1 
ATOM   408  C CB  . TRP A 1 73  ? -6.576  -6.517  -15.535 1.00 17.70 ? 73   TRP A CB  1 
ATOM   409  C CG  . TRP A 1 73  ? -5.079  -6.420  -15.569 1.00 18.21 ? 73   TRP A CG  1 
ATOM   410  C CD1 . TRP A 1 73  ? -4.191  -7.454  -15.623 1.00 19.69 ? 73   TRP A CD1 1 
ATOM   411  C CD2 . TRP A 1 73  ? -4.294  -5.220  -15.473 1.00 19.60 ? 73   TRP A CD2 1 
ATOM   412  N NE1 . TRP A 1 73  ? -2.900  -6.976  -15.557 1.00 18.87 ? 73   TRP A NE1 1 
ATOM   413  C CE2 . TRP A 1 73  ? -2.936  -5.608  -15.466 1.00 19.12 ? 73   TRP A CE2 1 
ATOM   414  C CE3 . TRP A 1 73  ? -4.609  -3.855  -15.389 1.00 20.02 ? 73   TRP A CE3 1 
ATOM   415  C CZ2 . TRP A 1 73  ? -1.887  -4.680  -15.377 1.00 20.22 ? 73   TRP A CZ2 1 
ATOM   416  C CZ3 . TRP A 1 73  ? -3.565  -2.930  -15.297 1.00 19.76 ? 73   TRP A CZ3 1 
ATOM   417  C CH2 . TRP A 1 73  ? -2.222  -3.349  -15.293 1.00 20.45 ? 73   TRP A CH2 1 
ATOM   418  N N   . ALA A 1 74  ? -9.502  -6.826  -14.174 1.00 17.14 ? 74   ALA A N   1 
ATOM   419  C CA  . ALA A 1 74  ? -10.944 -6.621  -14.269 1.00 17.33 ? 74   ALA A CA  1 
ATOM   420  C C   . ALA A 1 74  ? -11.382 -5.593  -13.218 1.00 18.52 ? 74   ALA A C   1 
ATOM   421  O O   . ALA A 1 74  ? -12.232 -4.733  -13.483 1.00 17.74 ? 74   ALA A O   1 
ATOM   422  C CB  . ALA A 1 74  ? -11.686 -7.946  -14.058 1.00 17.39 ? 74   ALA A CB  1 
ATOM   423  N N   . LEU A 1 75  ? -10.794 -5.675  -12.026 1.00 16.00 ? 75   LEU A N   1 
ATOM   424  C CA  . LEU A 1 75  ? -11.129 -4.734  -10.956 1.00 16.19 ? 75   LEU A CA  1 
ATOM   425  C C   . LEU A 1 75  ? -10.528 -3.342  -11.211 1.00 15.47 ? 75   LEU A C   1 
ATOM   426  O O   . LEU A 1 75  ? -11.240 -2.337  -11.219 1.00 15.58 ? 75   LEU A O   1 
ATOM   427  C CB  . LEU A 1 75  ? -10.644 -5.282  -9.605  1.00 16.55 ? 75   LEU A CB  1 
ATOM   428  C CG  . LEU A 1 75  ? -10.804 -4.419  -8.347  1.00 16.48 ? 75   LEU A CG  1 
ATOM   429  C CD1 . LEU A 1 75  ? -12.271 -4.083  -8.111  1.00 16.97 ? 75   LEU A CD1 1 
ATOM   430  C CD2 . LEU A 1 75  ? -10.225 -5.165  -7.152  1.00 15.36 ? 75   LEU A CD2 1 
ATOM   431  N N   . TYR A 1 76  ? -9.218  -3.283  -11.428 1.00 15.82 ? 76   TYR A N   1 
ATOM   432  C CA  . TYR A 1 76  ? -8.547  -2.006  -11.670 1.00 15.47 ? 76   TYR A CA  1 
ATOM   433  C C   . TYR A 1 76  ? -9.163  -1.197  -12.820 1.00 15.72 ? 76   TYR A C   1 
ATOM   434  O O   . TYR A 1 76  ? -9.316  0.022   -12.714 1.00 11.86 ? 76   TYR A O   1 
ATOM   435  C CB  . TYR A 1 76  ? -7.058  -2.236  -11.960 1.00 17.24 ? 76   TYR A CB  1 
ATOM   436  C CG  . TYR A 1 76  ? -6.265  -0.962  -12.169 1.00 18.79 ? 76   TYR A CG  1 
ATOM   437  C CD1 . TYR A 1 76  ? -5.897  -0.159  -11.087 1.00 18.62 ? 76   TYR A CD1 1 
ATOM   438  C CD2 . TYR A 1 76  ? -5.883  -0.557  -13.450 1.00 18.26 ? 76   TYR A CD2 1 
ATOM   439  C CE1 . TYR A 1 76  ? -5.158  1.023   -11.276 1.00 17.18 ? 76   TYR A CE1 1 
ATOM   440  C CE2 . TYR A 1 76  ? -5.153  0.619   -13.653 1.00 17.49 ? 76   TYR A CE2 1 
ATOM   441  C CZ  . TYR A 1 76  ? -4.794  1.401   -12.563 1.00 17.92 ? 76   TYR A CZ  1 
ATOM   442  O OH  . TYR A 1 76  ? -4.068  2.556   -12.762 1.00 16.36 ? 76   TYR A OH  1 
ATOM   443  N N   . ASN A 1 77  ? -9.529  -1.872  -13.909 1.00 16.26 ? 77   ASN A N   1 
ATOM   444  C CA  . ASN A 1 77  ? -10.096 -1.175  -15.068 1.00 17.75 ? 77   ASN A CA  1 
ATOM   445  C C   . ASN A 1 77  ? -11.476 -0.553  -14.874 1.00 18.84 ? 77   ASN A C   1 
ATOM   446  O O   . ASN A 1 77  ? -11.868 0.325   -15.649 1.00 20.18 ? 77   ASN A O   1 
ATOM   447  C CB  . ASN A 1 77  ? -10.133 -2.112  -16.286 1.00 18.40 ? 77   ASN A CB  1 
ATOM   448  C CG  . ASN A 1 77  ? -8.750  -2.354  -16.887 1.00 20.53 ? 77   ASN A CG  1 
ATOM   449  O OD1 . ASN A 1 77  ? -8.484  -3.413  -17.455 1.00 20.98 ? 77   ASN A OD1 1 
ATOM   450  N ND2 . ASN A 1 77  ? -7.875  -1.367  -16.776 1.00 18.23 ? 77   ASN A ND2 1 
ATOM   451  N N   . HIS A 1 78  ? -12.231 -0.974  -13.864 1.00 19.75 ? 78   HIS A N   1 
ATOM   452  C CA  . HIS A 1 78  ? -13.550 -0.370  -13.712 1.00 20.50 ? 78   HIS A CA  1 
ATOM   453  C C   . HIS A 1 78  ? -13.717 0.612   -12.562 1.00 18.14 ? 78   HIS A C   1 
ATOM   454  O O   . HIS A 1 78  ? -14.803 1.161   -12.370 1.00 17.21 ? 78   HIS A O   1 
ATOM   455  C CB  . HIS A 1 78  ? -14.646 -1.449  -13.662 1.00 22.83 ? 78   HIS A CB  1 
ATOM   456  C CG  . HIS A 1 78  ? -15.010 -1.901  -12.282 1.00 23.95 ? 78   HIS A CG  1 
ATOM   457  N ND1 . HIS A 1 78  ? -14.386 -2.958  -11.652 1.00 25.44 ? 78   HIS A ND1 1 
ATOM   458  C CD2 . HIS A 1 78  ? -15.955 -1.454  -11.420 1.00 24.96 ? 78   HIS A CD2 1 
ATOM   459  C CE1 . HIS A 1 78  ? -14.935 -3.144  -10.464 1.00 26.57 ? 78   HIS A CE1 1 
ATOM   460  N NE2 . HIS A 1 78  ? -15.890 -2.244  -10.299 1.00 25.05 ? 78   HIS A NE2 1 
ATOM   461  N N   . ILE A 1 79  ? -12.642 0.852   -11.812 1.00 17.40 ? 79   ILE A N   1 
ATOM   462  C CA  . ILE A 1 79  ? -12.696 1.790   -10.698 1.00 15.96 ? 79   ILE A CA  1 
ATOM   463  C C   . ILE A 1 79  ? -11.959 3.095   -11.029 1.00 15.97 ? 79   ILE A C   1 
ATOM   464  O O   . ILE A 1 79  ? -11.116 3.140   -11.930 1.00 14.12 ? 79   ILE A O   1 
ATOM   465  C CB  . ILE A 1 79  ? -12.096 1.173   -9.394  1.00 17.29 ? 79   ILE A CB  1 
ATOM   466  C CG1 . ILE A 1 79  ? -10.617 0.852   -9.588  1.00 15.64 ? 79   ILE A CG1 1 
ATOM   467  C CG2 . ILE A 1 79  ? -12.868 -0.090  -9.007  1.00 14.18 ? 79   ILE A CG2 1 
ATOM   468  C CD1 . ILE A 1 79  ? -9.943  0.314   -8.329  1.00 19.67 ? 79   ILE A CD1 1 
ATOM   469  N N   . GLN A 1 80  ? -12.295 4.152   -10.294 1.00 14.72 ? 80   GLN A N   1 
ATOM   470  C CA  . GLN A 1 80  ? -11.705 5.475   -10.485 1.00 18.11 ? 80   GLN A CA  1 
ATOM   471  C C   . GLN A 1 80  ? -10.226 5.542   -10.143 1.00 16.19 ? 80   GLN A C   1 
ATOM   472  O O   . GLN A 1 80  ? -9.771  4.878   -9.210  1.00 16.26 ? 80   GLN A O   1 
ATOM   473  C CB  . GLN A 1 80  ? -12.430 6.501   -9.607  1.00 19.60 ? 80   GLN A CB  1 
ATOM   474  C CG  . GLN A 1 80  ? -13.902 6.704   -9.927  1.00 27.54 ? 80   GLN A CG  1 
ATOM   475  C CD  . GLN A 1 80  ? -14.128 7.535   -11.168 1.00 30.10 ? 80   GLN A CD  1 
ATOM   476  O OE1 . GLN A 1 80  ? -15.264 7.879   -11.495 1.00 34.76 ? 80   GLN A OE1 1 
ATOM   477  N NE2 . GLN A 1 80  ? -13.048 7.863   -11.871 1.00 31.91 ? 80   GLN A NE2 1 
ATOM   478  N N   . LEU A 1 81  ? -9.478  6.348   -10.894 1.00 15.40 ? 81   LEU A N   1 
ATOM   479  C CA  . LEU A 1 81  ? -8.059  6.539   -10.615 1.00 15.77 ? 81   LEU A CA  1 
ATOM   480  C C   . LEU A 1 81  ? -8.007  7.340   -9.308  1.00 16.30 ? 81   LEU A C   1 
ATOM   481  O O   . LEU A 1 81  ? -8.869  8.189   -9.071  1.00 14.65 ? 81   LEU A O   1 
ATOM   482  C CB  . LEU A 1 81  ? -7.388  7.348   -11.733 1.00 17.19 ? 81   LEU A CB  1 
ATOM   483  C CG  . LEU A 1 81  ? -7.201  6.688   -13.104 1.00 16.16 ? 81   LEU A CG  1 
ATOM   484  C CD1 . LEU A 1 81  ? -6.795  7.747   -14.138 1.00 18.40 ? 81   LEU A CD1 1 
ATOM   485  C CD2 . LEU A 1 81  ? -6.146  5.592   -13.002 1.00 14.26 ? 81   LEU A CD2 1 
ATOM   486  N N   . SER A 1 82  ? -7.010  7.071   -8.467  1.00 14.87 ? 82   SER A N   1 
ATOM   487  C CA  . SER A 1 82  ? -6.863  7.782   -7.196  1.00 16.68 ? 82   SER A CA  1 
ATOM   488  C C   . SER A 1 82  ? -6.996  9.280   -7.414  1.00 17.80 ? 82   SER A C   1 
ATOM   489  O O   . SER A 1 82  ? -7.592  9.998   -6.612  1.00 17.42 ? 82   SER A O   1 
ATOM   490  C CB  . SER A 1 82  ? -5.488  7.496   -6.582  1.00 14.55 ? 82   SER A CB  1 
ATOM   491  O OG  . SER A 1 82  ? -5.322  6.116   -6.326  1.00 15.65 ? 82   SER A OG  1 
ATOM   492  N N   . SER A 1 83  ? -6.412  9.729   -8.514  1.00 18.37 ? 83   SER A N   1 
ATOM   493  C CA  . SER A 1 83  ? -6.407  11.122  -8.912  1.00 21.15 ? 83   SER A CA  1 
ATOM   494  C C   . SER A 1 83  ? -7.794  11.761  -9.008  1.00 21.83 ? 83   SER A C   1 
ATOM   495  O O   . SER A 1 83  ? -7.924  12.980  -8.886  1.00 20.39 ? 83   SER A O   1 
ATOM   496  C CB  . SER A 1 83  ? -5.702  11.243  -10.266 1.00 23.20 ? 83   SER A CB  1 
ATOM   497  O OG  . SER A 1 83  ? -5.529  12.600  -10.606 1.00 30.50 ? 83   SER A OG  1 
ATOM   498  N N   . ASN A 1 84  ? -8.823  10.947  -9.235  1.00 21.24 ? 84   ASN A N   1 
ATOM   499  C CA  . ASN A 1 84  ? -10.183 11.464  -9.363  1.00 22.99 ? 84   ASN A CA  1 
ATOM   500  C C   . ASN A 1 84  ? -11.055 11.359  -8.115  1.00 22.46 ? 84   ASN A C   1 
ATOM   501  O O   . ASN A 1 84  ? -12.201 11.803  -8.134  1.00 22.42 ? 84   ASN A O   1 
ATOM   502  C CB  . ASN A 1 84  ? -10.915 10.766  -10.517 1.00 25.69 ? 84   ASN A CB  1 
ATOM   503  C CG  . ASN A 1 84  ? -10.515 11.306  -11.873 1.00 30.92 ? 84   ASN A CG  1 
ATOM   504  O OD1 . ASN A 1 84  ? -10.614 12.508  -12.123 1.00 33.69 ? 84   ASN A OD1 1 
ATOM   505  N ND2 . ASN A 1 84  ? -10.067 10.419  -12.763 1.00 31.62 ? 84   ASN A ND2 1 
ATOM   506  N N   . LEU A 1 85  ? -10.536 10.773  -7.041  1.00 21.32 ? 85   LEU A N   1 
ATOM   507  C CA  . LEU A 1 85  ? -11.325 10.625  -5.813  1.00 20.25 ? 85   LEU A CA  1 
ATOM   508  C C   . LEU A 1 85  ? -11.486 11.936  -5.057  1.00 21.77 ? 85   LEU A C   1 
ATOM   509  O O   . LEU A 1 85  ? -10.679 12.852  -5.212  1.00 21.61 ? 85   LEU A O   1 
ATOM   510  C CB  . LEU A 1 85  ? -10.668 9.602   -4.880  1.00 20.59 ? 85   LEU A CB  1 
ATOM   511  C CG  . LEU A 1 85  ? -10.446 8.179   -5.391  1.00 20.78 ? 85   LEU A CG  1 
ATOM   512  C CD1 . LEU A 1 85  ? -9.695  7.382   -4.322  1.00 21.86 ? 85   LEU A CD1 1 
ATOM   513  C CD2 . LEU A 1 85  ? -11.784 7.519   -5.717  1.00 19.95 ? 85   LEU A CD2 1 
ATOM   514  N N   . MET A 1 86  ? -12.530 12.026  -4.234  1.00 23.10 ? 86   MET A N   1 
ATOM   515  C CA  . MET A 1 86  ? -12.755 13.227  -3.435  1.00 25.33 ? 86   MET A CA  1 
ATOM   516  C C   . MET A 1 86  ? -11.702 13.273  -2.324  1.00 24.87 ? 86   MET A C   1 
ATOM   517  O O   . MET A 1 86  ? -11.383 12.250  -1.718  1.00 22.26 ? 86   MET A O   1 
ATOM   518  C CB  . MET A 1 86  ? -14.155 13.206  -2.812  1.00 27.00 ? 86   MET A CB  1 
ATOM   519  C CG  . MET A 1 86  ? -15.290 13.307  -3.824  1.00 35.52 ? 86   MET A CG  1 
ATOM   520  S SD  . MET A 1 86  ? -16.925 13.174  -3.056  1.00 42.70 ? 86   MET A SD  1 
ATOM   521  C CE  . MET A 1 86  ? -17.163 11.361  -3.107  1.00 41.00 ? 86   MET A CE  1 
ATOM   522  N N   . PRO A 1 87  ? -11.138 14.459  -2.052  1.00 25.29 ? 87   PRO A N   1 
ATOM   523  C CA  . PRO A 1 87  ? -10.125 14.568  -0.995  1.00 25.07 ? 87   PRO A CA  1 
ATOM   524  C C   . PRO A 1 87  ? -10.623 13.985  0.332   1.00 25.17 ? 87   PRO A C   1 
ATOM   525  O O   . PRO A 1 87  ? -11.762 14.226  0.738   1.00 25.45 ? 87   PRO A O   1 
ATOM   526  C CB  . PRO A 1 87  ? -9.872  16.068  -0.921  1.00 27.92 ? 87   PRO A CB  1 
ATOM   527  C CG  . PRO A 1 87  ? -10.041 16.495  -2.367  1.00 29.22 ? 87   PRO A CG  1 
ATOM   528  C CD  . PRO A 1 87  ? -11.307 15.745  -2.756  1.00 27.28 ? 87   PRO A CD  1 
ATOM   529  N N   . GLY A 1 88  ? -9.770  13.212  0.998   1.00 23.09 ? 88   GLY A N   1 
ATOM   530  C CA  . GLY A 1 88  ? -10.150 12.603  2.260   1.00 22.19 ? 88   GLY A CA  1 
ATOM   531  C C   . GLY A 1 88  ? -10.392 11.102  2.176   1.00 21.65 ? 88   GLY A C   1 
ATOM   532  O O   . GLY A 1 88  ? -10.501 10.431  3.204   1.00 21.78 ? 88   GLY A O   1 
ATOM   533  N N   . CYS A 1 89  ? -10.480 10.571  0.957   1.00 19.89 ? 89   CYS A N   1 
ATOM   534  C CA  . CYS A 1 89  ? -10.710 9.143   0.753   1.00 18.80 ? 89   CYS A CA  1 
ATOM   535  C C   . CYS A 1 89  ? -9.390  8.382   0.572   1.00 18.25 ? 89   CYS A C   1 
ATOM   536  O O   . CYS A 1 89  ? -8.356  8.987   0.290   1.00 17.44 ? 89   CYS A O   1 
ATOM   537  C CB  . CYS A 1 89  ? -11.595 8.929   -0.487  1.00 21.44 ? 89   CYS A CB  1 
ATOM   538  S SG  . CYS A 1 89  ? -13.216 9.768   -0.449  1.00 23.75 ? 89   CYS A SG  1 
ATOM   539  N N   . ASP A 1 90  ? -9.424  7.061   0.753   1.00 17.60 ? 90   ASP A N   1 
ATOM   540  C CA  . ASP A 1 90  ? -8.235  6.221   0.563   1.00 16.90 ? 90   ASP A CA  1 
ATOM   541  C C   . ASP A 1 90  ? -8.595  4.928   -0.162  1.00 16.76 ? 90   ASP A C   1 
ATOM   542  O O   . ASP A 1 90  ? -9.761  4.532   -0.218  1.00 17.40 ? 90   ASP A O   1 
ATOM   543  C CB  . ASP A 1 90  ? -7.580  5.764   1.883   1.00 18.03 ? 90   ASP A CB  1 
ATOM   544  C CG  . ASP A 1 90  ? -7.483  6.848   2.931   1.00 21.12 ? 90   ASP A CG  1 
ATOM   545  O OD1 . ASP A 1 90  ? -7.077  7.984   2.615   1.00 19.88 ? 90   ASP A OD1 1 
ATOM   546  O OD2 . ASP A 1 90  ? -7.797  6.531   4.102   1.00 22.67 ? 90   ASP A OD2 1 
ATOM   547  N N   . TYR A 1 91  ? -7.563  4.282   -0.704  1.00 16.31 ? 91   TYR A N   1 
ATOM   548  C CA  . TYR A 1 91  ? -7.649  2.976   -1.356  1.00 15.13 ? 91   TYR A CA  1 
ATOM   549  C C   . TYR A 1 91  ? -6.585  2.215   -0.561  1.00 16.21 ? 91   TYR A C   1 
ATOM   550  O O   . TYR A 1 91  ? -5.541  2.787   -0.227  1.00 12.46 ? 91   TYR A O   1 
ATOM   551  C CB  . TYR A 1 91  ? -7.191  3.030   -2.821  1.00 17.68 ? 91   TYR A CB  1 
ATOM   552  C CG  . TYR A 1 91  ? -8.266  3.250   -3.886  1.00 16.84 ? 91   TYR A CG  1 
ATOM   553  C CD1 . TYR A 1 91  ? -7.982  4.008   -5.023  1.00 17.95 ? 91   TYR A CD1 1 
ATOM   554  C CD2 . TYR A 1 91  ? -9.528  2.649   -3.798  1.00 16.75 ? 91   TYR A CD2 1 
ATOM   555  C CE1 . TYR A 1 91  ? -8.915  4.169   -6.053  1.00 15.75 ? 91   TYR A CE1 1 
ATOM   556  C CE2 . TYR A 1 91  ? -10.477 2.804   -4.828  1.00 15.91 ? 91   TYR A CE2 1 
ATOM   557  C CZ  . TYR A 1 91  ? -10.152 3.569   -5.953  1.00 16.32 ? 91   TYR A CZ  1 
ATOM   558  O OH  . TYR A 1 91  ? -11.048 3.739   -6.983  1.00 17.31 ? 91   TYR A OH  1 
ATOM   559  N N   . SER A 1 92  ? -6.844  0.948   -0.247  1.00 15.07 ? 92   SER A N   1 
ATOM   560  C CA  . SER A 1 92  ? -5.888  0.115   0.480   1.00 14.87 ? 92   SER A CA  1 
ATOM   561  C C   . SER A 1 92  ? -5.920  -1.295  -0.104  1.00 14.01 ? 92   SER A C   1 
ATOM   562  O O   . SER A 1 92  ? -6.997  -1.857  -0.282  1.00 15.07 ? 92   SER A O   1 
ATOM   563  C CB  . SER A 1 92  ? -6.254  0.019   1.971   1.00 17.07 ? 92   SER A CB  1 
ATOM   564  O OG  . SER A 1 92  ? -6.201  1.276   2.623   1.00 20.11 ? 92   SER A OG  1 
ATOM   565  N N   . LEU A 1 93  ? -4.756  -1.862  -0.411  1.00 12.21 ? 93   LEU A N   1 
ATOM   566  C CA  . LEU A 1 93  ? -4.692  -3.229  -0.920  1.00 12.42 ? 93   LEU A CA  1 
ATOM   567  C C   . LEU A 1 93  ? -3.872  -4.045  0.076   1.00 14.07 ? 93   LEU A C   1 
ATOM   568  O O   . LEU A 1 93  ? -2.678  -3.793  0.249   1.00 13.45 ? 93   LEU A O   1 
ATOM   569  C CB  . LEU A 1 93  ? -4.017  -3.303  -2.298  1.00 12.64 ? 93   LEU A CB  1 
ATOM   570  C CG  . LEU A 1 93  ? -4.047  -4.731  -2.879  1.00 12.77 ? 93   LEU A CG  1 
ATOM   571  C CD1 . LEU A 1 93  ? -5.434  -4.998  -3.458  1.00 13.44 ? 93   LEU A CD1 1 
ATOM   572  C CD2 . LEU A 1 93  ? -2.995  -4.915  -3.961  1.00 11.79 ? 93   LEU A CD2 1 
ATOM   573  N N   . PHE A 1 94  ? -4.510  -5.015  0.730   1.00 13.35 ? 94   PHE A N   1 
ATOM   574  C CA  . PHE A 1 94  ? -3.817  -5.855  1.706   1.00 14.30 ? 94   PHE A CA  1 
ATOM   575  C C   . PHE A 1 94  ? -4.042  -7.335  1.450   1.00 14.60 ? 94   PHE A C   1 
ATOM   576  O O   . PHE A 1 94  ? -5.027  -7.730  0.814   1.00 14.38 ? 94   PHE A O   1 
ATOM   577  C CB  . PHE A 1 94  ? -4.271  -5.507  3.135   1.00 12.17 ? 94   PHE A CB  1 
ATOM   578  C CG  . PHE A 1 94  ? -3.547  -4.327  3.735   1.00 13.81 ? 94   PHE A CG  1 
ATOM   579  C CD1 . PHE A 1 94  ? -3.704  -3.046  3.200   1.00 14.80 ? 94   PHE A CD1 1 
ATOM   580  C CD2 . PHE A 1 94  ? -2.678  -4.503  4.816   1.00 12.47 ? 94   PHE A CD2 1 
ATOM   581  C CE1 . PHE A 1 94  ? -3.007  -1.957  3.727   1.00 15.95 ? 94   PHE A CE1 1 
ATOM   582  C CE2 . PHE A 1 94  ? -1.974  -3.418  5.355   1.00 13.71 ? 94   PHE A CE2 1 
ATOM   583  C CZ  . PHE A 1 94  ? -2.137  -2.144  4.810   1.00 13.49 ? 94   PHE A CZ  1 
ATOM   584  N N   . LYS A 1 95  ? -3.118  -8.157  1.928   1.00 15.10 ? 95   LYS A N   1 
ATOM   585  C CA  . LYS A 1 95  ? -3.251  -9.595  1.762   1.00 15.39 ? 95   LYS A CA  1 
ATOM   586  C C   . LYS A 1 95  ? -4.531  -10.012 2.466   1.00 15.95 ? 95   LYS A C   1 
ATOM   587  O O   . LYS A 1 95  ? -4.847  -9.504  3.546   1.00 13.77 ? 95   LYS A O   1 
ATOM   588  C CB  . LYS A 1 95  ? -2.060  -10.331 2.391   1.00 15.88 ? 95   LYS A CB  1 
ATOM   589  C CG  . LYS A 1 95  ? -0.769  -10.195 1.625   1.00 15.89 ? 95   LYS A CG  1 
ATOM   590  C CD  . LYS A 1 95  ? 0.390   -10.844 2.376   1.00 18.94 ? 95   LYS A CD  1 
ATOM   591  C CE  . LYS A 1 95  ? 1.690   -10.669 1.612   1.00 16.17 ? 95   LYS A CE  1 
ATOM   592  N NZ  . LYS A 1 95  ? 2.870   -11.159 2.370   1.00 18.42 ? 95   LYS A NZ  1 
ATOM   593  N N   . ASP A 1 96  ? -5.271  -10.923 1.843   1.00 17.22 ? 96   ASP A N   1 
ATOM   594  C CA  . ASP A 1 96  ? -6.522  -11.418 2.405   1.00 18.82 ? 96   ASP A CA  1 
ATOM   595  C C   . ASP A 1 96  ? -6.279  -11.875 3.844   1.00 18.16 ? 96   ASP A C   1 
ATOM   596  O O   . ASP A 1 96  ? -5.346  -12.638 4.107   1.00 18.48 ? 96   ASP A O   1 
ATOM   597  C CB  . ASP A 1 96  ? -7.041  -12.577 1.540   1.00 22.20 ? 96   ASP A CB  1 
ATOM   598  C CG  . ASP A 1 96  ? -8.336  -13.180 2.067   1.00 24.18 ? 96   ASP A CG  1 
ATOM   599  O OD1 . ASP A 1 96  ? -9.196  -12.432 2.577   1.00 25.64 ? 96   ASP A OD1 1 
ATOM   600  O OD2 . ASP A 1 96  ? -8.498  -14.411 1.949   1.00 27.63 ? 96   ASP A OD2 1 
ATOM   601  N N   . GLY A 1 97  ? -7.102  -11.391 4.772   1.00 17.41 ? 97   GLY A N   1 
ATOM   602  C CA  . GLY A 1 97  ? -6.945  -11.768 6.168   1.00 18.49 ? 97   GLY A CA  1 
ATOM   603  C C   . GLY A 1 97  ? -6.318  -10.689 7.042   1.00 18.90 ? 97   GLY A C   1 
ATOM   604  O O   . GLY A 1 97  ? -6.393  -10.755 8.275   1.00 18.16 ? 97   GLY A O   1 
ATOM   605  N N   . ILE A 1 98  ? -5.695  -9.699  6.409   1.00 17.21 ? 98   ILE A N   1 
ATOM   606  C CA  . ILE A 1 98  ? -5.068  -8.600  7.140   1.00 16.93 ? 98   ILE A CA  1 
ATOM   607  C C   . ILE A 1 98  ? -5.850  -7.302  6.916   1.00 17.03 ? 98   ILE A C   1 
ATOM   608  O O   . ILE A 1 98  ? -5.881  -6.779  5.797   1.00 16.95 ? 98   ILE A O   1 
ATOM   609  C CB  . ILE A 1 98  ? -3.604  -8.390  6.683   1.00 18.01 ? 98   ILE A CB  1 
ATOM   610  C CG1 . ILE A 1 98  ? -2.809  -9.681  6.883   1.00 18.21 ? 98   ILE A CG1 1 
ATOM   611  C CG2 . ILE A 1 98  ? -2.959  -7.246  7.463   1.00 17.00 ? 98   ILE A CG2 1 
ATOM   612  C CD1 . ILE A 1 98  ? -1.354  -9.586  6.443   1.00 18.71 ? 98   ILE A CD1 1 
ATOM   613  N N   . GLU A 1 99  ? -6.493  -6.793  7.968   1.00 15.72 ? 99   GLU A N   1 
ATOM   614  C CA  . GLU A 1 99  ? -7.254  -5.549  7.856   1.00 17.72 ? 99   GLU A CA  1 
ATOM   615  C C   . GLU A 1 99  ? -6.273  -4.378  7.739   1.00 16.25 ? 99   GLU A C   1 
ATOM   616  O O   . GLU A 1 99  ? -5.229  -4.369  8.392   1.00 15.85 ? 99   GLU A O   1 
ATOM   617  C CB  . GLU A 1 99  ? -8.166  -5.373  9.075   1.00 21.72 ? 99   GLU A CB  1 
ATOM   618  C CG  . GLU A 1 99  ? -9.226  -6.465  9.202   1.00 27.58 ? 99   GLU A CG  1 
ATOM   619  C CD  . GLU A 1 99  ? -10.329 -6.121  10.197  1.00 31.02 ? 99   GLU A CD  1 
ATOM   620  O OE1 . GLU A 1 99  ? -10.013 -5.778  11.355  1.00 32.63 ? 99   GLU A OE1 1 
ATOM   621  O OE2 . GLU A 1 99  ? -11.518 -6.203  9.822   1.00 32.90 ? 99   GLU A OE2 1 
ATOM   622  N N   . PRO A 1 100 ? -6.599  -3.370  6.914   1.00 15.63 ? 100  PRO A N   1 
ATOM   623  C CA  . PRO A 1 100 ? -5.697  -2.224  6.745   1.00 15.88 ? 100  PRO A CA  1 
ATOM   624  C C   . PRO A 1 100 ? -5.715  -1.207  7.882   1.00 15.81 ? 100  PRO A C   1 
ATOM   625  O O   . PRO A 1 100 ? -5.954  -0.025  7.647   1.00 14.70 ? 100  PRO A O   1 
ATOM   626  C CB  . PRO A 1 100 ? -6.167  -1.623  5.421   1.00 16.22 ? 100  PRO A CB  1 
ATOM   627  C CG  . PRO A 1 100 ? -7.643  -1.809  5.497   1.00 17.97 ? 100  PRO A CG  1 
ATOM   628  C CD  . PRO A 1 100 ? -7.785  -3.235  6.047   1.00 15.89 ? 100  PRO A CD  1 
ATOM   629  N N   . MET A 1 101 ? -5.441  -1.669  9.103   1.00 16.11 ? 101  MET A N   1 
ATOM   630  C CA  . MET A 1 101 ? -5.430  -0.805  10.281  1.00 14.07 ? 101  MET A CA  1 
ATOM   631  C C   . MET A 1 101 ? -4.308  -1.198  11.248  1.00 13.32 ? 101  MET A C   1 
ATOM   632  O O   . MET A 1 101 ? -3.863  -2.343  11.255  1.00 11.40 ? 101  MET A O   1 
ATOM   633  C CB  . MET A 1 101 ? -6.780  -0.886  11.000  1.00 17.35 ? 101  MET A CB  1 
ATOM   634  C CG  . MET A 1 101 ? -7.176  -2.301  11.434  1.00 22.72 ? 101  MET A CG  1 
ATOM   635  S SD  . MET A 1 101 ? -8.720  -2.367  12.380  1.00 27.36 ? 101  MET A SD  1 
ATOM   636  C CE  . MET A 1 101 ? -9.939  -2.259  11.074  1.00 28.99 ? 101  MET A CE  1 
ATOM   637  N N   . TRP A 1 102 ? -3.862  -0.242  12.061  1.00 12.75 ? 102  TRP A N   1 
ATOM   638  C CA  . TRP A 1 102 ? -2.786  -0.478  13.027  1.00 14.25 ? 102  TRP A CA  1 
ATOM   639  C C   . TRP A 1 102 ? -3.054  -1.647  13.981  1.00 16.32 ? 102  TRP A C   1 
ATOM   640  O O   . TRP A 1 102 ? -2.160  -2.446  14.277  1.00 15.92 ? 102  TRP A O   1 
ATOM   641  C CB  . TRP A 1 102 ? -2.545  0.763   13.906  1.00 14.82 ? 102  TRP A CB  1 
ATOM   642  C CG  . TRP A 1 102 ? -2.289  2.070   13.208  1.00 13.02 ? 102  TRP A CG  1 
ATOM   643  C CD1 . TRP A 1 102 ? -1.470  2.289   12.140  1.00 14.90 ? 102  TRP A CD1 1 
ATOM   644  C CD2 . TRP A 1 102 ? -2.801  3.355   13.593  1.00 14.37 ? 102  TRP A CD2 1 
ATOM   645  N NE1 . TRP A 1 102 ? -1.435  3.636   11.838  1.00 14.75 ? 102  TRP A NE1 1 
ATOM   646  C CE2 . TRP A 1 102 ? -2.245  4.309   12.714  1.00 16.12 ? 102  TRP A CE2 1 
ATOM   647  C CE3 . TRP A 1 102 ? -3.675  3.791   14.601  1.00 14.03 ? 102  TRP A CE3 1 
ATOM   648  C CZ2 . TRP A 1 102 ? -2.535  5.679   12.808  1.00 16.56 ? 102  TRP A CZ2 1 
ATOM   649  C CZ3 . TRP A 1 102 ? -3.963  5.151   14.698  1.00 16.69 ? 102  TRP A CZ3 1 
ATOM   650  C CH2 . TRP A 1 102 ? -3.393  6.080   13.804  1.00 18.68 ? 102  TRP A CH2 1 
ATOM   651  N N   . GLU A 1 103 ? -4.289  -1.723  14.468  1.00 15.64 ? 103  GLU A N   1 
ATOM   652  C CA  . GLU A 1 103 ? -4.705  -2.733  15.438  1.00 16.48 ? 103  GLU A CA  1 
ATOM   653  C C   . GLU A 1 103 ? -4.566  -4.211  15.057  1.00 18.76 ? 103  GLU A C   1 
ATOM   654  O O   . GLU A 1 103 ? -4.524  -5.081  15.938  1.00 16.43 ? 103  GLU A O   1 
ATOM   655  C CB  . GLU A 1 103 ? -6.157  -2.457  15.851  1.00 17.54 ? 103  GLU A CB  1 
ATOM   656  C CG  . GLU A 1 103 ? -6.389  -1.057  16.448  1.00 16.60 ? 103  GLU A CG  1 
ATOM   657  C CD  . GLU A 1 103 ? -6.861  -0.022  15.428  1.00 18.77 ? 103  GLU A CD  1 
ATOM   658  O OE1 . GLU A 1 103 ? -6.160  0.211   14.411  1.00 14.80 ? 103  GLU A OE1 1 
ATOM   659  O OE2 . GLU A 1 103 ? -7.943  0.569   15.658  1.00 17.05 ? 103  GLU A OE2 1 
ATOM   660  N N   . ASP A 1 104 ? -4.490  -4.496  13.759  1.00 18.32 ? 104  ASP A N   1 
ATOM   661  C CA  . ASP A 1 104 ? -4.390  -5.871  13.280  1.00 18.05 ? 104  ASP A CA  1 
ATOM   662  C C   . ASP A 1 104 ? -3.181  -6.614  13.851  1.00 18.11 ? 104  ASP A C   1 
ATOM   663  O O   . ASP A 1 104 ? -2.129  -6.021  14.109  1.00 16.18 ? 104  ASP A O   1 
ATOM   664  C CB  . ASP A 1 104 ? -4.325  -5.894  11.744  1.00 19.21 ? 104  ASP A CB  1 
ATOM   665  C CG  . ASP A 1 104 ? -4.591  -7.275  11.167  1.00 19.61 ? 104  ASP A CG  1 
ATOM   666  O OD1 . ASP A 1 104 ? -5.738  -7.535  10.731  1.00 15.14 ? 104  ASP A OD1 1 
ATOM   667  O OD2 . ASP A 1 104 ? -3.658  -8.107  11.164  1.00 20.62 ? 104  ASP A OD2 1 
ATOM   668  N N   . GLU A 1 105 ? -3.342  -7.920  14.043  1.00 18.77 ? 105  GLU A N   1 
ATOM   669  C CA  . GLU A 1 105 ? -2.270  -8.760  14.568  1.00 19.02 ? 105  GLU A CA  1 
ATOM   670  C C   . GLU A 1 105 ? -0.994  -8.621  13.740  1.00 16.64 ? 105  GLU A C   1 
ATOM   671  O O   . GLU A 1 105 ? 0.114   -8.639  14.284  1.00 16.48 ? 105  GLU A O   1 
ATOM   672  C CB  . GLU A 1 105 ? -2.696  -10.230 14.552  1.00 21.40 ? 105  GLU A CB  1 
ATOM   673  C CG  . GLU A 1 105 ? -1.613  -11.185 15.041  1.00 27.21 ? 105  GLU A CG  1 
ATOM   674  C CD  . GLU A 1 105 ? -1.851  -12.617 14.593  1.00 33.65 ? 105  GLU A CD  1 
ATOM   675  O OE1 . GLU A 1 105 ? -2.980  -13.122 14.776  1.00 35.12 ? 105  GLU A OE1 1 
ATOM   676  O OE2 . GLU A 1 105 ? -0.904  -13.241 14.059  1.00 36.21 ? 105  GLU A OE2 1 
ATOM   677  N N   . LYS A 1 106 ? -1.148  -8.489  12.425  1.00 16.33 ? 106  LYS A N   1 
ATOM   678  C CA  . LYS A 1 106 ? 0.016   -8.387  11.534  1.00 17.17 ? 106  LYS A CA  1 
ATOM   679  C C   . LYS A 1 106 ? 0.553   -6.977  11.275  1.00 16.07 ? 106  LYS A C   1 
ATOM   680  O O   . LYS A 1 106 ? 1.527   -6.815  10.528  1.00 16.57 ? 106  LYS A O   1 
ATOM   681  C CB  . LYS A 1 106 ? -0.294  -9.057  10.187  1.00 18.49 ? 106  LYS A CB  1 
ATOM   682  C CG  . LYS A 1 106 ? -0.660  -10.546 10.273  1.00 19.30 ? 106  LYS A CG  1 
ATOM   683  C CD  . LYS A 1 106 ? 0.499   -11.402 10.771  1.00 23.66 ? 106  LYS A CD  1 
ATOM   684  C CE  . LYS A 1 106 ? 1.678   -11.363 9.805   1.00 27.73 ? 106  LYS A CE  1 
ATOM   685  N NZ  . LYS A 1 106 ? 2.830   -12.168 10.292  1.00 32.49 ? 106  LYS A NZ  1 
ATOM   686  N N   . ASN A 1 107 ? -0.074  -5.962  11.869  1.00 15.95 ? 107  ASN A N   1 
ATOM   687  C CA  . ASN A 1 107 ? 0.377   -4.583  11.687  1.00 15.52 ? 107  ASN A CA  1 
ATOM   688  C C   . ASN A 1 107 ? 0.811   -3.906  12.986  1.00 16.45 ? 107  ASN A C   1 
ATOM   689  O O   . ASN A 1 107 ? 1.660   -3.020  12.958  1.00 16.91 ? 107  ASN A O   1 
ATOM   690  C CB  . ASN A 1 107 ? -0.722  -3.704  11.062  1.00 15.56 ? 107  ASN A CB  1 
ATOM   691  C CG  . ASN A 1 107 ? -1.077  -4.108  9.640   1.00 17.27 ? 107  ASN A CG  1 
ATOM   692  O OD1 . ASN A 1 107 ? -0.201  -4.404  8.818   1.00 16.29 ? 107  ASN A OD1 1 
ATOM   693  N ND2 . ASN A 1 107 ? -2.370  -4.097  9.333   1.00 14.88 ? 107  ASN A ND2 1 
ATOM   694  N N   . LYS A 1 108 ? 0.235   -4.320  14.115  1.00 16.07 ? 108  LYS A N   1 
ATOM   695  C CA  . LYS A 1 108 ? 0.531   -3.682  15.403  1.00 15.91 ? 108  LYS A CA  1 
ATOM   696  C C   . LYS A 1 108 ? 2.011   -3.529  15.779  1.00 14.82 ? 108  LYS A C   1 
ATOM   697  O O   . LYS A 1 108 ? 2.389   -2.544  16.415  1.00 14.21 ? 108  LYS A O   1 
ATOM   698  C CB  . LYS A 1 108 ? -0.261  -4.377  16.536  1.00 17.47 ? 108  LYS A CB  1 
ATOM   699  C CG  . LYS A 1 108 ? 0.304   -5.697  17.063  1.00 18.56 ? 108  LYS A CG  1 
ATOM   700  C CD  . LYS A 1 108 ? 1.027   -5.449  18.377  1.00 19.59 ? 108  LYS A CD  1 
ATOM   701  C CE  . LYS A 1 108 ? 1.581   -6.736  19.016  1.00 27.20 ? 108  LYS A CE  1 
ATOM   702  N NZ  . LYS A 1 108 ? 0.673   -7.382  20.036  1.00 28.33 ? 108  LYS A NZ  1 
ATOM   703  N N   . ARG A 1 109 ? 2.850   -4.477  15.385  1.00 15.15 ? 109  ARG A N   1 
ATOM   704  C CA  . ARG A 1 109 ? 4.277   -4.378  15.689  1.00 17.82 ? 109  ARG A CA  1 
ATOM   705  C C   . ARG A 1 109 ? 5.067   -3.903  14.470  1.00 17.95 ? 109  ARG A C   1 
ATOM   706  O O   . ARG A 1 109 ? 6.300   -3.961  14.465  1.00 17.45 ? 109  ARG A O   1 
ATOM   707  C CB  . ARG A 1 109 ? 4.835   -5.732  16.133  1.00 20.97 ? 109  ARG A CB  1 
ATOM   708  C CG  . ARG A 1 109 ? 4.328   -6.228  17.472  1.00 26.10 ? 109  ARG A CG  1 
ATOM   709  C CD  . ARG A 1 109 ? 5.224   -7.334  17.989  1.00 31.55 ? 109  ARG A CD  1 
ATOM   710  N NE  . ARG A 1 109 ? 6.620   -6.896  18.010  1.00 37.01 ? 109  ARG A NE  1 
ATOM   711  C CZ  . ARG A 1 109 ? 7.629   -7.607  18.502  1.00 38.47 ? 109  ARG A CZ  1 
ATOM   712  N NH1 . ARG A 1 109 ? 7.406   -8.806  19.027  1.00 41.33 ? 109  ARG A NH1 1 
ATOM   713  N NH2 . ARG A 1 109 ? 8.864   -7.123  18.462  1.00 39.49 ? 109  ARG A NH2 1 
ATOM   714  N N   . GLY A 1 110 ? 4.359   -3.424  13.449  1.00 17.34 ? 110  GLY A N   1 
ATOM   715  C CA  . GLY A 1 110 ? 5.027   -2.988  12.233  1.00 17.82 ? 110  GLY A CA  1 
ATOM   716  C C   . GLY A 1 110 ? 5.140   -1.494  11.987  1.00 17.33 ? 110  GLY A C   1 
ATOM   717  O O   . GLY A 1 110 ? 5.082   -0.684  12.909  1.00 16.23 ? 110  GLY A O   1 
ATOM   718  N N   . GLY A 1 111 ? 5.302   -1.142  10.716  1.00 17.29 ? 111  GLY A N   1 
ATOM   719  C CA  . GLY A 1 111 ? 5.447   0.248   10.325  1.00 16.60 ? 111  GLY A CA  1 
ATOM   720  C C   . GLY A 1 111 ? 5.236   0.424   8.835   1.00 14.28 ? 111  GLY A C   1 
ATOM   721  O O   . GLY A 1 111 ? 4.790   -0.509  8.148   1.00 13.76 ? 111  GLY A O   1 
ATOM   722  N N   . ARG A 1 112 ? 5.575   1.605   8.325   1.00 14.08 ? 112  ARG A N   1 
ATOM   723  C CA  . ARG A 1 112 ? 5.383   1.913   6.908   1.00 14.28 ? 112  ARG A CA  1 
ATOM   724  C C   . ARG A 1 112 ? 6.487   2.787   6.297   1.00 15.01 ? 112  ARG A C   1 
ATOM   725  O O   . ARG A 1 112 ? 7.067   3.631   6.988   1.00 13.44 ? 112  ARG A O   1 
ATOM   726  C CB  . ARG A 1 112 ? 4.050   2.649   6.729   1.00 14.37 ? 112  ARG A CB  1 
ATOM   727  C CG  . ARG A 1 112 ? 4.015   4.016   7.461   1.00 16.32 ? 112  ARG A CG  1 
ATOM   728  C CD  . ARG A 1 112 ? 2.744   4.836   7.198   1.00 16.13 ? 112  ARG A CD  1 
ATOM   729  N NE  . ARG A 1 112 ? 2.848   6.185   7.768   1.00 16.52 ? 112  ARG A NE  1 
ATOM   730  C CZ  . ARG A 1 112 ? 1.952   7.159   7.597   1.00 18.58 ? 112  ARG A CZ  1 
ATOM   731  N NH1 . ARG A 1 112 ? 2.149   8.346   8.160   1.00 16.81 ? 112  ARG A NH1 1 
ATOM   732  N NH2 . ARG A 1 112 ? 0.857   6.956   6.865   1.00 14.27 ? 112  ARG A NH2 1 
ATOM   733  N N   . TRP A 1 113 ? 6.775   2.554   5.012   1.00 14.15 ? 113  TRP A N   1 
ATOM   734  C CA  . TRP A 1 113 ? 7.725   3.368   4.237   1.00 16.20 ? 113  TRP A CA  1 
ATOM   735  C C   . TRP A 1 113 ? 6.796   4.416   3.620   1.00 16.66 ? 113  TRP A C   1 
ATOM   736  O O   . TRP A 1 113 ? 5.882   4.068   2.864   1.00 16.37 ? 113  TRP A O   1 
ATOM   737  C CB  . TRP A 1 113 ? 8.398   2.559   3.107   1.00 14.45 ? 113  TRP A CB  1 
ATOM   738  C CG  . TRP A 1 113 ? 9.621   1.794   3.539   1.00 12.56 ? 113  TRP A CG  1 
ATOM   739  C CD1 . TRP A 1 113 ? 9.733   0.444   3.685   1.00 12.33 ? 113  TRP A CD1 1 
ATOM   740  C CD2 . TRP A 1 113 ? 10.879  2.350   3.962   1.00 13.06 ? 113  TRP A CD2 1 
ATOM   741  N NE1 . TRP A 1 113 ? 10.977  0.119   4.184   1.00 12.96 ? 113  TRP A NE1 1 
ATOM   742  C CE2 . TRP A 1 113 ? 11.700  1.270   4.362   1.00 12.07 ? 113  TRP A CE2 1 
ATOM   743  C CE3 . TRP A 1 113 ? 11.388  3.654   4.045   1.00 13.85 ? 113  TRP A CE3 1 
ATOM   744  C CZ2 . TRP A 1 113 ? 13.006  1.453   4.841   1.00 13.25 ? 113  TRP A CZ2 1 
ATOM   745  C CZ3 . TRP A 1 113 ? 12.688  3.842   4.521   1.00 13.27 ? 113  TRP A CZ3 1 
ATOM   746  C CH2 . TRP A 1 113 ? 13.482  2.742   4.914   1.00 14.62 ? 113  TRP A CH2 1 
ATOM   747  N N   . LEU A 1 114 ? 7.018   5.689   3.939   1.00 15.91 ? 114  LEU A N   1 
ATOM   748  C CA  . LEU A 1 114 ? 6.155   6.757   3.451   1.00 15.33 ? 114  LEU A CA  1 
ATOM   749  C C   . LEU A 1 114 ? 6.671   7.571   2.266   1.00 16.99 ? 114  LEU A C   1 
ATOM   750  O O   . LEU A 1 114 ? 7.821   8.018   2.255   1.00 16.59 ? 114  LEU A O   1 
ATOM   751  C CB  . LEU A 1 114 ? 5.839   7.709   4.612   1.00 16.89 ? 114  LEU A CB  1 
ATOM   752  C CG  . LEU A 1 114 ? 4.876   8.880   4.392   1.00 16.72 ? 114  LEU A CG  1 
ATOM   753  C CD1 . LEU A 1 114 ? 3.446   8.355   4.198   1.00 12.50 ? 114  LEU A CD1 1 
ATOM   754  C CD2 . LEU A 1 114 ? 4.935   9.805   5.601   1.00 16.46 ? 114  LEU A CD2 1 
ATOM   755  N N   . ILE A 1 115 ? 5.805   7.760   1.269   1.00 16.83 ? 115  ILE A N   1 
ATOM   756  C CA  . ILE A 1 115 ? 6.134   8.566   0.092   1.00 16.33 ? 115  ILE A CA  1 
ATOM   757  C C   . ILE A 1 115 ? 5.268   9.821   0.218   1.00 17.63 ? 115  ILE A C   1 
ATOM   758  O O   . ILE A 1 115 ? 4.038   9.728   0.216   1.00 16.43 ? 115  ILE A O   1 
ATOM   759  C CB  . ILE A 1 115 ? 5.752   7.863   -1.238  1.00 16.67 ? 115  ILE A CB  1 
ATOM   760  C CG1 . ILE A 1 115 ? 6.385   6.471   -1.309  1.00 15.62 ? 115  ILE A CG1 1 
ATOM   761  C CG2 . ILE A 1 115 ? 6.207   8.720   -2.420  1.00 15.98 ? 115  ILE A CG2 1 
ATOM   762  C CD1 . ILE A 1 115 ? 7.901   6.469   -1.199  1.00 16.85 ? 115  ILE A CD1 1 
ATOM   763  N N   . THR A 1 116 ? 5.898   10.987  0.334   1.00 16.61 ? 116  THR A N   1 
ATOM   764  C CA  . THR A 1 116 ? 5.143   12.230  0.471   1.00 17.85 ? 116  THR A CA  1 
ATOM   765  C C   . THR A 1 116 ? 5.200   13.056  -0.817  1.00 18.62 ? 116  THR A C   1 
ATOM   766  O O   . THR A 1 116 ? 6.257   13.544  -1.211  1.00 17.61 ? 116  THR A O   1 
ATOM   767  C CB  . THR A 1 116 ? 5.671   13.066  1.661   1.00 18.42 ? 116  THR A CB  1 
ATOM   768  O OG1 . THR A 1 116 ? 7.078   13.297  1.505   1.00 19.39 ? 116  THR A OG1 1 
ATOM   769  C CG2 . THR A 1 116 ? 5.433   12.325  2.975   1.00 16.67 ? 116  THR A CG2 1 
ATOM   770  N N   . LEU A 1 117 ? 4.044   13.205  -1.458  1.00 18.15 ? 117  LEU A N   1 
ATOM   771  C CA  . LEU A 1 117 ? 3.923   13.937  -2.720  1.00 18.88 ? 117  LEU A CA  1 
ATOM   772  C C   . LEU A 1 117 ? 3.494   15.399  -2.568  1.00 18.92 ? 117  LEU A C   1 
ATOM   773  O O   . LEU A 1 117 ? 2.746   15.738  -1.644  1.00 17.57 ? 117  LEU A O   1 
ATOM   774  C CB  . LEU A 1 117 ? 2.920   13.210  -3.617  1.00 18.54 ? 117  LEU A CB  1 
ATOM   775  C CG  . LEU A 1 117 ? 3.180   11.718  -3.853  1.00 20.23 ? 117  LEU A CG  1 
ATOM   776  C CD1 . LEU A 1 117 ? 2.080   11.128  -4.741  1.00 21.89 ? 117  LEU A CD1 1 
ATOM   777  C CD2 . LEU A 1 117 ? 4.547   11.539  -4.503  1.00 20.16 ? 117  LEU A CD2 1 
ATOM   778  N N   . ASN A 1 118 ? 3.968   16.261  -3.471  1.00 18.28 ? 118  ASN A N   1 
ATOM   779  C CA  . ASN A 1 118 ? 3.587   17.677  -3.438  1.00 20.89 ? 118  ASN A CA  1 
ATOM   780  C C   . ASN A 1 118 ? 2.320   17.827  -4.281  1.00 20.28 ? 118  ASN A C   1 
ATOM   781  O O   . ASN A 1 118 ? 1.916   16.880  -4.953  1.00 19.33 ? 118  ASN A O   1 
ATOM   782  C CB  . ASN A 1 118 ? 4.710   18.597  -3.974  1.00 20.83 ? 118  ASN A CB  1 
ATOM   783  C CG  . ASN A 1 118 ? 5.109   18.290  -5.412  1.00 23.39 ? 118  ASN A CG  1 
ATOM   784  O OD1 . ASN A 1 118 ? 4.261   18.174  -6.304  1.00 21.31 ? 118  ASN A OD1 1 
ATOM   785  N ND2 . ASN A 1 118 ? 6.416   18.171  -5.646  1.00 22.32 ? 118  ASN A ND2 1 
ATOM   786  N N   . LYS A 1 119 ? 1.691   19.001  -4.242  1.00 20.28 ? 119  LYS A N   1 
ATOM   787  C CA  . LYS A 1 119 ? 0.448   19.214  -4.989  1.00 21.36 ? 119  LYS A CA  1 
ATOM   788  C C   . LYS A 1 119 ? 0.537   19.024  -6.495  1.00 20.66 ? 119  LYS A C   1 
ATOM   789  O O   . LYS A 1 119 ? -0.443  18.609  -7.117  1.00 20.34 ? 119  LYS A O   1 
ATOM   790  C CB  . LYS A 1 119 ? -0.134  20.595  -4.684  1.00 22.65 ? 119  LYS A CB  1 
ATOM   791  C CG  . LYS A 1 119 ? -0.653  20.733  -3.264  1.00 25.14 ? 119  LYS A CG  1 
ATOM   792  C CD  . LYS A 1 119 ? -1.310  22.084  -3.043  1.00 27.97 ? 119  LYS A CD  1 
ATOM   793  C CE  . LYS A 1 119 ? -1.841  22.213  -1.631  1.00 28.99 ? 119  LYS A CE  1 
ATOM   794  N NZ  . LYS A 1 119 ? -2.511  23.528  -1.410  1.00 33.32 ? 119  LYS A NZ  1 
ATOM   795  N N   . GLN A 1 120 ? 1.691   19.322  -7.082  1.00 20.10 ? 120  GLN A N   1 
ATOM   796  C CA  . GLN A 1 120 ? 1.867   19.160  -8.524  1.00 21.32 ? 120  GLN A CA  1 
ATOM   797  C C   . GLN A 1 120 ? 1.957   17.681  -8.918  1.00 20.61 ? 120  GLN A C   1 
ATOM   798  O O   . GLN A 1 120 ? 1.617   17.314  -10.044 1.00 21.66 ? 120  GLN A O   1 
ATOM   799  C CB  . GLN A 1 120 ? 3.125   19.902  -9.003  1.00 19.91 ? 120  GLN A CB  1 
ATOM   800  C CG  . GLN A 1 120 ? 3.063   21.417  -8.841  1.00 22.16 ? 120  GLN A CG  1 
ATOM   801  C CD  . GLN A 1 120 ? 3.214   21.869  -7.400  1.00 24.07 ? 120  GLN A CD  1 
ATOM   802  O OE1 . GLN A 1 120 ? 2.509   22.767  -6.942  1.00 24.41 ? 120  GLN A OE1 1 
ATOM   803  N NE2 . GLN A 1 120 ? 4.149   21.257  -6.684  1.00 23.57 ? 120  GLN A NE2 1 
ATOM   804  N N   . GLN A 1 121 ? 2.403   16.830  -7.997  1.00 19.17 ? 121  GLN A N   1 
ATOM   805  C CA  . GLN A 1 121 ? 2.517   15.399  -8.292  1.00 20.52 ? 121  GLN A CA  1 
ATOM   806  C C   . GLN A 1 121 ? 1.168   14.666  -8.407  1.00 20.50 ? 121  GLN A C   1 
ATOM   807  O O   . GLN A 1 121 ? 1.114   13.511  -8.847  1.00 19.21 ? 121  GLN A O   1 
ATOM   808  C CB  . GLN A 1 121 ? 3.433   14.714  -7.262  1.00 19.89 ? 121  GLN A CB  1 
ATOM   809  C CG  . GLN A 1 121 ? 4.916   14.994  -7.528  1.00 18.98 ? 121  GLN A CG  1 
ATOM   810  C CD  . GLN A 1 121 ? 5.848   14.433  -6.468  1.00 19.87 ? 121  GLN A CD  1 
ATOM   811  O OE1 . GLN A 1 121 ? 5.898   14.926  -5.342  1.00 15.43 ? 121  GLN A OE1 1 
ATOM   812  N NE2 . GLN A 1 121 ? 6.598   13.397  -6.830  1.00 20.92 ? 121  GLN A NE2 1 
ATOM   813  N N   . ARG A 1 122 ? 0.086   15.336  -8.015  1.00 20.81 ? 122  ARG A N   1 
ATOM   814  C CA  . ARG A 1 122 ? -1.260  14.762  -8.127  1.00 22.47 ? 122  ARG A CA  1 
ATOM   815  C C   . ARG A 1 122 ? -1.462  14.422  -9.613  1.00 22.41 ? 122  ARG A C   1 
ATOM   816  O O   . ARG A 1 122 ? -1.977  13.354  -9.957  1.00 21.59 ? 122  ARG A O   1 
ATOM   817  C CB  . ARG A 1 122 ? -2.306  15.792  -7.655  1.00 21.67 ? 122  ARG A CB  1 
ATOM   818  C CG  . ARG A 1 122 ? -3.781  15.510  -8.001  1.00 24.04 ? 122  ARG A CG  1 
ATOM   819  C CD  . ARG A 1 122 ? -4.421  14.392  -7.165  1.00 23.56 ? 122  ARG A CD  1 
ATOM   820  N NE  . ARG A 1 122 ? -4.559  14.703  -5.738  1.00 21.14 ? 122  ARG A NE  1 
ATOM   821  C CZ  . ARG A 1 122 ? -5.483  15.503  -5.208  1.00 23.56 ? 122  ARG A CZ  1 
ATOM   822  N NH1 . ARG A 1 122 ? -6.380  16.104  -5.978  1.00 24.46 ? 122  ARG A NH1 1 
ATOM   823  N NH2 . ARG A 1 122 ? -5.526  15.688  -3.889  1.00 19.32 ? 122  ARG A NH2 1 
ATOM   824  N N   . ARG A 1 123 ? -1.018  15.330  -10.482 1.00 21.26 ? 123  ARG A N   1 
ATOM   825  C CA  . ARG A 1 123 ? -1.129  15.161  -11.933 1.00 20.74 ? 123  ARG A CA  1 
ATOM   826  C C   . ARG A 1 123 ? -0.039  14.286  -12.552 1.00 20.78 ? 123  ARG A C   1 
ATOM   827  O O   . ARG A 1 123 ? -0.328  13.373  -13.328 1.00 19.49 ? 123  ARG A O   1 
ATOM   828  C CB  . ARG A 1 123 ? -1.098  16.531  -12.628 1.00 21.63 ? 123  ARG A CB  1 
ATOM   829  C CG  . ARG A 1 123 ? -0.688  16.499  -14.118 1.00 23.76 ? 123  ARG A CG  1 
ATOM   830  C CD  . ARG A 1 123 ? -0.563  17.914  -14.697 1.00 25.28 ? 123  ARG A CD  1 
ATOM   831  N NE  . ARG A 1 123 ? -0.105  17.948  -16.092 1.00 27.02 ? 123  ARG A NE  1 
ATOM   832  C CZ  . ARG A 1 123 ? 1.169   18.028  -16.469 1.00 27.47 ? 123  ARG A CZ  1 
ATOM   833  N NH1 . ARG A 1 123 ? 2.135   18.081  -15.559 1.00 28.54 ? 123  ARG A NH1 1 
ATOM   834  N NH2 . ARG A 1 123 ? 1.483   18.072  -17.761 1.00 28.15 ? 123  ARG A NH2 1 
ATOM   835  N N   . SER A 1 124 ? 1.211   14.560  -12.198 1.00 18.48 ? 124  SER A N   1 
ATOM   836  C CA  . SER A 1 124 ? 2.340   13.846  -12.778 1.00 20.51 ? 124  SER A CA  1 
ATOM   837  C C   . SER A 1 124 ? 2.740   12.463  -12.265 1.00 20.48 ? 124  SER A C   1 
ATOM   838  O O   . SER A 1 124 ? 3.178   11.627  -13.058 1.00 21.07 ? 124  SER A O   1 
ATOM   839  C CB  . SER A 1 124 ? 3.580   14.747  -12.736 1.00 22.05 ? 124  SER A CB  1 
ATOM   840  O OG  . SER A 1 124 ? 3.928   15.068  -11.400 1.00 20.49 ? 124  SER A OG  1 
ATOM   841  N N   . ASP A 1 125 ? 2.600   12.199  -10.966 1.00 19.36 ? 125  ASP A N   1 
ATOM   842  C CA  . ASP A 1 125 ? 3.058   10.909  -10.449 1.00 18.85 ? 125  ASP A CA  1 
ATOM   843  C C   . ASP A 1 125 ? 2.111   10.015  -9.646  1.00 17.72 ? 125  ASP A C   1 
ATOM   844  O O   . ASP A 1 125 ? 2.302   8.801   -9.624  1.00 18.23 ? 125  ASP A O   1 
ATOM   845  C CB  . ASP A 1 125 ? 4.329   11.112  -9.604  1.00 20.26 ? 125  ASP A CB  1 
ATOM   846  C CG  . ASP A 1 125 ? 5.437   11.852  -10.354 1.00 23.16 ? 125  ASP A CG  1 
ATOM   847  O OD1 . ASP A 1 125 ? 5.487   11.774  -11.600 1.00 20.32 ? 125  ASP A OD1 1 
ATOM   848  O OD2 . ASP A 1 125 ? 6.275   12.499  -9.684  1.00 22.07 ? 125  ASP A OD2 1 
ATOM   849  N N   . LEU A 1 126 ? 1.113   10.592  -8.983  1.00 17.34 ? 126  LEU A N   1 
ATOM   850  C CA  . LEU A 1 126 ? 0.200   9.804   -8.149  1.00 17.71 ? 126  LEU A CA  1 
ATOM   851  C C   . LEU A 1 126 ? -0.312  8.508   -8.767  1.00 18.29 ? 126  LEU A C   1 
ATOM   852  O O   . LEU A 1 126 ? -0.077  7.422   -8.231  1.00 17.12 ? 126  LEU A O   1 
ATOM   853  C CB  . LEU A 1 126 ? -1.001  10.650  -7.708  1.00 17.43 ? 126  LEU A CB  1 
ATOM   854  C CG  . LEU A 1 126 ? -2.044  9.925   -6.837  1.00 17.40 ? 126  LEU A CG  1 
ATOM   855  C CD1 . LEU A 1 126 ? -1.406  9.448   -5.539  1.00 15.40 ? 126  LEU A CD1 1 
ATOM   856  C CD2 . LEU A 1 126 ? -3.209  10.871  -6.530  1.00 14.38 ? 126  LEU A CD2 1 
ATOM   857  N N   . ASP A 1 127 ? -1.016  8.619   -9.887  1.00 17.75 ? 127  ASP A N   1 
ATOM   858  C CA  . ASP A 1 127 ? -1.580  7.444   -10.545 1.00 17.77 ? 127  ASP A CA  1 
ATOM   859  C C   . ASP A 1 127 ? -0.535  6.441   -11.019 1.00 17.51 ? 127  ASP A C   1 
ATOM   860  O O   . ASP A 1 127 ? -0.731  5.232   -10.884 1.00 17.77 ? 127  ASP A O   1 
ATOM   861  C CB  . ASP A 1 127 ? -2.460  7.877   -11.724 1.00 17.74 ? 127  ASP A CB  1 
ATOM   862  C CG  . ASP A 1 127 ? -3.684  8.658   -11.283 1.00 18.97 ? 127  ASP A CG  1 
ATOM   863  O OD1 . ASP A 1 127 ? -4.231  9.407   -12.118 1.00 19.47 ? 127  ASP A OD1 1 
ATOM   864  O OD2 . ASP A 1 127 ? -4.108  8.519   -10.110 1.00 17.90 ? 127  ASP A OD2 1 
ATOM   865  N N   . ARG A 1 128 ? 0.571   6.933   -11.572 1.00 17.19 ? 128  ARG A N   1 
ATOM   866  C CA  . ARG A 1 128 ? 1.630   6.049   -12.057 1.00 17.40 ? 128  ARG A CA  1 
ATOM   867  C C   . ARG A 1 128 ? 2.309   5.328   -10.890 1.00 17.35 ? 128  ARG A C   1 
ATOM   868  O O   . ARG A 1 128 ? 2.622   4.136   -10.980 1.00 17.08 ? 128  ARG A O   1 
ATOM   869  C CB  . ARG A 1 128 ? 2.680   6.843   -12.855 1.00 19.85 ? 128  ARG A CB  1 
ATOM   870  C CG  . ARG A 1 128 ? 3.732   5.951   -13.517 1.00 24.47 ? 128  ARG A CG  1 
ATOM   871  C CD  . ARG A 1 128 ? 4.741   6.719   -14.389 1.00 26.81 ? 128  ARG A CD  1 
ATOM   872  N NE  . ARG A 1 128 ? 5.760   7.440   -13.620 1.00 27.50 ? 128  ARG A NE  1 
ATOM   873  C CZ  . ARG A 1 128 ? 5.692   8.731   -13.306 1.00 25.97 ? 128  ARG A CZ  1 
ATOM   874  N NH1 . ARG A 1 128 ? 4.651   9.452   -13.692 1.00 24.68 ? 128  ARG A NH1 1 
ATOM   875  N NH2 . ARG A 1 128 ? 6.669   9.303   -12.614 1.00 24.40 ? 128  ARG A NH2 1 
ATOM   876  N N   . PHE A 1 129 ? 2.546   6.059   -9.801  1.00 16.31 ? 129  PHE A N   1 
ATOM   877  C CA  . PHE A 1 129 ? 3.178   5.490   -8.610  1.00 16.63 ? 129  PHE A CA  1 
ATOM   878  C C   . PHE A 1 129 ? 2.273   4.446   -7.943  1.00 15.85 ? 129  PHE A C   1 
ATOM   879  O O   . PHE A 1 129 ? 2.741   3.382   -7.538  1.00 15.58 ? 129  PHE A O   1 
ATOM   880  C CB  . PHE A 1 129 ? 3.504   6.592   -7.587  1.00 15.57 ? 129  PHE A CB  1 
ATOM   881  C CG  . PHE A 1 129 ? 4.769   7.379   -7.891  1.00 16.75 ? 129  PHE A CG  1 
ATOM   882  C CD1 . PHE A 1 129 ? 5.160   8.425   -7.055  1.00 16.94 ? 129  PHE A CD1 1 
ATOM   883  C CD2 . PHE A 1 129 ? 5.569   7.071   -8.988  1.00 17.29 ? 129  PHE A CD2 1 
ATOM   884  C CE1 . PHE A 1 129 ? 6.335   9.157   -7.308  1.00 16.86 ? 129  PHE A CE1 1 
ATOM   885  C CE2 . PHE A 1 129 ? 6.748   7.798   -9.251  1.00 17.36 ? 129  PHE A CE2 1 
ATOM   886  C CZ  . PHE A 1 129 ? 7.126   8.839   -8.409  1.00 14.07 ? 129  PHE A CZ  1 
ATOM   887  N N   . TRP A 1 130 ? 0.982   4.745   -7.821  1.00 14.73 ? 130  TRP A N   1 
ATOM   888  C CA  . TRP A 1 130 ? 0.066   3.797   -7.181  1.00 16.07 ? 130  TRP A CA  1 
ATOM   889  C C   . TRP A 1 130 ? -0.009  2.482   -7.961  1.00 15.09 ? 130  TRP A C   1 
ATOM   890  O O   . TRP A 1 130 ? 0.002   1.404   -7.367  1.00 17.10 ? 130  TRP A O   1 
ATOM   891  C CB  . TRP A 1 130 ? -1.335  4.410   -7.031  1.00 15.39 ? 130  TRP A CB  1 
ATOM   892  C CG  . TRP A 1 130 ? -2.350  3.498   -6.361  1.00 15.77 ? 130  TRP A CG  1 
ATOM   893  C CD1 . TRP A 1 130 ? -3.551  3.099   -6.874  1.00 14.83 ? 130  TRP A CD1 1 
ATOM   894  C CD2 . TRP A 1 130 ? -2.251  2.891   -5.059  1.00 14.27 ? 130  TRP A CD2 1 
ATOM   895  N NE1 . TRP A 1 130 ? -4.208  2.280   -5.978  1.00 15.32 ? 130  TRP A NE1 1 
ATOM   896  C CE2 . TRP A 1 130 ? -3.433  2.136   -4.857  1.00 13.65 ? 130  TRP A CE2 1 
ATOM   897  C CE3 . TRP A 1 130 ? -1.282  2.914   -4.046  1.00 14.33 ? 130  TRP A CE3 1 
ATOM   898  C CZ2 . TRP A 1 130 ? -3.671  1.407   -3.682  1.00 14.46 ? 130  TRP A CZ2 1 
ATOM   899  C CZ3 . TRP A 1 130 ? -1.519  2.188   -2.870  1.00 13.89 ? 130  TRP A CZ3 1 
ATOM   900  C CH2 . TRP A 1 130 ? -2.707  1.445   -2.702  1.00 14.67 ? 130  TRP A CH2 1 
ATOM   901  N N   . LEU A 1 131 ? -0.070  2.560   -9.287  1.00 15.79 ? 131  LEU A N   1 
ATOM   902  C CA  . LEU A 1 131 ? -0.133  1.337   -10.088 1.00 16.20 ? 131  LEU A CA  1 
ATOM   903  C C   . LEU A 1 131 ? 1.134   0.502   -9.925  1.00 14.52 ? 131  LEU A C   1 
ATOM   904  O O   . LEU A 1 131 ? 1.057   -0.721  -9.815  1.00 14.17 ? 131  LEU A O   1 
ATOM   905  C CB  . LEU A 1 131 ? -0.364  1.651   -11.576 1.00 15.18 ? 131  LEU A CB  1 
ATOM   906  C CG  . LEU A 1 131 ? -0.376  0.436   -12.523 1.00 17.74 ? 131  LEU A CG  1 
ATOM   907  C CD1 . LEU A 1 131 ? -1.406  -0.606  -12.066 1.00 17.73 ? 131  LEU A CD1 1 
ATOM   908  C CD2 . LEU A 1 131 ? -0.698  0.900   -13.938 1.00 20.24 ? 131  LEU A CD2 1 
ATOM   909  N N   . GLU A 1 132 ? 2.296   1.157   -9.905  1.00 14.61 ? 132  GLU A N   1 
ATOM   910  C CA  . GLU A 1 132 ? 3.568   0.443   -9.742  1.00 14.45 ? 132  GLU A CA  1 
ATOM   911  C C   . GLU A 1 132 ? 3.581   -0.235  -8.369  1.00 14.70 ? 132  GLU A C   1 
ATOM   912  O O   . GLU A 1 132 ? 4.114   -1.343  -8.216  1.00 14.73 ? 132  GLU A O   1 
ATOM   913  C CB  . GLU A 1 132 ? 4.749   1.412   -9.871  1.00 17.28 ? 132  GLU A CB  1 
ATOM   914  C CG  . GLU A 1 132 ? 6.114   0.755   -9.717  1.00 19.89 ? 132  GLU A CG  1 
ATOM   915  C CD  . GLU A 1 132 ? 6.411   -0.294  -10.783 1.00 25.74 ? 132  GLU A CD  1 
ATOM   916  O OE1 . GLU A 1 132 ? 7.325   -1.117  -10.559 1.00 28.10 ? 132  GLU A OE1 1 
ATOM   917  O OE2 . GLU A 1 132 ? 5.749   -0.299  -11.846 1.00 25.91 ? 132  GLU A OE2 1 
ATOM   918  N N   . THR A 1 133 ? 2.986   0.437   -7.382  1.00 13.49 ? 133  THR A N   1 
ATOM   919  C CA  . THR A 1 133 ? 2.885   -0.088  -6.017  1.00 14.19 ? 133  THR A CA  1 
ATOM   920  C C   . THR A 1 133 ? 2.042   -1.365  -6.040  1.00 14.01 ? 133  THR A C   1 
ATOM   921  O O   . THR A 1 133 ? 2.436   -2.392  -5.483  1.00 15.52 ? 133  THR A O   1 
ATOM   922  C CB  . THR A 1 133 ? 2.228   0.952   -5.057  1.00 15.28 ? 133  THR A CB  1 
ATOM   923  O OG1 . THR A 1 133 ? 3.033   2.138   -5.011  1.00 14.29 ? 133  THR A OG1 1 
ATOM   924  C CG2 . THR A 1 133 ? 2.130   0.394   -3.626  1.00 14.94 ? 133  THR A CG2 1 
ATOM   925  N N   . LEU A 1 134 ? 0.884   -1.307  -6.700  1.00 13.21 ? 134  LEU A N   1 
ATOM   926  C CA  . LEU A 1 134 ? 0.003   -2.469  -6.802  1.00 12.00 ? 134  LEU A CA  1 
ATOM   927  C C   . LEU A 1 134 ? 0.738   -3.642  -7.443  1.00 13.51 ? 134  LEU A C   1 
ATOM   928  O O   . LEU A 1 134 ? 0.664   -4.779  -6.959  1.00 13.25 ? 134  LEU A O   1 
ATOM   929  C CB  . LEU A 1 134 ? -1.244  -2.133  -7.641  1.00 11.90 ? 134  LEU A CB  1 
ATOM   930  C CG  . LEU A 1 134 ? -2.224  -1.085  -7.097  1.00 11.33 ? 134  LEU A CG  1 
ATOM   931  C CD1 . LEU A 1 134 ? -3.324  -0.813  -8.130  1.00 13.18 ? 134  LEU A CD1 1 
ATOM   932  C CD2 . LEU A 1 134 ? -2.828  -1.572  -5.782  1.00 11.87 ? 134  LEU A CD2 1 
ATOM   933  N N   . LEU A 1 135 ? 1.452   -3.361  -8.529  1.00 13.98 ? 135  LEU A N   1 
ATOM   934  C CA  . LEU A 1 135 ? 2.190   -4.391  -9.246  1.00 15.83 ? 135  LEU A CA  1 
ATOM   935  C C   . LEU A 1 135 ? 3.344   -4.955  -8.419  1.00 18.11 ? 135  LEU A C   1 
ATOM   936  O O   . LEU A 1 135 ? 3.672   -6.136  -8.550  1.00 18.47 ? 135  LEU A O   1 
ATOM   937  C CB  . LEU A 1 135 ? 2.698   -3.842  -10.589 1.00 14.87 ? 135  LEU A CB  1 
ATOM   938  C CG  . LEU A 1 135 ? 1.608   -3.366  -11.569 1.00 16.50 ? 135  LEU A CG  1 
ATOM   939  C CD1 . LEU A 1 135 ? 2.249   -2.889  -12.861 1.00 16.74 ? 135  LEU A CD1 1 
ATOM   940  C CD2 . LEU A 1 135 ? 0.614   -4.506  -11.859 1.00 15.95 ? 135  LEU A CD2 1 
ATOM   941  N N   . CYS A 1 136 ? 3.960   -4.127  -7.574  1.00 18.52 ? 136  CYS A N   1 
ATOM   942  C CA  . CYS A 1 136 ? 5.056   -4.602  -6.726  1.00 19.02 ? 136  CYS A CA  1 
ATOM   943  C C   . CYS A 1 136 ? 4.509   -5.608  -5.719  1.00 18.82 ? 136  CYS A C   1 
ATOM   944  O O   . CYS A 1 136 ? 5.168   -6.593  -5.392  1.00 18.65 ? 136  CYS A O   1 
ATOM   945  C CB  . CYS A 1 136 ? 5.718   -3.448  -5.959  1.00 19.97 ? 136  CYS A CB  1 
ATOM   946  S SG  . CYS A 1 136 ? 6.950   -2.471  -6.895  1.00 21.01 ? 136  CYS A SG  1 
ATOM   947  N N   . LEU A 1 137 ? 3.302   -5.347  -5.227  1.00 19.01 ? 137  LEU A N   1 
ATOM   948  C CA  . LEU A 1 137 ? 2.666   -6.233  -4.257  1.00 18.83 ? 137  LEU A CA  1 
ATOM   949  C C   . LEU A 1 137 ? 2.244   -7.575  -4.856  1.00 18.84 ? 137  LEU A C   1 
ATOM   950  O O   . LEU A 1 137 ? 2.729   -8.626  -4.438  1.00 18.05 ? 137  LEU A O   1 
ATOM   951  C CB  . LEU A 1 137 ? 1.436   -5.558  -3.627  1.00 19.31 ? 137  LEU A CB  1 
ATOM   952  C CG  . LEU A 1 137 ? 1.628   -4.304  -2.768  1.00 20.41 ? 137  LEU A CG  1 
ATOM   953  C CD1 . LEU A 1 137 ? 0.291   -3.859  -2.201  1.00 20.98 ? 137  LEU A CD1 1 
ATOM   954  C CD2 . LEU A 1 137 ? 2.600   -4.595  -1.639  1.00 23.00 ? 137  LEU A CD2 1 
ATOM   955  N N   . ILE A 1 138 ? 1.348   -7.549  -5.842  1.00 18.62 ? 138  ILE A N   1 
ATOM   956  C CA  . ILE A 1 138 ? 0.860   -8.795  -6.424  1.00 17.24 ? 138  ILE A CA  1 
ATOM   957  C C   . ILE A 1 138 ? 1.927   -9.589  -7.172  1.00 18.44 ? 138  ILE A C   1 
ATOM   958  O O   . ILE A 1 138 ? 1.787   -10.798 -7.362  1.00 18.25 ? 138  ILE A O   1 
ATOM   959  C CB  . ILE A 1 138 ? -0.371  -8.554  -7.353  1.00 17.18 ? 138  ILE A CB  1 
ATOM   960  C CG1 . ILE A 1 138 ? 0.055   -7.944  -8.689  1.00 15.25 ? 138  ILE A CG1 1 
ATOM   961  C CG2 . ILE A 1 138 ? -1.364  -7.624  -6.650  1.00 16.05 ? 138  ILE A CG2 1 
ATOM   962  C CD1 . ILE A 1 138 ? -1.104  -7.782  -9.663  1.00 16.06 ? 138  ILE A CD1 1 
ATOM   963  N N   . GLY A 1 139 ? 3.001   -8.920  -7.580  1.00 19.32 ? 139  GLY A N   1 
ATOM   964  C CA  . GLY A 1 139 ? 4.067   -9.612  -8.280  1.00 19.22 ? 139  GLY A CA  1 
ATOM   965  C C   . GLY A 1 139 ? 5.132   -10.149 -7.335  1.00 20.73 ? 139  GLY A C   1 
ATOM   966  O O   . GLY A 1 139 ? 6.125   -10.734 -7.779  1.00 19.67 ? 139  GLY A O   1 
ATOM   967  N N   . GLU A 1 140 ? 4.925   -9.961  -6.033  1.00 19.49 ? 140  GLU A N   1 
ATOM   968  C CA  . GLU A 1 140 ? 5.885   -10.415 -5.022  1.00 21.52 ? 140  GLU A CA  1 
ATOM   969  C C   . GLU A 1 140 ? 7.292   -9.938  -5.402  1.00 21.60 ? 140  GLU A C   1 
ATOM   970  O O   . GLU A 1 140 ? 8.246   -10.718 -5.397  1.00 21.69 ? 140  GLU A O   1 
ATOM   971  C CB  . GLU A 1 140 ? 5.872   -11.946 -4.923  1.00 21.53 ? 140  GLU A CB  1 
ATOM   972  C CG  . GLU A 1 140 ? 4.507   -12.576 -4.626  1.00 21.80 ? 140  GLU A CG  1 
ATOM   973  C CD  . GLU A 1 140 ? 3.925   -12.163 -3.278  1.00 23.96 ? 140  GLU A CD  1 
ATOM   974  O OE1 . GLU A 1 140 ? 4.697   -12.069 -2.296  1.00 21.61 ? 140  GLU A OE1 1 
ATOM   975  O OE2 . GLU A 1 140 ? 2.689   -11.948 -3.201  1.00 21.97 ? 140  GLU A OE2 1 
ATOM   976  N N   . SER A 1 141 ? 7.418   -8.650  -5.711  1.00 21.45 ? 141  SER A N   1 
ATOM   977  C CA  . SER A 1 141 ? 8.690   -8.064  -6.142  1.00 22.62 ? 141  SER A CA  1 
ATOM   978  C C   . SER A 1 141 ? 9.782   -7.855  -5.087  1.00 23.01 ? 141  SER A C   1 
ATOM   979  O O   . SER A 1 141 ? 10.878  -7.380  -5.412  1.00 21.22 ? 141  SER A O   1 
ATOM   980  C CB  . SER A 1 141 ? 8.423   -6.734  -6.848  1.00 23.40 ? 141  SER A CB  1 
ATOM   981  O OG  . SER A 1 141 ? 7.555   -6.909  -7.957  1.00 27.31 ? 141  SER A OG  1 
ATOM   982  N N   . PHE A 1 142 ? 9.501   -8.201  -3.834  1.00 22.12 ? 142  PHE A N   1 
ATOM   983  C CA  . PHE A 1 142 ? 10.507  -8.031  -2.790  1.00 23.36 ? 142  PHE A CA  1 
ATOM   984  C C   . PHE A 1 142 ? 11.221  -9.341  -2.481  1.00 25.15 ? 142  PHE A C   1 
ATOM   985  O O   . PHE A 1 142 ? 11.946  -9.463  -1.488  1.00 24.27 ? 142  PHE A O   1 
ATOM   986  C CB  . PHE A 1 142 ? 9.868   -7.422  -1.541  1.00 24.49 ? 142  PHE A CB  1 
ATOM   987  C CG  . PHE A 1 142 ? 9.193   -6.107  -1.808  1.00 22.63 ? 142  PHE A CG  1 
ATOM   988  C CD1 . PHE A 1 142 ? 7.811   -6.033  -1.939  1.00 21.17 ? 142  PHE A CD1 1 
ATOM   989  C CD2 . PHE A 1 142 ? 9.948   -4.956  -2.009  1.00 23.41 ? 142  PHE A CD2 1 
ATOM   990  C CE1 . PHE A 1 142 ? 7.187   -4.833  -2.268  1.00 21.53 ? 142  PHE A CE1 1 
ATOM   991  C CE2 . PHE A 1 142 ? 9.334   -3.746  -2.342  1.00 23.44 ? 142  PHE A CE2 1 
ATOM   992  C CZ  . PHE A 1 142 ? 7.952   -3.686  -2.472  1.00 21.70 ? 142  PHE A CZ  1 
ATOM   993  N N   . ASP A 1 143 ? 11.006  -10.310 -3.365  1.00 26.61 ? 143  ASP A N   1 
ATOM   994  C CA  . ASP A 1 143 ? 11.630  -11.628 -3.297  1.00 28.12 ? 143  ASP A CA  1 
ATOM   995  C C   . ASP A 1 143 ? 11.681  -12.336 -1.944  1.00 27.39 ? 143  ASP A C   1 
ATOM   996  O O   . ASP A 1 143 ? 10.652  -12.704 -1.380  1.00 27.70 ? 143  ASP A O   1 
ATOM   997  C CB  . ASP A 1 143 ? 13.043  -11.529 -3.883  1.00 30.16 ? 143  ASP A CB  1 
ATOM   998  C CG  . ASP A 1 143 ? 13.036  -11.190 -5.370  1.00 34.40 ? 143  ASP A CG  1 
ATOM   999  O OD1 . ASP A 1 143 ? 14.112  -10.869 -5.918  1.00 35.77 ? 143  ASP A OD1 1 
ATOM   1000 O OD2 . ASP A 1 143 ? 11.954  -11.254 -5.997  1.00 35.25 ? 143  ASP A OD2 1 
ATOM   1001 N N   . ASP A 1 144 ? 12.888  -12.539 -1.433  1.00 27.81 ? 144  ASP A N   1 
ATOM   1002 C CA  . ASP A 1 144 ? 13.065  -13.240 -0.170  1.00 29.28 ? 144  ASP A CA  1 
ATOM   1003 C C   . ASP A 1 144 ? 12.463  -12.576 1.066   1.00 28.17 ? 144  ASP A C   1 
ATOM   1004 O O   . ASP A 1 144 ? 12.444  -13.182 2.140   1.00 28.76 ? 144  ASP A O   1 
ATOM   1005 C CB  . ASP A 1 144 ? 14.551  -13.522 0.063   1.00 32.36 ? 144  ASP A CB  1 
ATOM   1006 C CG  . ASP A 1 144 ? 15.112  -14.531 -0.928  1.00 36.18 ? 144  ASP A CG  1 
ATOM   1007 O OD1 . ASP A 1 144 ? 14.514  -15.620 -1.072  1.00 37.10 ? 144  ASP A OD1 1 
ATOM   1008 O OD2 . ASP A 1 144 ? 16.151  -14.239 -1.561  1.00 38.40 ? 144  ASP A OD2 1 
ATOM   1009 N N   . TYR A 1 145 ? 11.972  -11.347 0.932   1.00 25.60 ? 145  TYR A N   1 
ATOM   1010 C CA  . TYR A 1 145 ? 11.367  -10.669 2.076   1.00 24.82 ? 145  TYR A CA  1 
ATOM   1011 C C   . TYR A 1 145 ? 9.875   -10.410 1.858   1.00 25.07 ? 145  TYR A C   1 
ATOM   1012 O O   . TYR A 1 145 ? 9.279   -9.555  2.519   1.00 24.35 ? 145  TYR A O   1 
ATOM   1013 C CB  . TYR A 1 145 ? 12.087  -9.348  2.362   1.00 25.61 ? 145  TYR A CB  1 
ATOM   1014 C CG  . TYR A 1 145 ? 13.598  -9.468  2.406   1.00 24.85 ? 145  TYR A CG  1 
ATOM   1015 C CD1 . TYR A 1 145 ? 14.365  -9.255  1.261   1.00 24.62 ? 145  TYR A CD1 1 
ATOM   1016 C CD2 . TYR A 1 145 ? 14.257  -9.826  3.581   1.00 24.51 ? 145  TYR A CD2 1 
ATOM   1017 C CE1 . TYR A 1 145 ? 15.750  -9.394  1.285   1.00 27.55 ? 145  TYR A CE1 1 
ATOM   1018 C CE2 . TYR A 1 145 ? 15.643  -9.969  3.616   1.00 25.55 ? 145  TYR A CE2 1 
ATOM   1019 C CZ  . TYR A 1 145 ? 16.383  -9.751  2.462   1.00 26.96 ? 145  TYR A CZ  1 
ATOM   1020 O OH  . TYR A 1 145 ? 17.755  -9.882  2.481   1.00 26.69 ? 145  TYR A OH  1 
ATOM   1021 N N   . SER A 1 146 ? 9.276   -11.159 0.934   1.00 23.76 ? 146  SER A N   1 
ATOM   1022 C CA  . SER A 1 146 ? 7.856   -11.021 0.621   1.00 23.80 ? 146  SER A CA  1 
ATOM   1023 C C   . SER A 1 146 ? 6.951   -11.264 1.825   1.00 23.76 ? 146  SER A C   1 
ATOM   1024 O O   . SER A 1 146 ? 5.889   -10.646 1.948   1.00 22.71 ? 146  SER A O   1 
ATOM   1025 C CB  . SER A 1 146 ? 7.463   -11.986 -0.503  1.00 25.34 ? 146  SER A CB  1 
ATOM   1026 O OG  . SER A 1 146 ? 8.153   -11.682 -1.704  1.00 25.75 ? 146  SER A OG  1 
ATOM   1027 N N   . ASP A 1 147 ? 7.367   -12.160 2.714   1.00 24.28 ? 147  ASP A N   1 
ATOM   1028 C CA  . ASP A 1 147 ? 6.570   -12.475 3.890   1.00 25.63 ? 147  ASP A CA  1 
ATOM   1029 C C   . ASP A 1 147 ? 6.384   -11.314 4.867   1.00 24.39 ? 147  ASP A C   1 
ATOM   1030 O O   . ASP A 1 147 ? 5.410   -11.294 5.620   1.00 22.71 ? 147  ASP A O   1 
ATOM   1031 C CB  . ASP A 1 147 ? 7.160   -13.683 4.629   1.00 30.25 ? 147  ASP A CB  1 
ATOM   1032 C CG  . ASP A 1 147 ? 6.825   -15.000 3.949   1.00 34.42 ? 147  ASP A CG  1 
ATOM   1033 O OD1 . ASP A 1 147 ? 5.637   -15.216 3.627   1.00 35.80 ? 147  ASP A OD1 1 
ATOM   1034 O OD2 . ASP A 1 147 ? 7.742   -15.821 3.744   1.00 38.61 ? 147  ASP A OD2 1 
ATOM   1035 N N   . ASP A 1 148 ? 7.306   -10.353 4.864   1.00 22.16 ? 148  ASP A N   1 
ATOM   1036 C CA  . ASP A 1 148 ? 7.191   -9.208  5.764   1.00 20.94 ? 148  ASP A CA  1 
ATOM   1037 C C   . ASP A 1 148 ? 6.235   -8.128  5.231   1.00 21.81 ? 148  ASP A C   1 
ATOM   1038 O O   . ASP A 1 148 ? 5.844   -7.227  5.972   1.00 22.55 ? 148  ASP A O   1 
ATOM   1039 C CB  . ASP A 1 148 ? 8.574   -8.585  6.029   1.00 21.03 ? 148  ASP A CB  1 
ATOM   1040 C CG  . ASP A 1 148 ? 9.306   -9.242  7.200   1.00 23.09 ? 148  ASP A CG  1 
ATOM   1041 O OD1 . ASP A 1 148 ? 9.628   -10.451 7.110   1.00 21.99 ? 148  ASP A OD1 1 
ATOM   1042 O OD2 . ASP A 1 148 ? 9.563   -8.547  8.212   1.00 17.98 ? 148  ASP A OD2 1 
ATOM   1043 N N   . VAL A 1 149 ? 5.856   -8.218  3.957   1.00 20.27 ? 149  VAL A N   1 
ATOM   1044 C CA  . VAL A 1 149 ? 4.949   -7.230  3.354   1.00 19.18 ? 149  VAL A CA  1 
ATOM   1045 C C   . VAL A 1 149 ? 3.481   -7.496  3.717   1.00 17.79 ? 149  VAL A C   1 
ATOM   1046 O O   . VAL A 1 149 ? 3.015   -8.631  3.604   1.00 18.01 ? 149  VAL A O   1 
ATOM   1047 C CB  . VAL A 1 149 ? 5.071   -7.224  1.808   1.00 19.09 ? 149  VAL A CB  1 
ATOM   1048 C CG1 . VAL A 1 149 ? 4.060   -6.255  1.203   1.00 19.08 ? 149  VAL A CG1 1 
ATOM   1049 C CG2 . VAL A 1 149 ? 6.485   -6.833  1.392   1.00 20.10 ? 149  VAL A CG2 1 
ATOM   1050 N N   . CYS A 1 150 ? 2.764   -6.456  4.150   1.00 14.20 ? 150  CYS A N   1 
ATOM   1051 C CA  . CYS A 1 150 ? 1.346   -6.592  4.514   1.00 15.21 ? 150  CYS A CA  1 
ATOM   1052 C C   . CYS A 1 150 ? 0.403   -6.006  3.452   1.00 14.94 ? 150  CYS A C   1 
ATOM   1053 O O   . CYS A 1 150 ? -0.639  -6.597  3.141   1.00 13.61 ? 150  CYS A O   1 
ATOM   1054 C CB  . CYS A 1 150 ? 1.052   -5.896  5.852   1.00 13.79 ? 150  CYS A CB  1 
ATOM   1055 S SG  . CYS A 1 150 ? 1.997   -6.487  7.281   1.00 17.31 ? 150  CYS A SG  1 
ATOM   1056 N N   . GLY A 1 151 ? 0.760   -4.838  2.920   1.00 14.31 ? 151  GLY A N   1 
ATOM   1057 C CA  . GLY A 1 151 ? -0.071  -4.188  1.916   1.00 14.71 ? 151  GLY A CA  1 
ATOM   1058 C C   . GLY A 1 151 ? 0.348   -2.745  1.698   1.00 17.02 ? 151  GLY A C   1 
ATOM   1059 O O   . GLY A 1 151 ? 1.433   -2.353  2.135   1.00 16.75 ? 151  GLY A O   1 
ATOM   1060 N N   . ALA A 1 152 ? -0.498  -1.954  1.031   1.00 14.67 ? 152  ALA A N   1 
ATOM   1061 C CA  . ALA A 1 152 ? -0.186  -0.548  0.763   1.00 15.72 ? 152  ALA A CA  1 
ATOM   1062 C C   . ALA A 1 152 ? -1.410  0.371   0.843   1.00 14.88 ? 152  ALA A C   1 
ATOM   1063 O O   . ALA A 1 152 ? -2.549  -0.064  0.639   1.00 13.56 ? 152  ALA A O   1 
ATOM   1064 C CB  . ALA A 1 152 ? 0.476   -0.413  -0.611  1.00 14.56 ? 152  ALA A CB  1 
ATOM   1065 N N   . VAL A 1 153 ? -1.164  1.648   1.125   1.00 14.27 ? 153  VAL A N   1 
ATOM   1066 C CA  . VAL A 1 153 ? -2.243  2.623   1.256   1.00 14.01 ? 153  VAL A CA  1 
ATOM   1067 C C   . VAL A 1 153 ? -1.980  3.945   0.532   1.00 14.59 ? 153  VAL A C   1 
ATOM   1068 O O   . VAL A 1 153 ? -0.898  4.511   0.662   1.00 13.64 ? 153  VAL A O   1 
ATOM   1069 C CB  . VAL A 1 153 ? -2.482  2.999   2.747   1.00 14.46 ? 153  VAL A CB  1 
ATOM   1070 C CG1 . VAL A 1 153 ? -3.646  3.981   2.857   1.00 14.22 ? 153  VAL A CG1 1 
ATOM   1071 C CG2 . VAL A 1 153 ? -2.736  1.752   3.583   1.00 13.83 ? 153  VAL A CG2 1 
ATOM   1072 N N   . VAL A 1 154 ? -2.972  4.437   -0.211  1.00 12.97 ? 154  VAL A N   1 
ATOM   1073 C CA  . VAL A 1 154 ? -2.846  5.735   -0.870  1.00 11.69 ? 154  VAL A CA  1 
ATOM   1074 C C   . VAL A 1 154 ? -3.882  6.681   -0.246  1.00 12.92 ? 154  VAL A C   1 
ATOM   1075 O O   . VAL A 1 154 ? -5.064  6.343   -0.167  1.00 13.41 ? 154  VAL A O   1 
ATOM   1076 C CB  . VAL A 1 154 ? -3.073  5.656   -2.413  1.00 11.17 ? 154  VAL A CB  1 
ATOM   1077 C CG1 . VAL A 1 154 ? -4.399  4.978   -2.738  1.00 8.36  ? 154  VAL A CG1 1 
ATOM   1078 C CG2 . VAL A 1 154 ? -3.060  7.066   -3.004  1.00 11.46 ? 154  VAL A CG2 1 
ATOM   1079 N N   . ASN A 1 155 ? -3.422  7.843   0.226   1.00 13.50 ? 155  ASN A N   1 
ATOM   1080 C CA  . ASN A 1 155 ? -4.288  8.854   0.844   1.00 14.60 ? 155  ASN A CA  1 
ATOM   1081 C C   . ASN A 1 155 ? -4.441  10.062  -0.102  1.00 14.31 ? 155  ASN A C   1 
ATOM   1082 O O   . ASN A 1 155 ? -3.460  10.748  -0.387  1.00 13.16 ? 155  ASN A O   1 
ATOM   1083 C CB  . ASN A 1 155 ? -3.682  9.394   2.158   1.00 13.82 ? 155  ASN A CB  1 
ATOM   1084 C CG  . ASN A 1 155 ? -3.333  8.304   3.171   1.00 15.63 ? 155  ASN A CG  1 
ATOM   1085 O OD1 . ASN A 1 155 ? -2.200  8.242   3.652   1.00 14.73 ? 155  ASN A OD1 1 
ATOM   1086 N ND2 . ASN A 1 155 ? -4.306  7.463   3.520   1.00 14.38 ? 155  ASN A ND2 1 
ATOM   1087 N N   . VAL A 1 156 ? -5.653  10.325  -0.583  1.00 14.47 ? 156  VAL A N   1 
ATOM   1088 C CA  . VAL A 1 156 ? -5.878  11.485  -1.450  1.00 15.22 ? 156  VAL A CA  1 
ATOM   1089 C C   . VAL A 1 156 ? -6.208  12.653  -0.517  1.00 16.25 ? 156  VAL A C   1 
ATOM   1090 O O   . VAL A 1 156 ? -7.233  12.637  0.165   1.00 15.73 ? 156  VAL A O   1 
ATOM   1091 C CB  . VAL A 1 156 ? -7.060  11.247  -2.419  1.00 16.39 ? 156  VAL A CB  1 
ATOM   1092 C CG1 . VAL A 1 156 ? -7.206  12.433  -3.359  1.00 15.42 ? 156  VAL A CG1 1 
ATOM   1093 C CG2 . VAL A 1 156 ? -6.832  9.963   -3.208  1.00 15.67 ? 156  VAL A CG2 1 
ATOM   1094 N N   . ARG A 1 157 ? -5.335  13.658  -0.480  1.00 17.60 ? 157  ARG A N   1 
ATOM   1095 C CA  . ARG A 1 157 ? -5.520  14.803  0.415   1.00 19.29 ? 157  ARG A CA  1 
ATOM   1096 C C   . ARG A 1 157 ? -5.170  16.131  -0.257  1.00 20.11 ? 157  ARG A C   1 
ATOM   1097 O O   . ARG A 1 157 ? -4.231  16.206  -1.056  1.00 19.54 ? 157  ARG A O   1 
ATOM   1098 C CB  . ARG A 1 157 ? -4.638  14.634  1.662   1.00 18.43 ? 157  ARG A CB  1 
ATOM   1099 C CG  . ARG A 1 157 ? -4.885  13.364  2.473   1.00 17.83 ? 157  ARG A CG  1 
ATOM   1100 C CD  . ARG A 1 157 ? -6.122  13.469  3.361   1.00 19.36 ? 157  ARG A CD  1 
ATOM   1101 N NE  . ARG A 1 157 ? -6.300  12.295  4.219   1.00 18.37 ? 157  ARG A NE  1 
ATOM   1102 C CZ  . ARG A 1 157 ? -6.758  11.115  3.807   1.00 21.02 ? 157  ARG A CZ  1 
ATOM   1103 N NH1 . ARG A 1 157 ? -7.097  10.934  2.533   1.00 17.04 ? 157  ARG A NH1 1 
ATOM   1104 N NH2 . ARG A 1 157 ? -6.876  10.108  4.669   1.00 19.30 ? 157  ARG A NH2 1 
ATOM   1105 N N   . ALA A 1 158 ? -5.911  17.181  0.093   1.00 20.84 ? 158  ALA A N   1 
ATOM   1106 C CA  . ALA A 1 158 ? -5.689  18.509  -0.479  1.00 22.87 ? 158  ALA A CA  1 
ATOM   1107 C C   . ALA A 1 158 ? -4.323  19.100  -0.121  1.00 24.77 ? 158  ALA A C   1 
ATOM   1108 O O   . ALA A 1 158 ? -3.720  19.820  -0.922  1.00 24.23 ? 158  ALA A O   1 
ATOM   1109 C CB  . ALA A 1 158 ? -6.798  19.459  -0.033  1.00 23.44 ? 158  ALA A CB  1 
ATOM   1110 N N   . LYS A 1 159 ? -3.830  18.798  1.077   1.00 24.62 ? 159  LYS A N   1 
ATOM   1111 C CA  . LYS A 1 159 ? -2.534  19.318  1.497   1.00 26.41 ? 159  LYS A CA  1 
ATOM   1112 C C   . LYS A 1 159 ? -1.375  18.566  0.853   1.00 26.34 ? 159  LYS A C   1 
ATOM   1113 O O   . LYS A 1 159 ? -0.235  19.039  0.853   1.00 26.13 ? 159  LYS A O   1 
ATOM   1114 C CB  . LYS A 1 159 ? -2.417  19.265  3.020   1.00 29.96 ? 159  LYS A CB  1 
ATOM   1115 C CG  . LYS A 1 159 ? -3.339  20.237  3.753   1.00 34.14 ? 159  LYS A CG  1 
ATOM   1116 C CD  . LYS A 1 159 ? -2.900  21.697  3.581   1.00 38.23 ? 159  LYS A CD  1 
ATOM   1117 C CE  . LYS A 1 159 ? -3.220  22.255  2.198   1.00 40.55 ? 159  LYS A CE  1 
ATOM   1118 N NZ  . LYS A 1 159 ? -2.689  23.636  2.015   1.00 41.00 ? 159  LYS A NZ  1 
ATOM   1119 N N   . GLY A 1 160 ? -1.668  17.396  0.294   1.00 23.85 ? 160  GLY A N   1 
ATOM   1120 C CA  . GLY A 1 160 ? -0.630  16.612  -0.351  1.00 23.29 ? 160  GLY A CA  1 
ATOM   1121 C C   . GLY A 1 160 ? -0.901  15.127  -0.242  1.00 21.72 ? 160  GLY A C   1 
ATOM   1122 O O   . GLY A 1 160 ? -1.067  14.596  0.857   1.00 22.26 ? 160  GLY A O   1 
ATOM   1123 N N   . ASP A 1 161 ? -0.932  14.446  -1.382  1.00 19.92 ? 161  ASP A N   1 
ATOM   1124 C CA  . ASP A 1 161 ? -1.200  13.018  -1.391  1.00 18.29 ? 161  ASP A CA  1 
ATOM   1125 C C   . ASP A 1 161 ? -0.058  12.190  -0.789  1.00 17.13 ? 161  ASP A C   1 
ATOM   1126 O O   . ASP A 1 161 ? 1.093   12.629  -0.748  1.00 13.75 ? 161  ASP A O   1 
ATOM   1127 C CB  . ASP A 1 161 ? -1.498  12.556  -2.820  1.00 19.09 ? 161  ASP A CB  1 
ATOM   1128 C CG  . ASP A 1 161 ? -2.641  13.336  -3.457  1.00 19.23 ? 161  ASP A CG  1 
ATOM   1129 O OD1 . ASP A 1 161 ? -3.686  13.518  -2.796  1.00 17.63 ? 161  ASP A OD1 1 
ATOM   1130 O OD2 . ASP A 1 161 ? -2.494  13.760  -4.621  1.00 20.23 ? 161  ASP A OD2 1 
ATOM   1131 N N   . LYS A 1 162 ? -0.396  10.991  -0.317  1.00 15.23 ? 162  LYS A N   1 
ATOM   1132 C CA  . LYS A 1 162 ? 0.581   10.090  0.285   1.00 15.66 ? 162  LYS A CA  1 
ATOM   1133 C C   . LYS A 1 162 ? 0.351   8.642   -0.131  1.00 15.84 ? 162  LYS A C   1 
ATOM   1134 O O   . LYS A 1 162 ? -0.791  8.208   -0.303  1.00 18.44 ? 162  LYS A O   1 
ATOM   1135 C CB  . LYS A 1 162 ? 0.518   10.170  1.820   1.00 16.59 ? 162  LYS A CB  1 
ATOM   1136 C CG  . LYS A 1 162 ? 1.143   11.412  2.434   1.00 17.77 ? 162  LYS A CG  1 
ATOM   1137 C CD  . LYS A 1 162 ? 0.906   11.470  3.945   1.00 19.01 ? 162  LYS A CD  1 
ATOM   1138 C CE  . LYS A 1 162 ? -0.547  11.788  4.289   1.00 18.30 ? 162  LYS A CE  1 
ATOM   1139 N NZ  . LYS A 1 162 ? -0.787  11.759  5.766   1.00 19.37 ? 162  LYS A NZ  1 
ATOM   1140 N N   . ILE A 1 163 ? 1.448   7.908   -0.297  1.00 14.47 ? 163  ILE A N   1 
ATOM   1141 C CA  . ILE A 1 163 ? 1.405   6.489   -0.641  1.00 14.74 ? 163  ILE A CA  1 
ATOM   1142 C C   . ILE A 1 163 ? 2.362   5.798   0.333   1.00 14.62 ? 163  ILE A C   1 
ATOM   1143 O O   . ILE A 1 163 ? 3.402   6.357   0.680   1.00 14.50 ? 163  ILE A O   1 
ATOM   1144 C CB  . ILE A 1 163 ? 1.894   6.221   -2.081  1.00 15.13 ? 163  ILE A CB  1 
ATOM   1145 C CG1 . ILE A 1 163 ? 1.000   6.945   -3.092  1.00 16.33 ? 163  ILE A CG1 1 
ATOM   1146 C CG2 . ILE A 1 163 ? 1.855   4.719   -2.369  1.00 16.06 ? 163  ILE A CG2 1 
ATOM   1147 C CD1 . ILE A 1 163 ? 1.500   6.809   -4.530  1.00 19.52 ? 163  ILE A CD1 1 
ATOM   1148 N N   . ALA A 1 164 ? 2.018   4.596   0.788   1.00 15.55 ? 164  ALA A N   1 
ATOM   1149 C CA  . ALA A 1 164 ? 2.895   3.894   1.721   1.00 15.16 ? 164  ALA A CA  1 
ATOM   1150 C C   . ALA A 1 164 ? 2.772   2.380   1.673   1.00 14.91 ? 164  ALA A C   1 
ATOM   1151 O O   . ALA A 1 164 ? 1.692   1.843   1.429   1.00 16.81 ? 164  ALA A O   1 
ATOM   1152 C CB  . ALA A 1 164 ? 2.636   4.385   3.149   1.00 13.43 ? 164  ALA A CB  1 
ATOM   1153 N N   . ILE A 1 165 ? 3.893   1.698   1.897   1.00 14.79 ? 165  ILE A N   1 
ATOM   1154 C CA  . ILE A 1 165 ? 3.914   0.241   1.940   1.00 15.21 ? 165  ILE A CA  1 
ATOM   1155 C C   . ILE A 1 165 ? 4.077   -0.114  3.411   1.00 13.87 ? 165  ILE A C   1 
ATOM   1156 O O   . ILE A 1 165 ? 4.978   0.397   4.083   1.00 13.16 ? 165  ILE A O   1 
ATOM   1157 C CB  . ILE A 1 165 ? 5.083   -0.361  1.112   1.00 16.45 ? 165  ILE A CB  1 
ATOM   1158 C CG1 . ILE A 1 165 ? 4.732   -0.323  -0.379  1.00 18.95 ? 165  ILE A CG1 1 
ATOM   1159 C CG2 . ILE A 1 165 ? 5.346   -1.808  1.531   1.00 16.72 ? 165  ILE A CG2 1 
ATOM   1160 C CD1 . ILE A 1 165 ? 5.785   -0.949  -1.271  1.00 21.29 ? 165  ILE A CD1 1 
ATOM   1161 N N   . TRP A 1 166 ? 3.183   -0.969  3.899   1.00 13.35 ? 166  TRP A N   1 
ATOM   1162 C CA  . TRP A 1 166 ? 3.169   -1.409  5.296   1.00 14.81 ? 166  TRP A CA  1 
ATOM   1163 C C   . TRP A 1 166 ? 3.846   -2.782  5.473   1.00 14.34 ? 166  TRP A C   1 
ATOM   1164 O O   . TRP A 1 166 ? 3.574   -3.704  4.706   1.00 13.54 ? 166  TRP A O   1 
ATOM   1165 C CB  . TRP A 1 166 ? 1.709   -1.508  5.785   1.00 15.04 ? 166  TRP A CB  1 
ATOM   1166 C CG  . TRP A 1 166 ? 0.977   -0.192  6.004   1.00 13.70 ? 166  TRP A CG  1 
ATOM   1167 C CD1 . TRP A 1 166 ? 1.121   0.959   5.288   1.00 14.64 ? 166  TRP A CD1 1 
ATOM   1168 C CD2 . TRP A 1 166 ? -0.019  0.083   7.005   1.00 14.19 ? 166  TRP A CD2 1 
ATOM   1169 N NE1 . TRP A 1 166 ? 0.283   1.936   5.779   1.00 15.42 ? 166  TRP A NE1 1 
ATOM   1170 C CE2 . TRP A 1 166 ? -0.429  1.426   6.831   1.00 14.11 ? 166  TRP A CE2 1 
ATOM   1171 C CE3 . TRP A 1 166 ? -0.604  -0.677  8.031   1.00 14.26 ? 166  TRP A CE3 1 
ATOM   1172 C CZ2 . TRP A 1 166 ? -1.399  2.032   7.646   1.00 14.91 ? 166  TRP A CZ2 1 
ATOM   1173 C CZ3 . TRP A 1 166 ? -1.573  -0.072  8.847   1.00 16.42 ? 166  TRP A CZ3 1 
ATOM   1174 C CH2 . TRP A 1 166 ? -1.957  1.271   8.645   1.00 16.25 ? 166  TRP A CH2 1 
ATOM   1175 N N   . THR A 1 167 ? 4.725   -2.919  6.473   1.00 13.22 ? 167  THR A N   1 
ATOM   1176 C CA  . THR A 1 167 ? 5.373   -4.208  6.738   1.00 14.23 ? 167  THR A CA  1 
ATOM   1177 C C   . THR A 1 167 ? 5.032   -4.650  8.164   1.00 15.55 ? 167  THR A C   1 
ATOM   1178 O O   . THR A 1 167 ? 4.656   -3.830  9.006   1.00 15.21 ? 167  THR A O   1 
ATOM   1179 C CB  . THR A 1 167 ? 6.909   -4.164  6.543   1.00 14.52 ? 167  THR A CB  1 
ATOM   1180 O OG1 . THR A 1 167 ? 7.527   -3.508  7.656   1.00 13.29 ? 167  THR A OG1 1 
ATOM   1181 C CG2 . THR A 1 167 ? 7.254   -3.423  5.246   1.00 16.53 ? 167  THR A CG2 1 
ATOM   1182 N N   . THR A 1 168 ? 5.188   -5.942  8.430   1.00 15.03 ? 168  THR A N   1 
ATOM   1183 C CA  . THR A 1 168 ? 4.798   -6.536  9.708   1.00 16.24 ? 168  THR A CA  1 
ATOM   1184 C C   . THR A 1 168 ? 5.634   -6.400  10.990  1.00 16.50 ? 168  THR A C   1 
ATOM   1185 O O   . THR A 1 168 ? 5.081   -6.559  12.079  1.00 16.58 ? 168  THR A O   1 
ATOM   1186 C CB  . THR A 1 168 ? 4.507   -8.039  9.496   1.00 16.88 ? 168  THR A CB  1 
ATOM   1187 O OG1 . THR A 1 168 ? 3.759   -8.549  10.604  1.00 16.63 ? 168  THR A OG1 1 
ATOM   1188 C CG2 . THR A 1 168 ? 5.817   -8.824  9.355   1.00 17.54 ? 168  THR A CG2 1 
ATOM   1189 N N   . GLU A 1 169 ? 6.930   -6.102  10.890  1.00 16.56 ? 169  GLU A N   1 
ATOM   1190 C CA  . GLU A 1 169 ? 7.777   -5.998  12.089  1.00 16.70 ? 169  GLU A CA  1 
ATOM   1191 C C   . GLU A 1 169 ? 8.870   -4.931  11.966  1.00 16.54 ? 169  GLU A C   1 
ATOM   1192 O O   . GLU A 1 169 ? 9.812   -5.080  11.182  1.00 17.19 ? 169  GLU A O   1 
ATOM   1193 C CB  . GLU A 1 169 ? 8.416   -7.363  12.375  1.00 18.74 ? 169  GLU A CB  1 
ATOM   1194 C CG  . GLU A 1 169 ? 9.460   -7.378  13.500  1.00 18.19 ? 169  GLU A CG  1 
ATOM   1195 C CD  . GLU A 1 169 ? 8.886   -6.946  14.842  1.00 20.97 ? 169  GLU A CD  1 
ATOM   1196 O OE1 . GLU A 1 169 ? 9.251   -5.848  15.322  1.00 18.19 ? 169  GLU A OE1 1 
ATOM   1197 O OE2 . GLU A 1 169 ? 8.067   -7.703  15.414  1.00 19.77 ? 169  GLU A OE2 1 
ATOM   1198 N N   . CYS A 1 170 ? 8.762   -3.866  12.755  1.00 17.53 ? 170  CYS A N   1 
ATOM   1199 C CA  . CYS A 1 170 ? 9.743   -2.787  12.675  1.00 19.74 ? 170  CYS A CA  1 
ATOM   1200 C C   . CYS A 1 170 ? 11.154  -3.162  13.145  1.00 19.45 ? 170  CYS A C   1 
ATOM   1201 O O   . CYS A 1 170 ? 12.119  -2.466  12.827  1.00 17.96 ? 170  CYS A O   1 
ATOM   1202 C CB  . CYS A 1 170 ? 9.238   -1.547  13.430  1.00 21.24 ? 170  CYS A CB  1 
ATOM   1203 S SG  . CYS A 1 170 ? 9.015   -1.737  15.208  1.00 27.28 ? 170  CYS A SG  1 
ATOM   1204 N N   . GLU A 1 171 ? 11.278  -4.271  13.874  1.00 19.50 ? 171  GLU A N   1 
ATOM   1205 C CA  . GLU A 1 171 ? 12.581  -4.715  14.366  1.00 20.91 ? 171  GLU A CA  1 
ATOM   1206 C C   . GLU A 1 171 ? 13.383  -5.567  13.371  1.00 20.22 ? 171  GLU A C   1 
ATOM   1207 O O   . GLU A 1 171 ? 14.558  -5.849  13.608  1.00 19.28 ? 171  GLU A O   1 
ATOM   1208 C CB  . GLU A 1 171 ? 12.420  -5.492  15.675  1.00 24.61 ? 171  GLU A CB  1 
ATOM   1209 C CG  . GLU A 1 171 ? 11.862  -4.670  16.821  1.00 29.50 ? 171  GLU A CG  1 
ATOM   1210 C CD  . GLU A 1 171 ? 12.647  -3.393  17.048  1.00 35.76 ? 171  GLU A CD  1 
ATOM   1211 O OE1 . GLU A 1 171 ? 13.887  -3.473  17.214  1.00 37.90 ? 171  GLU A OE1 1 
ATOM   1212 O OE2 . GLU A 1 171 ? 12.024  -2.309  17.060  1.00 39.50 ? 171  GLU A OE2 1 
ATOM   1213 N N   . ASN A 1 172 ? 12.756  -5.992  12.276  1.00 17.18 ? 172  ASN A N   1 
ATOM   1214 C CA  . ASN A 1 172 ? 13.463  -6.794  11.273  1.00 18.03 ? 172  ASN A CA  1 
ATOM   1215 C C   . ASN A 1 172 ? 14.194  -5.846  10.320  1.00 16.33 ? 172  ASN A C   1 
ATOM   1216 O O   . ASN A 1 172 ? 13.752  -5.623  9.186   1.00 14.37 ? 172  ASN A O   1 
ATOM   1217 C CB  . ASN A 1 172 ? 12.486  -7.678  10.483  1.00 17.45 ? 172  ASN A CB  1 
ATOM   1218 C CG  . ASN A 1 172 ? 11.893  -8.797  11.324  1.00 19.52 ? 172  ASN A CG  1 
ATOM   1219 O OD1 . ASN A 1 172 ? 12.376  -9.090  12.423  1.00 21.24 ? 172  ASN A OD1 1 
ATOM   1220 N ND2 . ASN A 1 172 ? 10.847  -9.443  10.805  1.00 17.18 ? 172  ASN A ND2 1 
ATOM   1221 N N   . ARG A 1 173 ? 15.314  -5.295  10.794  1.00 14.92 ? 173  ARG A N   1 
ATOM   1222 C CA  . ARG A 1 173 ? 16.112  -4.338  10.020  1.00 16.33 ? 173  ARG A CA  1 
ATOM   1223 C C   . ARG A 1 173 ? 16.469  -4.805  8.607   1.00 16.17 ? 173  ARG A C   1 
ATOM   1224 O O   . ARG A 1 173 ? 16.317  -4.050  7.643   1.00 16.13 ? 173  ARG A O   1 
ATOM   1225 C CB  . ARG A 1 173 ? 17.409  -3.988  10.776  1.00 15.84 ? 173  ARG A CB  1 
ATOM   1226 C CG  . ARG A 1 173 ? 18.368  -3.077  9.997   1.00 17.40 ? 173  ARG A CG  1 
ATOM   1227 C CD  . ARG A 1 173 ? 19.795  -3.192  10.542  1.00 19.05 ? 173  ARG A CD  1 
ATOM   1228 N NE  . ARG A 1 173 ? 20.300  -4.552  10.378  1.00 17.77 ? 173  ARG A NE  1 
ATOM   1229 C CZ  . ARG A 1 173 ? 20.678  -5.077  9.215   1.00 20.25 ? 173  ARG A CZ  1 
ATOM   1230 N NH1 . ARG A 1 173 ? 20.623  -4.351  8.103   1.00 20.57 ? 173  ARG A NH1 1 
ATOM   1231 N NH2 . ARG A 1 173 ? 21.079  -6.341  9.158   1.00 19.85 ? 173  ARG A NH2 1 
ATOM   1232 N N   . GLU A 1 174 ? 16.943  -6.041  8.476   1.00 16.71 ? 174  GLU A N   1 
ATOM   1233 C CA  . GLU A 1 174 ? 17.329  -6.542  7.162   1.00 18.93 ? 174  GLU A CA  1 
ATOM   1234 C C   . GLU A 1 174 ? 16.181  -6.497  6.156   1.00 18.45 ? 174  GLU A C   1 
ATOM   1235 O O   . GLU A 1 174 ? 16.352  -6.007  5.036   1.00 17.09 ? 174  GLU A O   1 
ATOM   1236 C CB  . GLU A 1 174 ? 17.867  -7.977  7.253   1.00 22.31 ? 174  GLU A CB  1 
ATOM   1237 C CG  . GLU A 1 174 ? 18.233  -8.554  5.891   1.00 25.74 ? 174  GLU A CG  1 
ATOM   1238 C CD  . GLU A 1 174 ? 18.778  -9.972  5.947   1.00 30.02 ? 174  GLU A CD  1 
ATOM   1239 O OE1 . GLU A 1 174 ? 18.713  -10.665 4.910   1.00 32.12 ? 174  GLU A OE1 1 
ATOM   1240 O OE2 . GLU A 1 174 ? 19.281  -10.395 7.010   1.00 30.53 ? 174  GLU A OE2 1 
ATOM   1241 N N   . ALA A 1 175 ? 15.020  -7.009  6.552   1.00 17.92 ? 175  ALA A N   1 
ATOM   1242 C CA  . ALA A 1 175 ? 13.855  -7.034  5.670   1.00 17.53 ? 175  ALA A CA  1 
ATOM   1243 C C   . ALA A 1 175 ? 13.348  -5.633  5.328   1.00 17.56 ? 175  ALA A C   1 
ATOM   1244 O O   . ALA A 1 175 ? 13.150  -5.304  4.154   1.00 17.24 ? 175  ALA A O   1 
ATOM   1245 C CB  . ALA A 1 175 ? 12.731  -7.851  6.309   1.00 16.64 ? 175  ALA A CB  1 
ATOM   1246 N N   . VAL A 1 176 ? 13.142  -4.814  6.358   1.00 15.95 ? 176  VAL A N   1 
ATOM   1247 C CA  . VAL A 1 176 ? 12.646  -3.451  6.178   1.00 16.22 ? 176  VAL A CA  1 
ATOM   1248 C C   . VAL A 1 176 ? 13.523  -2.593  5.258   1.00 16.27 ? 176  VAL A C   1 
ATOM   1249 O O   . VAL A 1 176 ? 13.003  -1.902  4.376   1.00 15.06 ? 176  VAL A O   1 
ATOM   1250 C CB  . VAL A 1 176 ? 12.490  -2.725  7.543   1.00 15.54 ? 176  VAL A CB  1 
ATOM   1251 C CG1 . VAL A 1 176 ? 12.009  -1.291  7.333   1.00 14.98 ? 176  VAL A CG1 1 
ATOM   1252 C CG2 . VAL A 1 176 ? 11.505  -3.482  8.424   1.00 15.77 ? 176  VAL A CG2 1 
ATOM   1253 N N   . THR A 1 177 ? 14.841  -2.624  5.452   1.00 16.90 ? 177  THR A N   1 
ATOM   1254 C CA  . THR A 1 177 ? 15.716  -1.813  4.601   1.00 16.95 ? 177  THR A CA  1 
ATOM   1255 C C   . THR A 1 177 ? 15.773  -2.306  3.151   1.00 18.37 ? 177  THR A C   1 
ATOM   1256 O O   . THR A 1 177 ? 15.891  -1.501  2.222   1.00 19.65 ? 177  THR A O   1 
ATOM   1257 C CB  . THR A 1 177 ? 17.164  -1.716  5.171   1.00 15.91 ? 177  THR A CB  1 
ATOM   1258 O OG1 . THR A 1 177 ? 17.703  -3.029  5.379   1.00 15.53 ? 177  THR A OG1 1 
ATOM   1259 C CG2 . THR A 1 177 ? 17.164  -0.947  6.490   1.00 14.99 ? 177  THR A CG2 1 
ATOM   1260 N N   . HIS A 1 178 ? 15.681  -3.620  2.950   1.00 18.99 ? 178  HIS A N   1 
ATOM   1261 C CA  . HIS A 1 178 ? 15.715  -4.179  1.599   1.00 21.29 ? 178  HIS A CA  1 
ATOM   1262 C C   . HIS A 1 178 ? 14.440  -3.823  0.834   1.00 20.86 ? 178  HIS A C   1 
ATOM   1263 O O   . HIS A 1 178 ? 14.489  -3.493  -0.356  1.00 20.57 ? 178  HIS A O   1 
ATOM   1264 C CB  . HIS A 1 178 ? 15.891  -5.700  1.644   1.00 24.71 ? 178  HIS A CB  1 
ATOM   1265 C CG  . HIS A 1 178 ? 16.114  -6.320  0.300   1.00 31.71 ? 178  HIS A CG  1 
ATOM   1266 N ND1 . HIS A 1 178 ? 15.089  -6.557  -0.592  1.00 35.47 ? 178  HIS A ND1 1 
ATOM   1267 C CD2 . HIS A 1 178 ? 17.250  -6.715  -0.323  1.00 35.01 ? 178  HIS A CD2 1 
ATOM   1268 C CE1 . HIS A 1 178 ? 15.583  -7.071  -1.704  1.00 35.01 ? 178  HIS A CE1 1 
ATOM   1269 N NE2 . HIS A 1 178 ? 16.893  -7.176  -1.568  1.00 34.91 ? 178  HIS A NE2 1 
ATOM   1270 N N   . ILE A 1 179 ? 13.303  -3.893  1.521   1.00 19.49 ? 179  ILE A N   1 
ATOM   1271 C CA  . ILE A 1 179 ? 12.010  -3.556  0.926   1.00 18.20 ? 179  ILE A CA  1 
ATOM   1272 C C   . ILE A 1 179 ? 11.995  -2.074  0.526   1.00 17.51 ? 179  ILE A C   1 
ATOM   1273 O O   . ILE A 1 179 ? 11.514  -1.712  -0.554  1.00 17.91 ? 179  ILE A O   1 
ATOM   1274 C CB  . ILE A 1 179 ? 10.868  -3.840  1.937   1.00 18.00 ? 179  ILE A CB  1 
ATOM   1275 C CG1 . ILE A 1 179 ? 10.691  -5.353  2.093   1.00 16.45 ? 179  ILE A CG1 1 
ATOM   1276 C CG2 . ILE A 1 179 ? 9.567   -3.157  1.492   1.00 15.62 ? 179  ILE A CG2 1 
ATOM   1277 C CD1 . ILE A 1 179 ? 9.780   -5.756  3.242   1.00 14.37 ? 179  ILE A CD1 1 
ATOM   1278 N N   . GLY A 1 180 ? 12.530  -1.223  1.396   1.00 15.52 ? 180  GLY A N   1 
ATOM   1279 C CA  . GLY A 1 180 ? 12.569  0.201   1.110   1.00 14.91 ? 180  GLY A CA  1 
ATOM   1280 C C   . GLY A 1 180 ? 13.406  0.522   -0.118  1.00 16.37 ? 180  GLY A C   1 
ATOM   1281 O O   . GLY A 1 180 ? 13.010  1.338   -0.947  1.00 15.36 ? 180  GLY A O   1 
ATOM   1282 N N   . ARG A 1 181 ? 14.567  -0.120  -0.231  1.00 17.76 ? 181  ARG A N   1 
ATOM   1283 C CA  . ARG A 1 181 ? 15.466  0.090   -1.364  1.00 20.31 ? 181  ARG A CA  1 
ATOM   1284 C C   . ARG A 1 181 ? 14.799  -0.290  -2.683  1.00 19.02 ? 181  ARG A C   1 
ATOM   1285 O O   . ARG A 1 181 ? 14.782  0.491   -3.632  1.00 18.97 ? 181  ARG A O   1 
ATOM   1286 C CB  . ARG A 1 181 ? 16.733  -0.748  -1.194  1.00 23.96 ? 181  ARG A CB  1 
ATOM   1287 C CG  . ARG A 1 181 ? 17.640  -0.751  -2.414  1.00 30.53 ? 181  ARG A CG  1 
ATOM   1288 C CD  . ARG A 1 181 ? 18.639  -1.917  -2.376  1.00 35.41 ? 181  ARG A CD  1 
ATOM   1289 N NE  . ARG A 1 181 ? 19.385  -2.053  -3.629  1.00 38.12 ? 181  ARG A NE  1 
ATOM   1290 C CZ  . ARG A 1 181 ? 18.821  -2.235  -4.823  1.00 39.81 ? 181  ARG A CZ  1 
ATOM   1291 N NH1 . ARG A 1 181 ? 17.501  -2.303  -4.937  1.00 39.93 ? 181  ARG A NH1 1 
ATOM   1292 N NH2 . ARG A 1 181 ? 19.577  -2.349  -5.909  1.00 39.89 ? 181  ARG A NH2 1 
ATOM   1293 N N   . VAL A 1 182 ? 14.259  -1.502  -2.736  1.00 19.14 ? 182  VAL A N   1 
ATOM   1294 C CA  . VAL A 1 182 ? 13.596  -1.993  -3.938  1.00 18.42 ? 182  VAL A CA  1 
ATOM   1295 C C   . VAL A 1 182 ? 12.418  -1.110  -4.349  1.00 18.59 ? 182  VAL A C   1 
ATOM   1296 O O   . VAL A 1 182 ? 12.280  -0.748  -5.520  1.00 19.18 ? 182  VAL A O   1 
ATOM   1297 C CB  . VAL A 1 182 ? 13.095  -3.437  -3.728  1.00 19.48 ? 182  VAL A CB  1 
ATOM   1298 C CG1 . VAL A 1 182 ? 12.284  -3.892  -4.938  1.00 19.15 ? 182  VAL A CG1 1 
ATOM   1299 C CG2 . VAL A 1 182 ? 14.289  -4.368  -3.498  1.00 21.07 ? 182  VAL A CG2 1 
ATOM   1300 N N   . TYR A 1 183 ? 11.573  -0.768  -3.381  1.00 16.76 ? 183  TYR A N   1 
ATOM   1301 C CA  . TYR A 1 183 ? 10.407  0.068   -3.641  1.00 15.45 ? 183  TYR A CA  1 
ATOM   1302 C C   . TYR A 1 183 ? 10.831  1.422   -4.219  1.00 16.71 ? 183  TYR A C   1 
ATOM   1303 O O   . TYR A 1 183 ? 10.288  1.869   -5.228  1.00 15.61 ? 183  TYR A O   1 
ATOM   1304 C CB  . TYR A 1 183 ? 9.601   0.255   -2.345  1.00 15.55 ? 183  TYR A CB  1 
ATOM   1305 C CG  . TYR A 1 183 ? 8.300   1.025   -2.493  1.00 13.75 ? 183  TYR A CG  1 
ATOM   1306 C CD1 . TYR A 1 183 ? 7.432   0.780   -3.562  1.00 16.60 ? 183  TYR A CD1 1 
ATOM   1307 C CD2 . TYR A 1 183 ? 7.921   1.982   -1.545  1.00 15.01 ? 183  TYR A CD2 1 
ATOM   1308 C CE1 . TYR A 1 183 ? 6.217   1.473   -3.685  1.00 15.66 ? 183  TYR A CE1 1 
ATOM   1309 C CE2 . TYR A 1 183 ? 6.713   2.679   -1.658  1.00 14.09 ? 183  TYR A CE2 1 
ATOM   1310 C CZ  . TYR A 1 183 ? 5.868   2.417   -2.732  1.00 15.94 ? 183  TYR A CZ  1 
ATOM   1311 O OH  . TYR A 1 183 ? 4.680   3.103   -2.844  1.00 14.75 ? 183  TYR A OH  1 
ATOM   1312 N N   . LYS A 1 184 ? 11.807  2.071   -3.586  1.00 16.73 ? 184  LYS A N   1 
ATOM   1313 C CA  . LYS A 1 184 ? 12.281  3.366   -4.072  1.00 17.65 ? 184  LYS A CA  1 
ATOM   1314 C C   . LYS A 1 184 ? 12.801  3.247   -5.506  1.00 17.28 ? 184  LYS A C   1 
ATOM   1315 O O   . LYS A 1 184 ? 12.525  4.100   -6.349  1.00 19.08 ? 184  LYS A O   1 
ATOM   1316 C CB  . LYS A 1 184 ? 13.396  3.902   -3.162  1.00 17.72 ? 184  LYS A CB  1 
ATOM   1317 C CG  . LYS A 1 184 ? 14.080  5.172   -3.677  1.00 17.66 ? 184  LYS A CG  1 
ATOM   1318 C CD  . LYS A 1 184 ? 15.099  5.697   -2.653  1.00 19.38 ? 184  LYS A CD  1 
ATOM   1319 C CE  . LYS A 1 184 ? 15.841  6.925   -3.163  1.00 18.90 ? 184  LYS A CE  1 
ATOM   1320 N NZ  . LYS A 1 184 ? 16.752  7.500   -2.124  1.00 20.36 ? 184  LYS A NZ  1 
ATOM   1321 N N   . GLU A 1 185 ? 13.555  2.187   -5.773  1.00 17.79 ? 185  GLU A N   1 
ATOM   1322 C CA  . GLU A 1 185 ? 14.114  1.955   -7.103  1.00 19.73 ? 185  GLU A CA  1 
ATOM   1323 C C   . GLU A 1 185 ? 13.015  1.734   -8.146  1.00 20.60 ? 185  GLU A C   1 
ATOM   1324 O O   . GLU A 1 185 ? 13.065  2.295   -9.240  1.00 18.56 ? 185  GLU A O   1 
ATOM   1325 C CB  . GLU A 1 185 ? 15.053  0.743   -7.073  1.00 21.30 ? 185  GLU A CB  1 
ATOM   1326 C CG  . GLU A 1 185 ? 15.640  0.379   -8.434  1.00 28.08 ? 185  GLU A CG  1 
ATOM   1327 C CD  . GLU A 1 185 ? 16.651  -0.754  -8.365  1.00 32.47 ? 185  GLU A CD  1 
ATOM   1328 O OE1 . GLU A 1 185 ? 16.335  -1.816  -7.783  1.00 36.15 ? 185  GLU A OE1 1 
ATOM   1329 O OE2 . GLU A 1 185 ? 17.764  -0.586  -8.906  1.00 35.73 ? 185  GLU A OE2 1 
ATOM   1330 N N   . ARG A 1 186 ? 12.021  0.919   -7.804  1.00 21.06 ? 186  ARG A N   1 
ATOM   1331 C CA  . ARG A 1 186 ? 10.921  0.634   -8.722  1.00 21.83 ? 186  ARG A CA  1 
ATOM   1332 C C   . ARG A 1 186 ? 10.094  1.867   -9.086  1.00 20.46 ? 186  ARG A C   1 
ATOM   1333 O O   . ARG A 1 186 ? 9.673   2.007   -10.231 1.00 18.52 ? 186  ARG A O   1 
ATOM   1334 C CB  . ARG A 1 186 ? 10.004  -0.447  -8.136  1.00 23.55 ? 186  ARG A CB  1 
ATOM   1335 C CG  . ARG A 1 186 ? 10.636  -1.835  -8.036  1.00 28.89 ? 186  ARG A CG  1 
ATOM   1336 C CD  . ARG A 1 186 ? 10.914  -2.439  -9.408  1.00 33.65 ? 186  ARG A CD  1 
ATOM   1337 N NE  . ARG A 1 186 ? 9.692   -2.727  -10.163 1.00 38.86 ? 186  ARG A NE  1 
ATOM   1338 C CZ  . ARG A 1 186 ? 8.847   -3.719  -9.884  1.00 40.69 ? 186  ARG A CZ  1 
ATOM   1339 N NH1 . ARG A 1 186 ? 9.083   -4.530  -8.862  1.00 42.45 ? 186  ARG A NH1 1 
ATOM   1340 N NH2 . ARG A 1 186 ? 7.767   -3.904  -10.632 1.00 39.79 ? 186  ARG A NH2 1 
ATOM   1341 N N   . LEU A 1 187 ? 9.851   2.754   -8.122  1.00 19.71 ? 187  LEU A N   1 
ATOM   1342 C CA  . LEU A 1 187 ? 9.074   3.960   -8.401  1.00 18.98 ? 187  LEU A CA  1 
ATOM   1343 C C   . LEU A 1 187 ? 9.864   4.840   -9.369  1.00 19.89 ? 187  LEU A C   1 
ATOM   1344 O O   . LEU A 1 187 ? 9.289   5.527   -10.213 1.00 20.03 ? 187  LEU A O   1 
ATOM   1345 C CB  . LEU A 1 187 ? 8.752   4.714   -7.100  1.00 17.24 ? 187  LEU A CB  1 
ATOM   1346 C CG  . LEU A 1 187 ? 7.789   4.019   -6.122  1.00 17.66 ? 187  LEU A CG  1 
ATOM   1347 C CD1 . LEU A 1 187 ? 7.549   4.911   -4.916  1.00 17.06 ? 187  LEU A CD1 1 
ATOM   1348 C CD2 . LEU A 1 187 ? 6.462   3.725   -6.812  1.00 16.00 ? 187  LEU A CD2 1 
ATOM   1349 N N   . GLY A 1 188 ? 11.188  4.813   -9.239  1.00 20.67 ? 188  GLY A N   1 
ATOM   1350 C CA  . GLY A 1 188 ? 12.043  5.562   -10.145 1.00 20.59 ? 188  GLY A CA  1 
ATOM   1351 C C   . GLY A 1 188 ? 12.280  7.051   -9.960  1.00 21.32 ? 188  GLY A C   1 
ATOM   1352 O O   . GLY A 1 188 ? 12.821  7.689   -10.868 1.00 19.54 ? 188  GLY A O   1 
ATOM   1353 N N   . LEU A 1 189 ? 11.887  7.612   -8.818  1.00 20.27 ? 189  LEU A N   1 
ATOM   1354 C CA  . LEU A 1 189 ? 12.100  9.037   -8.556  1.00 21.53 ? 189  LEU A CA  1 
ATOM   1355 C C   . LEU A 1 189 ? 13.609  9.265   -8.391  1.00 21.81 ? 189  LEU A C   1 
ATOM   1356 O O   . LEU A 1 189 ? 14.373  8.308   -8.276  1.00 22.06 ? 189  LEU A O   1 
ATOM   1357 C CB  . LEU A 1 189 ? 11.347  9.458   -7.281  1.00 22.72 ? 189  LEU A CB  1 
ATOM   1358 C CG  . LEU A 1 189 ? 11.617  8.598   -6.035  1.00 23.44 ? 189  LEU A CG  1 
ATOM   1359 C CD1 . LEU A 1 189 ? 12.409  9.393   -5.011  1.00 22.88 ? 189  LEU A CD1 1 
ATOM   1360 C CD2 . LEU A 1 189 ? 10.301  8.117   -5.438  1.00 22.61 ? 189  LEU A CD2 1 
ATOM   1361 N N   . PRO A 1 190 ? 14.058  10.532  -8.398  1.00 22.96 ? 190  PRO A N   1 
ATOM   1362 C CA  . PRO A 1 190 ? 15.488  10.832  -8.245  1.00 23.39 ? 190  PRO A CA  1 
ATOM   1363 C C   . PRO A 1 190 ? 16.109  10.166  -7.009  1.00 22.94 ? 190  PRO A C   1 
ATOM   1364 O O   . PRO A 1 190 ? 15.639  10.352  -5.888  1.00 24.44 ? 190  PRO A O   1 
ATOM   1365 C CB  . PRO A 1 190 ? 15.509  12.354  -8.165  1.00 22.99 ? 190  PRO A CB  1 
ATOM   1366 C CG  . PRO A 1 190 ? 14.365  12.734  -9.074  1.00 24.58 ? 190  PRO A CG  1 
ATOM   1367 C CD  . PRO A 1 190 ? 13.288  11.764  -8.644  1.00 23.50 ? 190  PRO A CD  1 
ATOM   1368 N N   . PRO A 1 191 ? 17.179  9.381   -7.211  1.00 25.06 ? 191  PRO A N   1 
ATOM   1369 C CA  . PRO A 1 191 ? 17.923  8.648   -6.176  1.00 25.03 ? 191  PRO A CA  1 
ATOM   1370 C C   . PRO A 1 191 ? 18.356  9.472   -4.962  1.00 25.08 ? 191  PRO A C   1 
ATOM   1371 O O   . PRO A 1 191 ? 18.472  8.942   -3.853  1.00 25.09 ? 191  PRO A O   1 
ATOM   1372 C CB  . PRO A 1 191 ? 19.125  8.102   -6.941  1.00 26.37 ? 191  PRO A CB  1 
ATOM   1373 C CG  . PRO A 1 191 ? 18.571  7.890   -8.317  1.00 26.82 ? 191  PRO A CG  1 
ATOM   1374 C CD  . PRO A 1 191 ? 17.771  9.144   -8.540  1.00 25.39 ? 191  PRO A CD  1 
ATOM   1375 N N   . LYS A 1 192 ? 18.603  10.761  -5.171  1.00 23.64 ? 192  LYS A N   1 
ATOM   1376 C CA  . LYS A 1 192 ? 19.040  11.630  -4.083  1.00 23.64 ? 192  LYS A CA  1 
ATOM   1377 C C   . LYS A 1 192 ? 17.957  11.946  -3.053  1.00 21.81 ? 192  LYS A C   1 
ATOM   1378 O O   . LYS A 1 192 ? 18.258  12.480  -1.981  1.00 19.12 ? 192  LYS A O   1 
ATOM   1379 C CB  . LYS A 1 192 ? 19.608  12.947  -4.642  1.00 25.10 ? 192  LYS A CB  1 
ATOM   1380 C CG  . LYS A 1 192 ? 18.605  13.820  -5.390  1.00 29.07 ? 192  LYS A CG  1 
ATOM   1381 C CD  . LYS A 1 192 ? 19.251  15.141  -5.807  1.00 32.61 ? 192  LYS A CD  1 
ATOM   1382 C CE  . LYS A 1 192 ? 18.287  16.036  -6.581  1.00 35.65 ? 192  LYS A CE  1 
ATOM   1383 N NZ  . LYS A 1 192 ? 17.916  15.451  -7.900  1.00 36.57 ? 192  LYS A NZ  1 
ATOM   1384 N N   . ILE A 1 193 ? 16.705  11.613  -3.368  1.00 20.24 ? 193  ILE A N   1 
ATOM   1385 C CA  . ILE A 1 193 ? 15.597  11.882  -2.451  1.00 19.30 ? 193  ILE A CA  1 
ATOM   1386 C C   . ILE A 1 193 ? 15.442  10.766  -1.418  1.00 18.50 ? 193  ILE A C   1 
ATOM   1387 O O   . ILE A 1 193 ? 15.180  9.615   -1.769  1.00 19.58 ? 193  ILE A O   1 
ATOM   1388 C CB  . ILE A 1 193 ? 14.254  12.050  -3.217  1.00 18.19 ? 193  ILE A CB  1 
ATOM   1389 C CG1 . ILE A 1 193 ? 14.353  13.230  -4.192  1.00 19.07 ? 193  ILE A CG1 1 
ATOM   1390 C CG2 . ILE A 1 193 ? 13.115  12.296  -2.226  1.00 17.53 ? 193  ILE A CG2 1 
ATOM   1391 C CD1 . ILE A 1 193 ? 13.112  13.445  -5.045  1.00 20.38 ? 193  ILE A CD1 1 
ATOM   1392 N N   . VAL A 1 194 ? 15.599  11.118  -0.143  1.00 18.69 ? 194  VAL A N   1 
ATOM   1393 C CA  . VAL A 1 194 ? 15.496  10.151  0.955   1.00 18.67 ? 194  VAL A CA  1 
ATOM   1394 C C   . VAL A 1 194 ? 14.064  10.008  1.488   1.00 18.60 ? 194  VAL A C   1 
ATOM   1395 O O   . VAL A 1 194 ? 13.328  10.991  1.574   1.00 16.83 ? 194  VAL A O   1 
ATOM   1396 C CB  . VAL A 1 194 ? 16.409  10.566  2.151   1.00 19.42 ? 194  VAL A CB  1 
ATOM   1397 C CG1 . VAL A 1 194 ? 16.312  9.539   3.274   1.00 19.53 ? 194  VAL A CG1 1 
ATOM   1398 C CG2 . VAL A 1 194 ? 17.855  10.721  1.686   1.00 19.93 ? 194  VAL A CG2 1 
ATOM   1399 N N   . ILE A 1 195 ? 13.686  8.778   1.839   1.00 17.78 ? 195  ILE A N   1 
ATOM   1400 C CA  . ILE A 1 195 ? 12.367  8.484   2.406   1.00 16.43 ? 195  ILE A CA  1 
ATOM   1401 C C   . ILE A 1 195 ? 12.577  7.799   3.761   1.00 15.74 ? 195  ILE A C   1 
ATOM   1402 O O   . ILE A 1 195 ? 13.625  7.193   3.989   1.00 14.69 ? 195  ILE A O   1 
ATOM   1403 C CB  . ILE A 1 195 ? 11.531  7.548   1.491   1.00 16.41 ? 195  ILE A CB  1 
ATOM   1404 C CG1 . ILE A 1 195 ? 12.292  6.250   1.220   1.00 17.26 ? 195  ILE A CG1 1 
ATOM   1405 C CG2 . ILE A 1 195 ? 11.196  8.263   0.180   1.00 16.66 ? 195  ILE A CG2 1 
ATOM   1406 C CD1 . ILE A 1 195 ? 11.460  5.182   0.534   1.00 17.77 ? 195  ILE A CD1 1 
ATOM   1407 N N   . GLY A 1 196 ? 11.590  7.910   4.652   1.00 15.43 ? 196  GLY A N   1 
ATOM   1408 C CA  . GLY A 1 196 ? 11.701  7.312   5.974   1.00 14.21 ? 196  GLY A CA  1 
ATOM   1409 C C   . GLY A 1 196 ? 10.655  6.260   6.313   1.00 15.85 ? 196  GLY A C   1 
ATOM   1410 O O   . GLY A 1 196 ? 9.576   6.210   5.712   1.00 12.99 ? 196  GLY A O   1 
ATOM   1411 N N   . TYR A 1 197 ? 10.985  5.422   7.296   1.00 15.03 ? 197  TYR A N   1 
ATOM   1412 C CA  . TYR A 1 197 ? 10.116  4.342   7.763   1.00 14.28 ? 197  TYR A CA  1 
ATOM   1413 C C   . TYR A 1 197 ? 9.653   4.680   9.179   1.00 14.58 ? 197  TYR A C   1 
ATOM   1414 O O   . TYR A 1 197 ? 10.479  4.947   10.055  1.00 14.95 ? 197  TYR A O   1 
ATOM   1415 C CB  . TYR A 1 197 ? 10.902  3.025   7.783   1.00 14.60 ? 197  TYR A CB  1 
ATOM   1416 C CG  . TYR A 1 197 ? 10.118  1.811   8.244   1.00 14.22 ? 197  TYR A CG  1 
ATOM   1417 C CD1 . TYR A 1 197 ? 9.301   1.107   7.364   1.00 14.02 ? 197  TYR A CD1 1 
ATOM   1418 C CD2 . TYR A 1 197 ? 10.207  1.360   9.561   1.00 16.04 ? 197  TYR A CD2 1 
ATOM   1419 C CE1 . TYR A 1 197 ? 8.590   -0.022  7.779   1.00 14.25 ? 197  TYR A CE1 1 
ATOM   1420 C CE2 . TYR A 1 197 ? 9.497   0.231   9.991   1.00 15.33 ? 197  TYR A CE2 1 
ATOM   1421 C CZ  . TYR A 1 197 ? 8.696   -0.451  9.094   1.00 15.59 ? 197  TYR A CZ  1 
ATOM   1422 O OH  . TYR A 1 197 ? 8.000   -1.561  9.514   1.00 15.17 ? 197  TYR A OH  1 
ATOM   1423 N N   . GLN A 1 198 ? 8.341   4.661   9.404   1.00 15.27 ? 198  GLN A N   1 
ATOM   1424 C CA  . GLN A 1 198 ? 7.781   4.979   10.718  1.00 17.01 ? 198  GLN A CA  1 
ATOM   1425 C C   . GLN A 1 198 ? 7.106   3.785   11.382  1.00 17.42 ? 198  GLN A C   1 
ATOM   1426 O O   . GLN A 1 198 ? 6.355   3.058   10.740  1.00 16.81 ? 198  GLN A O   1 
ATOM   1427 C CB  . GLN A 1 198 ? 6.726   6.082   10.607  1.00 19.49 ? 198  GLN A CB  1 
ATOM   1428 C CG  . GLN A 1 198 ? 7.112   7.310   9.820   1.00 22.68 ? 198  GLN A CG  1 
ATOM   1429 C CD  . GLN A 1 198 ? 5.955   8.291   9.724   1.00 25.28 ? 198  GLN A CD  1 
ATOM   1430 O OE1 . GLN A 1 198 ? 4.837   7.915   9.365   1.00 24.86 ? 198  GLN A OE1 1 
ATOM   1431 N NE2 . GLN A 1 198 ? 6.216   9.553   10.046  1.00 23.86 ? 198  GLN A NE2 1 
ATOM   1432 N N   . SER A 1 199 ? 7.358   3.603   12.674  1.00 19.21 ? 199  SER A N   1 
ATOM   1433 C CA  . SER A 1 199 ? 6.734   2.523   13.436  1.00 20.00 ? 199  SER A CA  1 
ATOM   1434 C C   . SER A 1 199 ? 5.319   2.960   13.818  1.00 19.83 ? 199  SER A C   1 
ATOM   1435 O O   . SER A 1 199 ? 5.124   4.083   14.292  1.00 18.83 ? 199  SER A O   1 
ATOM   1436 C CB  . SER A 1 199 ? 7.531   2.246   14.711  1.00 23.18 ? 199  SER A CB  1 
ATOM   1437 O OG  . SER A 1 199 ? 6.791   1.422   15.594  1.00 27.86 ? 199  SER A OG  1 
ATOM   1438 N N   . HIS A 1 200 ? 4.335   2.083   13.626  1.00 18.28 ? 200  HIS A N   1 
ATOM   1439 C CA  . HIS A 1 200 ? 2.957   2.438   13.962  1.00 19.39 ? 200  HIS A CA  1 
ATOM   1440 C C   . HIS A 1 200 ? 2.782   2.760   15.450  1.00 18.54 ? 200  HIS A C   1 
ATOM   1441 O O   . HIS A 1 200 ? 2.081   3.710   15.803  1.00 18.63 ? 200  HIS A O   1 
ATOM   1442 C CB  . HIS A 1 200 ? 1.979   1.317   13.567  1.00 17.01 ? 200  HIS A CB  1 
ATOM   1443 C CG  . HIS A 1 200 ? 1.937   1.033   12.095  1.00 16.28 ? 200  HIS A CG  1 
ATOM   1444 N ND1 . HIS A 1 200 ? 1.858   2.028   11.143  1.00 15.75 ? 200  HIS A ND1 1 
ATOM   1445 C CD2 . HIS A 1 200 ? 1.944   -0.137  11.414  1.00 14.96 ? 200  HIS A CD2 1 
ATOM   1446 C CE1 . HIS A 1 200 ? 1.818   1.483   9.940   1.00 15.43 ? 200  HIS A CE1 1 
ATOM   1447 N NE2 . HIS A 1 200 ? 1.868   0.170   10.077  1.00 16.08 ? 200  HIS A NE2 1 
ATOM   1448 N N   . ALA A 1 201 ? 3.413   1.969   16.313  1.00 19.75 ? 201  ALA A N   1 
ATOM   1449 C CA  . ALA A 1 201 ? 3.316   2.172   17.754  1.00 22.24 ? 201  ALA A CA  1 
ATOM   1450 C C   . ALA A 1 201 ? 3.827   3.548   18.163  1.00 24.08 ? 201  ALA A C   1 
ATOM   1451 O O   . ALA A 1 201 ? 3.421   4.092   19.194  1.00 24.69 ? 201  ALA A O   1 
ATOM   1452 C CB  . ALA A 1 201 ? 4.103   1.090   18.492  1.00 22.67 ? 201  ALA A CB  1 
ATOM   1453 N N   . ASP A 1 202 ? 4.720   4.104   17.351  1.00 24.53 ? 202  ASP A N   1 
ATOM   1454 C CA  . ASP A 1 202 ? 5.297   5.413   17.624  1.00 25.81 ? 202  ASP A CA  1 
ATOM   1455 C C   . ASP A 1 202 ? 4.389   6.571   17.211  1.00 26.16 ? 202  ASP A C   1 
ATOM   1456 O O   . ASP A 1 202 ? 4.772   7.730   17.352  1.00 25.81 ? 202  ASP A O   1 
ATOM   1457 C CB  . ASP A 1 202 ? 6.651   5.553   16.917  1.00 27.65 ? 202  ASP A CB  1 
ATOM   1458 C CG  . ASP A 1 202 ? 7.779   4.826   17.641  1.00 29.78 ? 202  ASP A CG  1 
ATOM   1459 O OD1 . ASP A 1 202 ? 8.883   4.711   17.070  1.00 31.74 ? 202  ASP A OD1 1 
ATOM   1460 O OD2 . ASP A 1 202 ? 7.570   4.372   18.785  1.00 32.04 ? 202  ASP A OD2 1 
ATOM   1461 N N   . THR A 1 203 ? 3.195   6.263   16.704  1.00 25.05 ? 203  THR A N   1 
ATOM   1462 C CA  . THR A 1 203 ? 2.256   7.304   16.274  1.00 24.93 ? 203  THR A CA  1 
ATOM   1463 C C   . THR A 1 203 ? 2.025   8.323   17.395  1.00 26.21 ? 203  THR A C   1 
ATOM   1464 O O   . THR A 1 203 ? 1.663   7.963   18.514  1.00 24.92 ? 203  THR A O   1 
ATOM   1465 C CB  . THR A 1 203 ? 0.900   6.689   15.840  1.00 25.34 ? 203  THR A CB  1 
ATOM   1466 O OG1 . THR A 1 203 ? 1.115   5.781   14.748  1.00 24.96 ? 203  THR A OG1 1 
ATOM   1467 C CG2 . THR A 1 203 ? -0.074  7.778   15.401  1.00 24.33 ? 203  THR A CG2 1 
ATOM   1468 N N   . ALA A 1 204 ? 2.236   9.597   17.084  1.00 27.00 ? 204  ALA A N   1 
ATOM   1469 C CA  . ALA A 1 204 ? 2.084   10.668  18.067  1.00 30.02 ? 204  ALA A CA  1 
ATOM   1470 C C   . ALA A 1 204 ? 0.712   10.738  18.738  1.00 31.22 ? 204  ALA A C   1 
ATOM   1471 O O   . ALA A 1 204 ? -0.318  10.713  18.071  1.00 31.38 ? 204  ALA A O   1 
ATOM   1472 C CB  . ALA A 1 204 ? 2.414   12.012  17.419  1.00 29.12 ? 204  ALA A CB  1 
ATOM   1473 N N   . THR A 1 205 ? 0.712   10.829  20.067  1.00 34.73 ? 205  THR A N   1 
ATOM   1474 C CA  . THR A 1 205 ? -0.527  10.928  20.837  1.00 37.40 ? 205  THR A CA  1 
ATOM   1475 C C   . THR A 1 205 ? -0.472  12.135  21.768  1.00 40.41 ? 205  THR A C   1 
ATOM   1476 O O   . THR A 1 205 ? -1.446  12.452  22.450  1.00 40.03 ? 205  THR A O   1 
ATOM   1477 C CB  . THR A 1 205 ? -0.780  9.662   21.689  1.00 36.96 ? 205  THR A CB  1 
ATOM   1478 O OG1 . THR A 1 205 ? 0.297   9.479   22.616  1.00 36.02 ? 205  THR A OG1 1 
ATOM   1479 C CG2 . THR A 1 205 ? -0.901  8.436   20.796  1.00 35.84 ? 205  THR A CG2 1 
ATOM   1480 N N   . LYS A 1 206 ? 0.677   12.803  21.796  1.00 44.55 ? 206  LYS A N   1 
ATOM   1481 C CA  . LYS A 1 206 ? 0.867   13.980  22.636  1.00 48.87 ? 206  LYS A CA  1 
ATOM   1482 C C   . LYS A 1 206 ? 0.836   15.243  21.786  1.00 50.75 ? 206  LYS A C   1 
ATOM   1483 O O   . LYS A 1 206 ? 1.768   15.510  21.026  1.00 50.69 ? 206  LYS A O   1 
ATOM   1484 C CB  . LYS A 1 206 ? 2.206   13.903  23.375  1.00 50.92 ? 206  LYS A CB  1 
ATOM   1485 C CG  . LYS A 1 206 ? 2.290   12.810  24.427  1.00 52.96 ? 206  LYS A CG  1 
ATOM   1486 C CD  . LYS A 1 206 ? 3.583   12.936  25.221  1.00 54.79 ? 206  LYS A CD  1 
ATOM   1487 C CE  . LYS A 1 206 ? 3.660   11.914  26.345  1.00 55.19 ? 206  LYS A CE  1 
ATOM   1488 N NZ  . LYS A 1 206 ? 4.915   12.060  27.135  1.00 54.82 ? 206  LYS A NZ  1 
ATOM   1489 N N   . SER A 1 207 ? -0.237  16.015  21.919  1.00 52.72 ? 207  SER A N   1 
ATOM   1490 C CA  . SER A 1 207 ? -0.405  17.250  21.160  1.00 54.98 ? 207  SER A CA  1 
ATOM   1491 C C   . SER A 1 207 ? 0.821   18.154  21.246  1.00 55.98 ? 207  SER A C   1 
ATOM   1492 O O   . SER A 1 207 ? 0.953   18.951  22.177  1.00 57.30 ? 207  SER A O   1 
ATOM   1493 C CB  . SER A 1 207 ? -1.640  18.006  21.658  1.00 55.99 ? 207  SER A CB  1 
ATOM   1494 O OG  . SER A 1 207 ? -1.537  18.297  23.041  1.00 56.59 ? 207  SER A OG  1 
ATOM   1495 N N   . GLY A 1 208 ? 1.715   18.031  20.270  1.00 56.21 ? 208  GLY A N   1 
ATOM   1496 C CA  . GLY A 1 208 ? 2.915   18.846  20.258  1.00 56.35 ? 208  GLY A CA  1 
ATOM   1497 C C   . GLY A 1 208 ? 4.139   18.084  19.789  1.00 56.74 ? 208  GLY A C   1 
ATOM   1498 O O   . GLY A 1 208 ? 5.264   18.578  19.893  1.00 56.89 ? 208  GLY A O   1 
ATOM   1499 N N   . SER A 1 209 ? 3.923   16.877  19.272  1.00 56.41 ? 209  SER A N   1 
ATOM   1500 C CA  . SER A 1 209 ? 5.018   16.046  18.787  1.00 55.94 ? 209  SER A CA  1 
ATOM   1501 C C   . SER A 1 209 ? 4.646   15.346  17.484  1.00 55.43 ? 209  SER A C   1 
ATOM   1502 O O   . SER A 1 209 ? 3.477   15.312  17.100  1.00 55.45 ? 209  SER A O   1 
ATOM   1503 C CB  . SER A 1 209 ? 5.392   15.002  19.840  1.00 56.31 ? 209  SER A CB  1 
ATOM   1504 O OG  . SER A 1 209 ? 4.301   14.139  20.104  1.00 57.63 ? 209  SER A OG  1 
ATOM   1505 N N   . THR A 1 210 ? 5.652   14.794  16.809  1.00 54.52 ? 210  THR A N   1 
ATOM   1506 C CA  . THR A 1 210 ? 5.448   14.090  15.545  1.00 53.14 ? 210  THR A CA  1 
ATOM   1507 C C   . THR A 1 210 ? 6.303   12.827  15.469  1.00 51.17 ? 210  THR A C   1 
ATOM   1508 O O   . THR A 1 210 ? 7.435   12.799  15.957  1.00 51.13 ? 210  THR A O   1 
ATOM   1509 C CB  . THR A 1 210 ? 5.797   14.987  14.337  1.00 54.28 ? 210  THR A CB  1 
ATOM   1510 O OG1 . THR A 1 210 ? 7.119   15.516  14.499  1.00 55.24 ? 210  THR A OG1 1 
ATOM   1511 C CG2 . THR A 1 210 ? 4.806   16.133  14.215  1.00 55.17 ? 210  THR A CG2 1 
ATOM   1512 N N   . THR A 1 211 ? 5.755   11.787  14.848  1.00 48.08 ? 211  THR A N   1 
ATOM   1513 C CA  . THR A 1 211 ? 6.452   10.514  14.708  1.00 45.17 ? 211  THR A CA  1 
ATOM   1514 C C   . THR A 1 211 ? 7.805   10.653  14.004  1.00 42.98 ? 211  THR A C   1 
ATOM   1515 O O   . THR A 1 211 ? 7.922   11.309  12.969  1.00 42.63 ? 211  THR A O   1 
ATOM   1516 C CB  . THR A 1 211 ? 5.578   9.497   13.934  1.00 45.51 ? 211  THR A CB  1 
ATOM   1517 O OG1 . THR A 1 211 ? 4.352   9.288   14.646  1.00 45.18 ? 211  THR A OG1 1 
ATOM   1518 C CG2 . THR A 1 211 ? 6.306   8.168   13.783  1.00 44.61 ? 211  THR A CG2 1 
ATOM   1519 N N   . LYS A 1 212 ? 8.822   10.021  14.584  1.00 39.71 ? 212  LYS A N   1 
ATOM   1520 C CA  . LYS A 1 212 ? 10.182  10.048  14.053  1.00 36.04 ? 212  LYS A CA  1 
ATOM   1521 C C   . LYS A 1 212 ? 10.430  8.842   13.143  1.00 32.25 ? 212  LYS A C   1 
ATOM   1522 O O   . LYS A 1 212 ? 9.617   7.921   13.091  1.00 30.42 ? 212  LYS A O   1 
ATOM   1523 C CB  . LYS A 1 212 ? 11.186  10.033  15.210  1.00 37.66 ? 212  LYS A CB  1 
ATOM   1524 C CG  . LYS A 1 212 ? 11.237  8.715   15.987  1.00 40.60 ? 212  LYS A CG  1 
ATOM   1525 C CD  . LYS A 1 212 ? 9.859   8.277   16.485  1.00 43.10 ? 212  LYS A CD  1 
ATOM   1526 C CE  . LYS A 1 212 ? 9.223   9.323   17.399  1.00 44.77 ? 212  LYS A CE  1 
ATOM   1527 N NZ  . LYS A 1 212 ? 7.823   8.972   17.782  1.00 44.54 ? 212  LYS A NZ  1 
ATOM   1528 N N   . ASN A 1 213 ? 11.556  8.851   12.432  1.00 28.11 ? 213  ASN A N   1 
ATOM   1529 C CA  . ASN A 1 213 ? 11.898  7.756   11.531  1.00 24.66 ? 213  ASN A CA  1 
ATOM   1530 C C   . ASN A 1 213 ? 12.818  6.729   12.183  1.00 24.51 ? 213  ASN A C   1 
ATOM   1531 O O   . ASN A 1 213 ? 13.738  7.090   12.926  1.00 25.39 ? 213  ASN A O   1 
ATOM   1532 C CB  . ASN A 1 213 ? 12.589  8.284   10.264  1.00 22.50 ? 213  ASN A CB  1 
ATOM   1533 C CG  . ASN A 1 213 ? 11.663  9.102   9.383   1.00 21.69 ? 213  ASN A CG  1 
ATOM   1534 O OD1 . ASN A 1 213 ? 10.532  8.698   9.101   1.00 18.61 ? 213  ASN A OD1 1 
ATOM   1535 N ND2 . ASN A 1 213 ? 12.148  10.254  8.924   1.00 17.48 ? 213  ASN A ND2 1 
ATOM   1536 N N   . ARG A 1 214 ? 12.568  5.453   11.889  1.00 22.39 ? 214  ARG A N   1 
ATOM   1537 C CA  . ARG A 1 214 ? 13.378  4.344   12.397  1.00 21.49 ? 214  ARG A CA  1 
ATOM   1538 C C   . ARG A 1 214 ? 14.548  4.080   11.436  1.00 19.21 ? 214  ARG A C   1 
ATOM   1539 O O   . ARG A 1 214 ? 15.674  3.837   11.873  1.00 16.96 ? 214  ARG A O   1 
ATOM   1540 C CB  . ARG A 1 214 ? 12.535  3.067   12.516  1.00 25.95 ? 214  ARG A CB  1 
ATOM   1541 C CG  . ARG A 1 214 ? 11.858  2.850   13.860  1.00 30.71 ? 214  ARG A CG  1 
ATOM   1542 C CD  . ARG A 1 214 ? 12.878  2.570   14.950  1.00 34.41 ? 214  ARG A CD  1 
ATOM   1543 N NE  . ARG A 1 214 ? 13.792  1.489   14.583  1.00 38.93 ? 214  ARG A NE  1 
ATOM   1544 C CZ  . ARG A 1 214 ? 14.820  1.091   15.332  1.00 40.40 ? 214  ARG A CZ  1 
ATOM   1545 N NH1 . ARG A 1 214 ? 15.602  0.100   14.920  1.00 39.99 ? 214  ARG A NH1 1 
ATOM   1546 N NH2 . ARG A 1 214 ? 15.067  1.680   16.494  1.00 41.90 ? 214  ARG A NH2 1 
ATOM   1547 N N   . PHE A 1 215 ? 14.265  4.121   10.133  1.00 15.24 ? 215  PHE A N   1 
ATOM   1548 C CA  . PHE A 1 215 ? 15.282  3.894   9.099   1.00 15.23 ? 215  PHE A CA  1 
ATOM   1549 C C   . PHE A 1 215 ? 15.095  4.889   7.950   1.00 15.43 ? 215  PHE A C   1 
ATOM   1550 O O   . PHE A 1 215 ? 14.058  5.549   7.850   1.00 15.35 ? 215  PHE A O   1 
ATOM   1551 C CB  . PHE A 1 215 ? 15.184  2.477   8.502   1.00 15.39 ? 215  PHE A CB  1 
ATOM   1552 C CG  . PHE A 1 215 ? 15.123  1.376   9.523   1.00 15.94 ? 215  PHE A CG  1 
ATOM   1553 C CD1 . PHE A 1 215 ? 13.908  0.770   9.836   1.00 18.13 ? 215  PHE A CD1 1 
ATOM   1554 C CD2 . PHE A 1 215 ? 16.278  0.927   10.152  1.00 16.52 ? 215  PHE A CD2 1 
ATOM   1555 C CE1 . PHE A 1 215 ? 13.845  -0.275  10.760  1.00 16.89 ? 215  PHE A CE1 1 
ATOM   1556 C CE2 . PHE A 1 215 ? 16.229  -0.114  11.079  1.00 17.61 ? 215  PHE A CE2 1 
ATOM   1557 C CZ  . PHE A 1 215 ? 15.008  -0.719  11.384  1.00 18.58 ? 215  PHE A CZ  1 
ATOM   1558 N N   . VAL A 1 216 ? 16.096  4.969   7.078   1.00 14.82 ? 216  VAL A N   1 
ATOM   1559 C CA  . VAL A 1 216 ? 16.062  5.856   5.916   1.00 15.61 ? 216  VAL A CA  1 
ATOM   1560 C C   . VAL A 1 216 ? 16.859  5.240   4.763   1.00 15.97 ? 216  VAL A C   1 
ATOM   1561 O O   . VAL A 1 216 ? 17.901  4.631   4.992   1.00 15.91 ? 216  VAL A O   1 
ATOM   1562 C CB  . VAL A 1 216 ? 16.676  7.251   6.237   1.00 16.27 ? 216  VAL A CB  1 
ATOM   1563 C CG1 . VAL A 1 216 ? 15.825  7.979   7.263   1.00 15.51 ? 216  VAL A CG1 1 
ATOM   1564 C CG2 . VAL A 1 216 ? 18.100  7.088   6.759   1.00 17.07 ? 216  VAL A CG2 1 
ATOM   1565 N N   . VAL A 1 217 ? 16.356  5.392   3.536   1.00 17.09 ? 217  VAL A N   1 
ATOM   1566 C CA  . VAL A 1 217 ? 17.023  4.887   2.332   1.00 15.95 ? 217  VAL A CA  1 
ATOM   1567 C C   . VAL A 1 217 ? 16.863  5.888   1.189   1.00 16.36 ? 217  VAL A C   1 
ATOM   1568 O O   . VAL A 1 217 ? 17.510  5.710   0.133   1.00 17.83 ? 217  VAL A O   1 
ATOM   1569 C CB  . VAL A 1 217 ? 16.460  3.517   1.867   1.00 18.60 ? 217  VAL A CB  1 
ATOM   1570 C CG1 . VAL A 1 217 ? 16.670  2.471   2.954   1.00 16.78 ? 217  VAL A CG1 1 
ATOM   1571 C CG2 . VAL A 1 217 ? 14.974  3.647   1.491   1.00 18.18 ? 217  VAL A CG2 1 
ATOM   1572 O OXT . VAL A 1 217 ? 16.086  6.850   1.366   1.00 15.86 ? 217  VAL A OXT 1 
HETATM 1573 N N2  . GTA B 2 .   ? -8.034  3.312   14.972  1.00 16.37 ? 1000 GTA A N2  1 
HETATM 1574 O O6  . GTA B 2 .   ? -5.159  2.059   11.337  1.00 16.40 ? 1000 GTA A O6  1 
HETATM 1575 C C6  . GTA B 2 .   ? -5.798  2.956   11.893  1.00 14.37 ? 1000 GTA A C6  1 
HETATM 1576 C C5  . GTA B 2 .   ? -5.854  4.439   11.371  1.00 15.19 ? 1000 GTA A C5  1 
HETATM 1577 N N7  . GTA B 2 .   ? -5.244  5.017   10.251  1.00 16.16 ? 1000 GTA A N7  1 
HETATM 1578 C C7  . GTA B 2 .   ? -4.362  4.472   9.199   1.00 19.93 ? 1000 GTA A C7  1 
HETATM 1579 C C8  . GTA B 2 .   ? -5.737  6.315   10.442  1.00 15.64 ? 1000 GTA A C8  1 
HETATM 1580 N N9  . GTA B 2 .   ? -6.604  6.637   11.570  1.00 16.71 ? 1000 GTA A N9  1 
HETATM 1581 C C4  . GTA B 2 .   ? -6.662  5.396   12.153  1.00 13.60 ? 1000 GTA A C4  1 
HETATM 1582 N N3  . GTA B 2 .   ? -7.362  4.919   13.359  1.00 15.00 ? 1000 GTA A N3  1 
HETATM 1583 C C2  . GTA B 2 .   ? -7.326  3.668   13.812  1.00 13.77 ? 1000 GTA A C2  1 
HETATM 1584 N N1  . GTA B 2 .   ? -6.524  2.668   13.061  1.00 13.90 ? 1000 GTA A N1  1 
HETATM 1585 O O3A . GTA B 2 .   ? -5.346  10.584  13.510  1.00 16.02 ? 1000 GTA A O3A 1 
HETATM 1586 C C1A . GTA B 2 .   ? -7.219  7.840   11.990  1.00 16.54 ? 1000 GTA A C1A 1 
HETATM 1587 C C2A . GTA B 2 .   ? -6.589  8.506   13.231  1.00 17.78 ? 1000 GTA A C2A 1 
HETATM 1588 C C3A . GTA B 2 .   ? -5.724  9.553   12.597  1.00 16.86 ? 1000 GTA A C3A 1 
HETATM 1589 C C4A . GTA B 2 .   ? -6.560  9.991   11.361  1.00 16.90 ? 1000 GTA A C4A 1 
HETATM 1590 C C5A . GTA B 2 .   ? -6.061  10.753  10.086  1.00 16.81 ? 1000 GTA A C5A 1 
HETATM 1591 O O4A . GTA B 2 .   ? -7.186  8.796   10.893  1.00 17.90 ? 1000 GTA A O4A 1 
HETATM 1592 O O2A . GTA B 2 .   ? -7.645  9.095   14.002  1.00 15.40 ? 1000 GTA A O2A 1 
HETATM 1593 P P1  . GTA B 2 .   ? -4.615  9.607   8.054   1.00 23.60 ? 1000 GTA A P1  1 
HETATM 1594 O O11 . GTA B 2 .   ? -3.478  8.556   7.907   1.00 24.37 ? 1000 GTA A O11 1 
HETATM 1595 O O12 . GTA B 2 .   ? -5.824  9.299   7.092   1.00 26.17 ? 1000 GTA A O12 1 
HETATM 1596 O O13 . GTA B 2 .   ? -3.730  10.698  7.906   1.00 26.58 ? 1000 GTA A O13 1 
HETATM 1597 O O15 . GTA B 2 .   ? -4.994  9.831   9.626   1.00 21.21 ? 1000 GTA A O15 1 
HETATM 1598 P P2  . GTA B 2 .   ? -4.245  12.220  7.372   1.00 29.58 ? 1000 GTA A P2  1 
HETATM 1599 O O22 . GTA B 2 .   ? -5.773  12.272  7.065   1.00 29.22 ? 1000 GTA A O22 1 
HETATM 1600 O O21 . GTA B 2 .   ? -3.490  12.630  6.102   1.00 29.94 ? 1000 GTA A O21 1 
HETATM 1601 O O23 . GTA B 2 .   ? -3.973  13.339  7.964   1.00 35.29 ? 1000 GTA A O23 1 
HETATM 1602 P P3  . GTA B 2 .   ? -3.159  13.644  9.247   1.00 40.97 ? 1000 GTA A P3  1 
HETATM 1603 O O32 . GTA B 2 .   ? -3.173  15.071  9.418   1.00 38.68 ? 1000 GTA A O32 1 
HETATM 1604 O O31 . GTA B 2 .   ? -1.693  13.181  9.123   1.00 38.84 ? 1000 GTA A O31 1 
HETATM 1605 O O33 . GTA B 2 .   ? -3.262  13.157  10.795  1.00 43.21 ? 1000 GTA A O33 1 
HETATM 1606 C C5B . GTA B 2 .   ? -2.616  11.936  11.652  1.00 46.02 ? 1000 GTA A C5B 1 
HETATM 1607 C C4B . GTA B 2 .   ? -1.697  12.387  12.522  1.00 48.38 ? 1000 GTA A C4B 1 
HETATM 1608 O O4B . GTA B 2 .   ? -2.163  13.376  13.539  1.00 48.70 ? 1000 GTA A O4B 1 
HETATM 1609 C C3B . GTA B 2 .   ? -0.972  11.372  13.429  1.00 49.47 ? 1000 GTA A C3B 1 
HETATM 1610 O O3B . GTA B 2 .   ? -0.067  10.461  12.713  1.00 50.30 ? 1000 GTA A O3B 1 
HETATM 1611 C C2B . GTA B 2 .   ? -0.274  12.225  14.487  1.00 50.02 ? 1000 GTA A C2B 1 
HETATM 1612 O O2B . GTA B 2 .   ? 1.072   12.674  14.043  1.00 50.31 ? 1000 GTA A O2B 1 
HETATM 1613 C C1B . GTA B 2 .   ? -1.327  13.317  14.753  1.00 49.22 ? 1000 GTA A C1B 1 
HETATM 1614 N N9C . GTA B 2 .   ? -2.348  13.052  15.908  1.00 49.13 ? 1000 GTA A N9C 1 
HETATM 1615 C C8C . GTA B 2 .   ? -3.616  12.473  16.011  1.00 49.04 ? 1000 GTA A C8C 1 
HETATM 1616 N N7C . GTA B 2 .   ? -4.032  12.507  17.265  1.00 47.37 ? 1000 GTA A N7C 1 
HETATM 1617 C C5C . GTA B 2 .   ? -3.045  13.138  18.164  1.00 48.25 ? 1000 GTA A C5C 1 
HETATM 1618 C C6C . GTA B 2 .   ? -2.885  13.453  19.481  1.00 48.44 ? 1000 GTA A C6C 1 
HETATM 1619 N N6C . GTA B 2 .   ? -3.751  13.209  20.401  1.00 48.51 ? 1000 GTA A N6C 1 
HETATM 1620 N N1C . GTA B 2 .   ? -1.611  14.112  19.790  1.00 48.71 ? 1000 GTA A N1C 1 
HETATM 1621 C C2C . GTA B 2 .   ? -0.555  14.444  18.863  1.00 48.89 ? 1000 GTA A C2C 1 
HETATM 1622 N N3C . GTA B 2 .   ? -0.717  14.121  17.523  1.00 48.74 ? 1000 GTA A N3C 1 
HETATM 1623 C C4C . GTA B 2 .   ? -1.982  13.456  17.161  1.00 49.23 ? 1000 GTA A C4C 1 
HETATM 1624 O O   . HOH C 3 .   ? 2.008   -2.793  8.997   1.00 13.55 ? 1001 HOH A O   1 
HETATM 1625 O O   . HOH C 3 .   ? -3.232  4.346   -10.675 1.00 11.43 ? 1002 HOH A O   1 
HETATM 1626 O O   . HOH C 3 .   ? 2.657   -6.780  13.752  1.00 13.74 ? 1003 HOH A O   1 
HETATM 1627 O O   . HOH C 3 .   ? -14.151 -16.042 -13.662 1.00 19.29 ? 1004 HOH A O   1 
HETATM 1628 O O   . HOH C 3 .   ? 0.682   -12.268 -4.930  1.00 11.74 ? 1005 HOH A O   1 
HETATM 1629 O O   . HOH C 3 .   ? 16.504  2.515   -3.807  1.00 17.52 ? 1006 HOH A O   1 
HETATM 1630 O O   . HOH C 3 .   ? 8.794   -5.884  8.763   1.00 12.64 ? 1007 HOH A O   1 
HETATM 1631 O O   . HOH C 3 .   ? -6.966  1.538   -7.022  1.00 16.18 ? 1008 HOH A O   1 
HETATM 1632 O O   . HOH C 3 .   ? -11.986 -8.682  -9.899  1.00 15.46 ? 1009 HOH A O   1 
HETATM 1633 O O   . HOH C 3 .   ? -0.453  4.879   5.197   1.00 14.52 ? 1010 HOH A O   1 
HETATM 1634 O O   . HOH C 3 .   ? 0.331   10.499  9.008   1.00 25.96 ? 1011 HOH A O   1 
HETATM 1635 O O   . HOH C 3 .   ? -14.506 -10.733 -3.791  1.00 26.39 ? 1012 HOH A O   1 
HETATM 1636 O O   . HOH C 3 .   ? -1.310  8.868   6.196   1.00 15.37 ? 1013 HOH A O   1 
HETATM 1637 O O   . HOH C 3 .   ? -0.639  15.564  -4.132  1.00 12.42 ? 1014 HOH A O   1 
HETATM 1638 O O   . HOH C 3 .   ? -7.902  16.623  2.130   1.00 24.96 ? 1015 HOH A O   1 
HETATM 1639 O O   . HOH C 3 .   ? -10.245 -14.561 -5.184  1.00 25.71 ? 1016 HOH A O   1 
HETATM 1640 O O   . HOH C 3 .   ? -6.074  2.035   5.723   1.00 16.92 ? 1017 HOH A O   1 
HETATM 1641 O O   . HOH C 3 .   ? 7.449   -9.254  -2.268  1.00 26.82 ? 1018 HOH A O   1 
HETATM 1642 O O   . HOH C 3 .   ? 14.771  -8.895  8.805   1.00 25.50 ? 1019 HOH A O   1 
HETATM 1643 O O   . HOH C 3 .   ? -8.428  2.550   -12.027 1.00 21.40 ? 1020 HOH A O   1 
HETATM 1644 O O   . HOH C 3 .   ? -2.658  17.398  -3.294  1.00 22.64 ? 1021 HOH A O   1 
HETATM 1645 O O   . HOH C 3 .   ? -0.327  6.309   2.820   1.00 15.30 ? 1022 HOH A O   1 
HETATM 1646 O O   . HOH C 3 .   ? 9.521   7.623   -11.993 1.00 17.66 ? 1023 HOH A O   1 
HETATM 1647 O O   . HOH C 3 .   ? 18.561  3.418   7.922   1.00 22.34 ? 1024 HOH A O   1 
HETATM 1648 O O   . HOH C 3 .   ? 2.418   -13.398 -7.798  1.00 19.86 ? 1025 HOH A O   1 
HETATM 1649 O O   . HOH C 3 .   ? -4.270  -10.612 10.324  1.00 17.78 ? 1026 HOH A O   1 
HETATM 1650 O O   . HOH C 3 .   ? -7.456  3.113   -9.374  1.00 18.93 ? 1027 HOH A O   1 
HETATM 1651 O O   . HOH C 3 .   ? -0.429  5.625   9.785   1.00 23.18 ? 1028 HOH A O   1 
HETATM 1652 O O   . HOH C 3 .   ? 0.735   -0.867  18.076  1.00 26.53 ? 1029 HOH A O   1 
HETATM 1653 O O   . HOH C 3 .   ? -1.606  10.978  -11.659 1.00 19.03 ? 1030 HOH A O   1 
HETATM 1654 O O   . HOH C 3 .   ? -8.174  3.438   4.676   1.00 21.50 ? 1031 HOH A O   1 
HETATM 1655 O O   . HOH C 3 .   ? -10.914 7.429   -13.266 1.00 17.21 ? 1032 HOH A O   1 
HETATM 1656 O O   . HOH C 3 .   ? -12.214 -8.416  -7.310  1.00 27.04 ? 1033 HOH A O   1 
HETATM 1657 O O   . HOH C 3 .   ? -7.665  7.320   6.637   1.00 24.23 ? 1034 HOH A O   1 
HETATM 1658 O O   . HOH C 3 .   ? 0.558   9.602   -12.750 1.00 21.47 ? 1035 HOH A O   1 
HETATM 1659 O O   . HOH C 3 .   ? -14.728 9.978   -4.534  1.00 20.68 ? 1036 HOH A O   1 
HETATM 1660 O O   . HOH C 3 .   ? 14.611  5.632   -7.394  1.00 19.55 ? 1037 HOH A O   1 
HETATM 1661 O O   . HOH C 3 .   ? -0.999  15.461  3.311   1.00 28.82 ? 1038 HOH A O   1 
HETATM 1662 O O   . HOH C 3 .   ? 19.411  11.930  -7.865  1.00 22.69 ? 1039 HOH A O   1 
HETATM 1663 O O   . HOH C 3 .   ? -18.381 -4.695  -3.822  1.00 31.38 ? 1040 HOH A O   1 
HETATM 1664 O O   . HOH C 3 .   ? -13.539 -4.405  -15.775 1.00 22.23 ? 1041 HOH A O   1 
HETATM 1665 O O   . HOH C 3 .   ? -16.438 3.133   2.664   1.00 26.79 ? 1042 HOH A O   1 
HETATM 1666 O O   . HOH C 3 .   ? -9.627  -14.137 -8.357  1.00 20.53 ? 1043 HOH A O   1 
HETATM 1667 O O   . HOH C 3 .   ? 4.459   -8.595  -2.071  1.00 35.55 ? 1044 HOH A O   1 
HETATM 1668 O O   . HOH C 3 .   ? 19.704  7.175   -1.586  1.00 24.75 ? 1045 HOH A O   1 
HETATM 1669 O O   . HOH C 3 .   ? 19.204  -9.886  9.766   1.00 34.53 ? 1046 HOH A O   1 
HETATM 1670 O O   . HOH C 3 .   ? 9.371   -13.980 2.534   1.00 30.34 ? 1047 HOH A O   1 
HETATM 1671 O O   . HOH C 3 .   ? -6.106  -20.303 -12.388 1.00 23.30 ? 1048 HOH A O   1 
HETATM 1672 O O   . HOH C 3 .   ? 9.167   5.125   14.106  1.00 25.76 ? 1049 HOH A O   1 
HETATM 1673 O O   . HOH C 3 .   ? -3.535  9.922   -14.702 1.00 29.87 ? 1050 HOH A O   1 
HETATM 1674 O O   . HOH C 3 .   ? 2.491   14.527  0.922   1.00 27.77 ? 1051 HOH A O   1 
HETATM 1675 O O   . HOH C 3 .   ? 18.372  3.718   -1.787  1.00 22.80 ? 1052 HOH A O   1 
HETATM 1676 O O   . HOH C 3 .   ? -19.260 3.411   5.282   1.00 42.30 ? 1053 HOH A O   1 
HETATM 1677 O O   . HOH C 3 .   ? 4.527   -0.857  15.664  1.00 21.80 ? 1054 HOH A O   1 
HETATM 1678 O O   . HOH C 3 .   ? 17.542  -8.016  10.577  1.00 28.81 ? 1055 HOH A O   1 
HETATM 1679 O O   . HOH C 3 .   ? -14.589 -13.267 -13.334 1.00 45.49 ? 1056 HOH A O   1 
HETATM 1680 O O   . HOH C 3 .   ? -9.049  -9.100  -17.084 1.00 21.14 ? 1057 HOH A O   1 
HETATM 1681 O O   . HOH C 3 .   ? 4.160   -9.720  12.975  1.00 28.07 ? 1058 HOH A O   1 
HETATM 1682 O O   . HOH C 3 .   ? 6.901   -9.999  14.782  1.00 37.15 ? 1059 HOH A O   1 
HETATM 1683 O O   . HOH C 3 .   ? -19.519 5.466   13.617  1.00 37.36 ? 1060 HOH A O   1 
HETATM 1684 O O   . HOH C 3 .   ? 4.076   -10.661 -0.339  1.00 30.79 ? 1061 HOH A O   1 
HETATM 1685 O O   . HOH C 3 .   ? -0.951  -20.787 -17.532 1.00 29.63 ? 1062 HOH A O   1 
HETATM 1686 O O   . HOH C 3 .   ? -9.133  -9.332  4.172   1.00 24.11 ? 1063 HOH A O   1 
HETATM 1687 O O   . HOH C 3 .   ? -2.987  5.896   6.297   1.00 16.72 ? 1064 HOH A O   1 
HETATM 1688 O O   . HOH C 3 .   ? -8.073  -27.308 -14.802 1.00 32.34 ? 1065 HOH A O   1 
HETATM 1689 O O   . HOH C 3 .   ? -7.280  -7.372  3.297   1.00 21.28 ? 1066 HOH A O   1 
HETATM 1690 O O   . HOH C 3 .   ? 10.173  10.206  -11.401 1.00 30.92 ? 1067 HOH A O   1 
HETATM 1691 O O   . HOH C 3 .   ? 2.716   2.712   -13.549 1.00 22.31 ? 1068 HOH A O   1 
HETATM 1692 O O   . HOH C 3 .   ? 3.091   10.807  10.327  1.00 31.12 ? 1069 HOH A O   1 
HETATM 1693 O O   . HOH C 3 .   ? 9.075   12.087  -9.744  1.00 31.63 ? 1070 HOH A O   1 
HETATM 1694 O O   . HOH C 3 .   ? -5.430  4.883   -9.051  1.00 21.54 ? 1071 HOH A O   1 
HETATM 1695 O O   . HOH C 3 .   ? 1.454   -19.748 -18.284 1.00 38.08 ? 1072 HOH A O   1 
HETATM 1696 O O   . HOH C 3 .   ? 16.886  4.466   -5.971  1.00 28.58 ? 1073 HOH A O   1 
HETATM 1697 O O   . HOH C 3 .   ? -3.203  15.316  5.120   1.00 23.90 ? 1074 HOH A O   1 
HETATM 1698 O O   . HOH C 3 .   ? -6.054  -9.221  13.770  1.00 18.34 ? 1075 HOH A O   1 
HETATM 1699 O O   . HOH C 3 .   ? -16.183 -5.259  -7.225  1.00 38.08 ? 1076 HOH A O   1 
HETATM 1700 O O   . HOH C 3 .   ? -9.892  -35.621 -23.774 1.00 43.25 ? 1077 HOH A O   1 
HETATM 1701 O O   . HOH C 3 .   ? -5.534  9.975   -16.624 1.00 29.42 ? 1078 HOH A O   1 
HETATM 1702 O O   . HOH C 3 .   ? -14.096 -2.294  -17.276 1.00 40.27 ? 1079 HOH A O   1 
HETATM 1703 O O   . HOH C 3 .   ? 12.623  -11.277 8.160   1.00 38.47 ? 1080 HOH A O   1 
HETATM 1704 O O   . HOH C 3 .   ? -8.882  9.600   7.769   1.00 28.54 ? 1081 HOH A O   1 
HETATM 1705 O O   . HOH C 3 .   ? -7.461  -10.296 -18.830 1.00 34.10 ? 1082 HOH A O   1 
HETATM 1706 O O   . HOH C 3 .   ? 7.812   15.332  -3.547  1.00 31.62 ? 1083 HOH A O   1 
HETATM 1707 O O   . HOH C 3 .   ? 9.484   9.595   3.844   1.00 19.38 ? 1084 HOH A O   1 
HETATM 1708 O O   . HOH C 3 .   ? 6.346   -1.716  17.482  1.00 23.53 ? 1085 HOH A O   1 
HETATM 1709 O O   . HOH C 3 .   ? -8.943  2.087   2.398   1.00 15.38 ? 1086 HOH A O   1 
HETATM 1710 O O   . HOH C 3 .   ? -3.500  1.302   -17.378 1.00 36.46 ? 1087 HOH A O   1 
HETATM 1711 O O   . HOH C 3 .   ? 8.019   -4.380  17.334  1.00 26.54 ? 1088 HOH A O   1 
HETATM 1712 O O   . HOH C 3 .   ? -1.685  7.877   10.074  1.00 32.23 ? 1089 HOH A O   1 
HETATM 1713 O O   . HOH C 3 .   ? -3.162  -19.976 -18.821 1.00 32.11 ? 1090 HOH A O   1 
HETATM 1714 O O   . HOH C 3 .   ? 4.934   -2.458  19.884  1.00 23.77 ? 1091 HOH A O   1 
HETATM 1715 O O   . HOH C 3 .   ? 2.535   18.046  -12.808 1.00 20.17 ? 1092 HOH A O   1 
HETATM 1716 O O   . HOH C 3 .   ? 19.399  5.407   -3.996  1.00 23.81 ? 1093 HOH A O   1 
HETATM 1717 O O   . HOH C 3 .   ? 10.313  12.898  -7.089  1.00 27.06 ? 1094 HOH A O   1 
HETATM 1718 O O   . HOH C 3 .   ? -3.193  -15.306 0.173   1.00 26.01 ? 1095 HOH A O   1 
HETATM 1719 O O   . HOH C 3 .   ? 1.261   4.345   -15.494 1.00 35.18 ? 1096 HOH A O   1 
HETATM 1720 O O   . HOH C 3 .   ? -1.341  16.605  7.484   1.00 34.02 ? 1097 HOH A O   1 
HETATM 1721 O O   . HOH C 3 .   ? 4.035   0.426   -13.736 1.00 38.95 ? 1098 HOH A O   1 
HETATM 1722 O O   . HOH C 3 .   ? -0.113  -8.141  -15.545 1.00 29.95 ? 1099 HOH A O   1 
HETATM 1723 O O   . HOH C 3 .   ? 2.667   21.062  -2.263  1.00 26.12 ? 1100 HOH A O   1 
HETATM 1724 O O   . HOH C 3 .   ? 1.030   6.780   12.005  1.00 41.80 ? 1101 HOH A O   1 
HETATM 1725 O O   . HOH C 3 .   ? 2.424   23.411  -4.125  1.00 25.22 ? 1102 HOH A O   1 
HETATM 1726 O O   . HOH C 3 .   ? -9.819  0.716   13.537  1.00 29.79 ? 1103 HOH A O   1 
HETATM 1727 O O   . HOH C 3 .   ? -12.173 -12.093 -8.077  1.00 34.40 ? 1104 HOH A O   1 
HETATM 1728 O O   . HOH C 3 .   ? 10.681  1.611   16.644  1.00 28.87 ? 1105 HOH A O   1 
HETATM 1729 O O   . HOH C 3 .   ? -5.913  -28.148 -25.067 1.00 27.19 ? 1106 HOH A O   1 
HETATM 1730 O O   . HOH C 3 .   ? -11.431 -10.454 -17.006 1.00 29.69 ? 1107 HOH A O   1 
HETATM 1731 O O   . HOH C 3 .   ? -14.962 10.958  -7.081  1.00 36.02 ? 1108 HOH A O   1 
HETATM 1732 O O   . HOH C 3 .   ? 0.953   -9.350  17.822  1.00 24.17 ? 1109 HOH A O   1 
HETATM 1733 O O   . HOH C 3 .   ? 6.773   4.833   -11.544 1.00 36.20 ? 1110 HOH A O   1 
HETATM 1734 O O   . HOH C 3 .   ? 8.643   10.603  10.033  1.00 35.99 ? 1111 HOH A O   1 
HETATM 1735 O O   . HOH C 3 .   ? -12.439 -14.540 -1.854  1.00 33.98 ? 1112 HOH A O   1 
HETATM 1736 O O   . HOH C 3 .   ? 2.253   9.061   12.211  1.00 30.01 ? 1113 HOH A O   1 
HETATM 1737 O O   . HOH C 3 .   ? -9.038  -17.937 -9.013  1.00 36.36 ? 1114 HOH A O   1 
HETATM 1738 O O   . HOH C 3 .   ? -0.094  17.892  -20.499 1.00 38.05 ? 1115 HOH A O   1 
HETATM 1739 O O   . HOH C 3 .   ? -5.379  17.698  3.477   1.00 36.15 ? 1116 HOH A O   1 
HETATM 1740 O O   . HOH C 3 .   ? 2.786   6.437   20.242  1.00 27.29 ? 1117 HOH A O   1 
HETATM 1741 O O   . HOH C 3 .   ? -9.978  11.227  5.822   1.00 36.36 ? 1118 HOH A O   1 
HETATM 1742 O O   . HOH C 3 .   ? 4.722   8.260   20.937  1.00 35.39 ? 1119 HOH A O   1 
HETATM 1743 O O   . HOH C 3 .   ? -6.216  -29.864 -18.146 1.00 29.91 ? 1120 HOH A O   1 
HETATM 1744 O O   . HOH C 3 .   ? 2.721   4.960   10.918  1.00 38.56 ? 1121 HOH A O   1 
HETATM 1745 O O   . HOH C 3 .   ? 7.036   12.932  -13.494 1.00 38.50 ? 1122 HOH A O   1 
HETATM 1746 O O   . HOH C 3 .   ? 0.089   -18.282 -0.394  1.00 38.80 ? 1123 HOH A O   1 
HETATM 1747 O O   . HOH C 3 .   ? -15.420 -10.198 -13.629 1.00 37.33 ? 1124 HOH A O   1 
HETATM 1748 O O   . HOH C 3 .   ? 10.917  -11.824 5.107   1.00 35.50 ? 1125 HOH A O   1 
HETATM 1749 O O   . HOH C 3 .   ? -9.301  -8.491  15.611  1.00 37.16 ? 1126 HOH A O   1 
HETATM 1750 O O   . HOH C 3 .   ? 10.636  11.700  1.245   1.00 19.16 ? 1127 HOH A O   1 
HETATM 1751 O O   . HOH C 3 .   ? 8.835   12.838  -2.392  1.00 21.13 ? 1128 HOH A O   1 
HETATM 1752 O O   . HOH C 3 .   ? -13.875 -6.618  -10.932 1.00 28.47 ? 1129 HOH A O   1 
HETATM 1753 O O   . HOH C 3 .   ? -18.407 -0.654  11.036  1.00 35.30 ? 1130 HOH A O   1 
HETATM 1754 O O   . HOH C 3 .   ? -4.174  -30.407 -16.199 1.00 36.98 ? 1131 HOH A O   1 
HETATM 1755 O O   . HOH C 3 .   ? 8.865   10.961  -0.538  1.00 19.92 ? 1132 HOH A O   1 
HETATM 1756 O O   . HOH C 3 .   ? 8.800   12.124  -5.126  1.00 28.68 ? 1133 HOH A O   1 
HETATM 1757 O O   . HOH C 3 .   ? -1.080  5.221   -14.571 1.00 29.19 ? 1134 HOH A O   1 
HETATM 1758 O O   . HOH C 3 .   ? -17.595 -12.136 -14.061 1.00 37.58 ? 1135 HOH A O   1 
HETATM 1759 O O   . HOH C 3 .   ? -3.553  3.284   -15.346 1.00 23.78 ? 1136 HOH A O   1 
HETATM 1760 O O   . HOH C 3 .   ? -12.529 -1.567  13.698  1.00 44.24 ? 1137 HOH A O   1 
HETATM 1761 O O   . HOH C 3 .   ? -4.660  -10.393 -18.190 1.00 41.21 ? 1138 HOH A O   1 
# 
